data_7KAD
#
_entry.id   7KAD
#
_cell.length_a   102.689
_cell.length_b   102.689
_cell.length_c   240.275
_cell.angle_alpha   90.000
_cell.angle_beta   90.000
_cell.angle_gamma   120.000
#
_symmetry.space_group_name_H-M   'P 32'
#
loop_
_entity.id
_entity.type
_entity.pdbx_description
1 polymer 'Isoform 2 of Neutral alpha-glucosidase AB'
2 polymer 'Glucosidase 2 subunit beta'
3 non-polymer (1S,2S,3R,4S,5S)-1-(hydroxymethyl)-5-[(6-{[2-nitro-4-(1H-1,2,3-triazol-1-yl)phenyl]amino}hexyl)amino]cyclohexane-1,2,3,4-tetrol
4 non-polymer 1,2-ETHANEDIOL
5 non-polymer 'TRIETHYLENE GLYCOL'
6 non-polymer DI(HYDROXYETHYL)ETHER
7 non-polymer 'SULFATE ION'
8 non-polymer 'CALCIUM ION'
9 non-polymer 'TETRAETHYLENE GLYCOL'
10 water water
#
loop_
_entity_poly.entity_id
_entity_poly.type
_entity_poly.pdbx_seq_one_letter_code
_entity_poly.pdbx_strand_id
1 'polypeptide(L)'
;MGILPSPGMPALLSLVSLLSVLLMGCVAETGVDRSNFKTCDESSFCKRQRSIRPGLSPYRALLDTLQLGPDALTVHLIHE
VTKVLLVLELQGLQKDMTRIRIDELEPRRPRYRVPDVLVADPPTARLSVSGRDDNSVELTVAEGPYKIILTAQPFRLDLL
EDRSLLLSVNARGLMAFEHQRAPRVPFSDKVSLALGSVWDKIKNLFSRQESKDPAEGNGAQPEATPGDGDKPEETQEKAE
KDEPGAWEETFKTHSDSKPYGPTSVGLDFSLPGMEHVYGIPEHADSLRLKVTEGGEPYRLYNLDVFQYELNNPMALYGSV
PVLLAHSFHRDLGIFWLNAAETWVDISSNTAGKTLFGKMLDYLQGSGETPQTDIRWMSESGIIDVFLMLGPSVFDVFRQY
ASLTGTQALPPLFSLGYHQSRWNYRDEADVLEVDQGFDDHNMPCDVIWLDIEHADGKRYFTWDPTRFPQPLNMLEHLASK
RRKLVAIVDPHIKVDSGYRVHEELRNHGLYVKTRDGSDYEGWCWPGSASYPDFTNPRMRAWWSNMFSFDNYEGSAPNLYV
WNDMNEPSVFNGPEVTMLKDAVHYGGWEHRDIHNIYGLYVHMATADGLIQRSGGIERPFVLSRAFFSGSQRFGAVWTGDN
TAEWDHLKISIPMCLSLALVGLSFCGADVGGFFKNPEPELLVRWYQMGAYQPFFRAHAHLDTGRREPWLLASQYQDAIRD
ALFQRYSLLPFWYTLFYQAHKEGFPVMRPLWVQYPEDMSTFSIEDQFMLGDALLIHPVSDAGAHGVQVYLPGQEEVWYDI
QSYQKHHGPQTLYLPVTLSSIPVFQRGGTIVPRWMRVRRSSDCMKDDPITLFVALSPQGTAQGELFLDDGHTFNYQTRHE
FLLRRFSFSGSTLVSSSADPKGHLETPIWIERVVIMGAGKPAAVVLQTKGSPESRLSFQHDPETSVLILRKPGVSVASDW
SIHLRSAWSHPQFEKLE
;
A,C
2 'polypeptide(L)'
;MGILPSPGMPALLSLVSLLSVLLMGCVAETGVEVKRPRGVSLSNHHFYEESKPFTCLDGTATIPFDQVNDDYCDCKDGSD
EPGTAACPNGSFHCTNTGYKPLYILSSRVNDGVCDCCDGTDEYNSGTVCENTCREKGRKEKESLQQLAEVTREGFRLKKI
LIEEWKTAREEKQSKLLELQAGKKSLEDQVETLRAAKEEAERPEKEAKDQHRKLWEEQQAAAKARREQERAASAFQELDD
NMDGMVSLAELQTHPELDTDGDGALSEEEAQALLSGDTQTDTTSFYDRVWAAIRDKYRSEVPPTDIPVPEETEPKEEKPP
VLPPTEEEEEEEEEPEEEEEEEEEEEEAPPPLQPPQPPSPTEDEKMPPYDEETQAIIDAAQEARSKFEEVERSLKEMEES
IRSLEQEISFDFGPSGEFAYLYSQCYELTTNEYVYRLCPFKLVSQKPKHGGSPTSLGTWGSWAGPDHDKFSAMKYEQGTG
CWQGPNRSTTVRLLCGKETVVTSTTEPSRCEYLMELMTPAACPEPPPEAPSDGDSAWSHPQFEKLETKHHHHHH
;
B,D
#
loop_
_chem_comp.id
_chem_comp.type
_chem_comp.name
_chem_comp.formula
CA non-polymer 'CALCIUM ION' 'Ca 2'
EDO non-polymer 1,2-ETHANEDIOL 'C2 H6 O2'
PEG non-polymer DI(HYDROXYETHYL)ETHER 'C4 H10 O3'
PG4 non-polymer 'TETRAETHYLENE GLYCOL' 'C8 H18 O5'
PGE non-polymer 'TRIETHYLENE GLYCOL' 'C6 H14 O4'
SO4 non-polymer 'SULFATE ION' 'O4 S -2'
W9Y non-polymer (1S,2S,3R,4S,5S)-1-(hydroxymethyl)-5-[(6-{[2-nitro-4-(1H-1,2,3-triazol-1-yl)phenyl]amino}hexyl)amino]cyclohexane-1,2,3,4-tetrol 'C21 H32 N6 O7'
#
# COMPACT_ATOMS: atom_id res chain seq x y z
N VAL A 32 -5.97 25.03 5.51
CA VAL A 32 -5.49 24.95 6.89
C VAL A 32 -6.57 25.36 7.88
N ASP A 33 -6.62 24.66 9.01
CA ASP A 33 -7.48 25.04 10.13
C ASP A 33 -6.67 25.95 11.04
N ARG A 34 -6.96 27.25 11.00
CA ARG A 34 -6.17 28.23 11.74
C ARG A 34 -6.45 28.25 13.23
N SER A 35 -7.55 27.62 13.68
CA SER A 35 -7.95 27.75 15.07
C SER A 35 -6.98 27.09 16.05
N ASN A 36 -6.29 26.03 15.64
CA ASN A 36 -5.39 25.34 16.56
C ASN A 36 -4.01 25.98 16.67
N PHE A 37 -3.74 27.06 15.94
CA PHE A 37 -2.44 27.73 15.99
C PHE A 37 -2.61 29.14 16.51
N LYS A 38 -1.79 29.52 17.49
CA LYS A 38 -1.95 30.79 18.18
C LYS A 38 -1.62 31.95 17.27
N THR A 39 -2.48 32.98 17.28
CA THR A 39 -2.07 34.28 16.83
C THR A 39 -1.26 34.96 17.93
N CYS A 40 -0.67 36.12 17.60
CA CYS A 40 0.11 36.84 18.60
C CYS A 40 -0.73 37.21 19.80
N ASP A 41 -2.02 37.51 19.59
CA ASP A 41 -2.90 37.84 20.70
C ASP A 41 -3.12 36.64 21.61
N GLU A 42 -3.19 35.44 21.04
CA GLU A 42 -3.36 34.23 21.84
C GLU A 42 -2.05 33.75 22.46
N SER A 43 -0.93 34.31 22.05
CA SER A 43 0.35 34.04 22.70
C SER A 43 0.58 35.12 23.76
N SER A 44 0.60 34.71 25.03
CA SER A 44 0.57 35.69 26.11
C SER A 44 1.81 36.57 26.11
N PHE A 45 2.98 36.01 25.82
CA PHE A 45 4.19 36.83 25.82
C PHE A 45 4.25 37.72 24.58
N CYS A 46 3.71 37.26 23.45
CA CYS A 46 3.61 38.13 22.28
C CYS A 46 2.66 39.28 22.55
N LYS A 47 1.55 39.02 23.25
CA LYS A 47 0.56 40.06 23.54
C LYS A 47 1.15 41.14 24.44
N ARG A 48 1.87 40.73 25.49
CA ARG A 48 2.51 41.70 26.37
C ARG A 48 3.54 42.54 25.62
N GLN A 49 4.47 41.88 24.91
CA GLN A 49 5.51 42.60 24.19
C GLN A 49 4.92 43.54 23.15
N ARG A 50 4.06 43.01 22.28
CA ARG A 50 3.52 43.82 21.19
C ARG A 50 2.63 44.96 21.70
N SER A 51 2.18 44.90 22.95
CA SER A 51 1.43 46.02 23.52
C SER A 51 2.33 47.18 23.89
N ILE A 52 3.62 46.93 24.12
CA ILE A 52 4.59 48.01 24.27
C ILE A 52 4.78 48.67 22.92
N ARG A 53 4.53 49.96 22.85
CA ARG A 53 4.53 50.72 21.61
C ARG A 53 5.69 51.73 21.58
N PRO A 54 6.08 52.21 20.40
CA PRO A 54 7.26 53.09 20.32
C PRO A 54 7.14 54.31 21.22
N GLY A 55 8.13 54.48 22.08
CA GLY A 55 8.13 55.59 23.01
C GLY A 55 9.44 55.70 23.75
N LEU A 56 9.39 56.42 24.88
CA LEU A 56 10.60 56.67 25.67
C LEU A 56 10.95 55.43 26.49
N SER A 57 12.13 54.86 26.22
CA SER A 57 12.52 53.63 26.89
C SER A 57 12.83 53.90 28.36
N PRO A 58 12.37 53.04 29.27
CA PRO A 58 12.74 53.17 30.68
C PRO A 58 14.10 52.60 31.04
N TYR A 59 14.81 52.00 30.09
CA TYR A 59 16.13 51.46 30.35
C TYR A 59 17.18 52.54 30.14
N ARG A 60 18.24 52.49 30.97
CA ARG A 60 19.31 53.46 30.86
C ARG A 60 20.60 52.81 31.36
N ALA A 61 21.71 53.22 30.76
CA ALA A 61 23.01 52.62 31.04
C ALA A 61 23.70 53.35 32.18
N LEU A 62 24.20 52.59 33.14
CA LEU A 62 24.91 53.14 34.31
C LEU A 62 26.39 53.24 33.96
N LEU A 63 26.78 54.39 33.40
CA LEU A 63 28.13 54.57 32.88
C LEU A 63 29.21 54.43 33.94
N ASP A 64 28.88 54.56 35.22
CA ASP A 64 29.86 54.29 36.27
C ASP A 64 30.26 52.81 36.32
N THR A 65 29.36 51.93 35.91
CA THR A 65 29.61 50.50 35.90
C THR A 65 30.39 50.06 34.66
N LEU A 66 30.68 50.99 33.75
CA LEU A 66 31.31 50.65 32.49
C LEU A 66 32.66 49.97 32.72
N GLN A 67 32.88 48.87 31.99
CA GLN A 67 34.14 48.15 32.03
C GLN A 67 34.53 47.74 30.62
N LEU A 68 35.82 47.78 30.32
CA LEU A 68 36.36 47.39 29.02
C LEU A 68 37.19 46.16 29.30
N GLY A 69 36.59 44.99 29.02
CA GLY A 69 37.26 43.73 29.23
C GLY A 69 38.18 43.37 28.08
N PRO A 70 38.82 42.21 28.20
CA PRO A 70 39.73 41.78 27.13
C PRO A 70 39.02 41.53 25.81
N ASP A 71 37.84 40.93 25.86
CA ASP A 71 37.08 40.57 24.67
C ASP A 71 35.84 41.42 24.44
N ALA A 72 35.37 42.15 25.45
CA ALA A 72 34.07 42.78 25.36
C ALA A 72 34.02 44.02 26.23
N LEU A 73 32.95 44.79 26.04
CA LEU A 73 32.59 45.90 26.92
C LEU A 73 31.34 45.49 27.70
N THR A 74 31.39 45.66 29.01
CA THR A 74 30.26 45.36 29.88
C THR A 74 29.82 46.62 30.61
N VAL A 75 28.51 46.82 30.68
CA VAL A 75 27.92 47.96 31.37
C VAL A 75 26.57 47.52 31.91
N HIS A 76 26.21 48.04 33.08
CA HIS A 76 24.95 47.67 33.69
C HIS A 76 23.82 48.51 33.10
N LEU A 77 22.67 47.87 32.92
CA LEU A 77 21.45 48.55 32.52
C LEU A 77 20.43 48.43 33.63
N ILE A 78 19.57 49.44 33.76
CA ILE A 78 18.58 49.45 34.83
C ILE A 78 17.24 49.90 34.25
N HIS A 79 16.18 49.22 34.67
CA HIS A 79 14.84 49.69 34.40
C HIS A 79 14.50 50.79 35.39
N GLU A 80 14.08 51.94 34.86
CA GLU A 80 13.93 53.12 35.71
C GLU A 80 12.79 52.97 36.72
N VAL A 81 11.78 52.15 36.40
CA VAL A 81 10.65 51.98 37.30
C VAL A 81 10.83 50.78 38.21
N THR A 82 11.14 49.61 37.63
CA THR A 82 11.25 48.39 38.40
C THR A 82 12.60 48.21 39.09
N LYS A 83 13.60 49.03 38.74
CA LYS A 83 14.95 48.94 39.30
C LYS A 83 15.61 47.60 39.05
N VAL A 84 15.19 46.88 38.00
CA VAL A 84 15.84 45.63 37.62
C VAL A 84 17.16 45.95 36.94
N LEU A 85 18.21 45.23 37.31
CA LEU A 85 19.55 45.47 36.78
C LEU A 85 19.91 44.39 35.76
N LEU A 86 20.25 44.83 34.54
CA LEU A 86 20.71 43.95 33.48
C LEU A 86 22.18 44.25 33.17
N VAL A 87 22.81 43.34 32.42
CA VAL A 87 24.19 43.49 31.99
C VAL A 87 24.25 43.39 30.48
N LEU A 88 24.79 44.43 29.85
CA LEU A 88 25.01 44.44 28.41
C LEU A 88 26.45 44.03 28.13
N GLU A 89 26.63 43.04 27.26
CA GLU A 89 27.94 42.61 26.80
C GLU A 89 28.05 42.98 25.33
N LEU A 90 28.83 43.99 25.04
CA LEU A 90 28.97 44.53 23.69
C LEU A 90 30.35 44.16 23.15
N GLN A 91 30.38 43.61 21.94
CA GLN A 91 31.62 43.11 21.35
C GLN A 91 31.71 43.54 19.89
N GLY A 92 32.82 44.16 19.54
CA GLY A 92 33.21 44.24 18.14
C GLY A 92 33.90 42.94 17.76
N LEU A 93 33.62 42.47 16.55
CA LEU A 93 34.14 41.19 16.11
C LEU A 93 34.93 41.36 14.82
N GLN A 94 35.88 40.45 14.62
CA GLN A 94 36.58 40.38 13.34
C GLN A 94 35.57 40.16 12.22
N LYS A 95 35.88 40.72 11.05
CA LYS A 95 35.04 40.66 9.85
C LYS A 95 33.83 41.59 9.96
N ASP A 96 34.03 42.78 10.52
CA ASP A 96 33.02 43.85 10.52
C ASP A 96 31.68 43.38 11.12
N MET A 97 31.75 42.78 12.30
CA MET A 97 30.55 42.34 13.00
C MET A 97 30.55 42.86 14.42
N THR A 98 29.35 43.13 14.92
CA THR A 98 29.13 43.49 16.32
C THR A 98 28.15 42.50 16.93
N ARG A 99 28.39 42.12 18.18
CA ARG A 99 27.52 41.21 18.92
C ARG A 99 27.02 41.89 20.18
N ILE A 100 25.71 41.85 20.38
CA ILE A 100 25.06 42.45 21.54
C ILE A 100 24.43 41.34 22.36
N ARG A 101 24.78 41.25 23.63
CA ARG A 101 24.19 40.29 24.55
C ARG A 101 23.74 41.00 25.82
N ILE A 102 22.53 40.67 26.28
CA ILE A 102 21.94 41.28 27.47
C ILE A 102 21.36 40.17 28.34
N ASP A 103 21.81 40.08 29.58
CA ASP A 103 21.31 39.11 30.54
C ASP A 103 21.06 39.82 31.88
N GLU A 104 20.34 39.14 32.76
CA GLU A 104 20.13 39.67 34.11
C GLU A 104 21.43 39.72 34.89
N LEU A 105 21.57 40.75 35.73
CA LEU A 105 22.78 40.89 36.54
C LEU A 105 22.92 39.75 37.53
N GLU A 106 21.90 39.53 38.35
CA GLU A 106 21.86 38.43 39.31
C GLU A 106 20.53 37.71 39.19
N PRO A 107 20.40 36.79 38.23
CA PRO A 107 19.16 36.05 38.09
C PRO A 107 19.05 34.92 39.12
N ARG A 108 17.80 34.60 39.47
CA ARG A 108 17.56 33.46 40.35
C ARG A 108 18.03 32.16 39.71
N ARG A 109 17.79 32.01 38.41
CA ARG A 109 18.20 30.84 37.65
C ARG A 109 18.80 31.30 36.32
N PRO A 110 19.73 30.55 35.76
CA PRO A 110 20.35 30.94 34.48
C PRO A 110 19.36 30.90 33.33
N ARG A 111 19.52 31.85 32.41
CA ARG A 111 18.73 31.86 31.19
C ARG A 111 19.46 31.10 30.08
N TYR A 112 18.69 30.67 29.09
CA TYR A 112 19.23 29.80 28.05
C TYR A 112 20.11 30.58 27.09
N ARG A 113 21.21 29.95 26.68
CA ARG A 113 22.11 30.47 25.66
C ARG A 113 22.30 29.38 24.63
N VAL A 114 21.98 29.68 23.37
CA VAL A 114 21.90 28.68 22.31
C VAL A 114 23.24 28.02 22.05
N PRO A 115 23.38 26.71 22.27
CA PRO A 115 24.62 26.01 21.98
C PRO A 115 24.60 25.36 20.60
N ASP A 116 25.77 24.87 20.20
CA ASP A 116 25.95 24.00 19.04
C ASP A 116 25.60 24.65 17.69
N VAL A 117 25.12 25.88 17.69
CA VAL A 117 24.81 26.57 16.44
C VAL A 117 26.02 27.30 15.90
N LEU A 118 26.70 28.07 16.75
CA LEU A 118 27.95 28.71 16.34
C LEU A 118 29.03 27.64 16.14
N VAL A 119 29.73 27.72 15.01
CA VAL A 119 30.77 26.74 14.73
C VAL A 119 32.03 27.01 15.54
N ALA A 120 32.18 28.21 16.09
CA ALA A 120 33.36 28.54 16.89
C ALA A 120 33.05 29.79 17.71
N ASP A 121 33.93 30.06 18.66
CA ASP A 121 33.88 31.33 19.39
C ASP A 121 34.33 32.43 18.44
N PRO A 122 33.49 33.40 18.12
CA PRO A 122 33.86 34.41 17.11
C PRO A 122 35.07 35.21 17.57
N PRO A 123 36.10 35.31 16.74
CA PRO A 123 37.25 36.15 17.10
C PRO A 123 36.82 37.60 17.29
N THR A 124 37.32 38.23 18.34
CA THR A 124 36.91 39.57 18.72
C THR A 124 37.87 40.61 18.17
N ALA A 125 37.38 41.84 18.12
CA ALA A 125 38.19 43.01 17.84
C ALA A 125 38.16 43.93 19.06
N ARG A 126 39.25 44.68 19.25
CA ARG A 126 39.36 45.51 20.44
C ARG A 126 38.46 46.73 20.34
N LEU A 127 37.82 47.08 21.45
CA LEU A 127 37.04 48.30 21.57
C LEU A 127 37.83 49.36 22.33
N SER A 128 37.73 50.60 21.88
CA SER A 128 38.38 51.74 22.52
C SER A 128 37.37 52.85 22.72
N VAL A 129 37.52 53.58 23.82
CA VAL A 129 36.70 54.77 24.04
C VAL A 129 37.34 55.92 23.27
N SER A 130 36.61 56.46 22.29
CA SER A 130 37.10 57.54 21.46
C SER A 130 36.30 58.83 21.62
N GLY A 131 35.35 58.86 22.54
CA GLY A 131 34.55 60.04 22.80
C GLY A 131 33.59 59.78 23.95
N ARG A 132 33.32 60.80 24.75
N ARG A 132 33.35 60.78 24.79
CA ARG A 132 32.53 60.61 25.96
CA ARG A 132 32.44 60.57 25.90
C ARG A 132 31.97 61.95 26.41
C ARG A 132 31.96 61.92 26.41
N ASP A 133 30.74 61.94 26.91
CA ASP A 133 30.15 63.11 27.54
C ASP A 133 29.35 62.61 28.74
N ASP A 134 28.37 63.40 29.17
CA ASP A 134 27.61 63.01 30.37
C ASP A 134 26.58 61.93 30.06
N ASN A 135 26.12 61.83 28.82
CA ASN A 135 25.06 60.89 28.46
C ASN A 135 25.46 59.99 27.30
N SER A 136 26.75 59.90 26.97
CA SER A 136 27.15 59.18 25.77
C SER A 136 28.59 58.72 25.89
N VAL A 137 28.87 57.56 25.30
CA VAL A 137 30.23 57.04 25.15
C VAL A 137 30.38 56.51 23.74
N GLU A 138 31.37 57.02 23.01
CA GLU A 138 31.67 56.56 21.66
C GLU A 138 32.78 55.52 21.71
N LEU A 139 32.59 54.43 20.96
CA LEU A 139 33.55 53.34 20.94
C LEU A 139 34.04 53.12 19.52
N THR A 140 35.31 52.76 19.39
CA THR A 140 35.92 52.46 18.10
C THR A 140 36.30 50.99 18.06
N VAL A 141 35.90 50.30 16.99
CA VAL A 141 36.26 48.91 16.79
C VAL A 141 37.65 48.87 16.15
N ALA A 142 38.62 48.31 16.87
CA ALA A 142 40.01 48.27 16.44
C ALA A 142 40.52 49.68 16.12
N GLU A 143 40.82 49.95 14.86
CA GLU A 143 41.29 51.27 14.46
C GLU A 143 40.38 51.93 13.43
N GLY A 144 39.11 51.53 13.40
CA GLY A 144 38.15 52.11 12.50
C GLY A 144 37.94 51.26 11.26
N PRO A 145 36.99 51.65 10.40
CA PRO A 145 36.18 52.87 10.54
C PRO A 145 34.88 52.71 11.32
N TYR A 146 34.65 51.54 11.92
CA TYR A 146 33.37 51.26 12.58
C TYR A 146 33.38 51.78 14.01
N LYS A 147 32.32 52.50 14.37
CA LYS A 147 32.17 53.08 15.69
C LYS A 147 30.78 52.78 16.25
N ILE A 148 30.72 52.60 17.57
CA ILE A 148 29.48 52.32 18.28
C ILE A 148 29.29 53.39 19.34
N ILE A 149 28.15 54.07 19.30
CA ILE A 149 27.82 55.13 20.26
C ILE A 149 26.81 54.57 21.25
N LEU A 150 27.24 54.41 22.51
CA LEU A 150 26.36 53.99 23.59
C LEU A 150 25.78 55.22 24.27
N THR A 151 24.47 55.42 24.11
CA THR A 151 23.76 56.47 24.83
C THR A 151 23.28 55.93 26.18
N ALA A 152 23.39 56.77 27.21
CA ALA A 152 23.03 56.33 28.56
C ALA A 152 21.54 56.50 28.82
N GLN A 153 21.01 57.71 28.65
CA GLN A 153 19.60 58.00 28.92
C GLN A 153 18.95 58.65 27.71
N PRO A 154 17.98 57.98 27.06
CA PRO A 154 17.64 56.58 27.29
C PRO A 154 18.66 55.63 26.66
N PHE A 155 18.68 54.37 27.08
CA PHE A 155 19.62 53.40 26.54
C PHE A 155 19.43 53.25 25.04
N ARG A 156 20.54 53.31 24.30
CA ARG A 156 20.51 53.27 22.84
C ARG A 156 21.89 52.90 22.33
N LEU A 157 21.93 52.26 21.17
CA LEU A 157 23.16 51.93 20.49
C LEU A 157 23.06 52.35 19.03
N ASP A 158 24.10 53.01 18.53
CA ASP A 158 24.20 53.41 17.14
C ASP A 158 25.50 52.86 16.55
N LEU A 159 25.42 52.40 15.31
CA LEU A 159 26.56 51.80 14.63
C LEU A 159 26.87 52.62 13.37
N LEU A 160 28.12 53.05 13.26
CA LEU A 160 28.52 53.93 12.19
C LEU A 160 29.77 53.41 11.50
N GLU A 161 29.86 53.66 10.20
CA GLU A 161 31.12 53.60 9.46
C GLU A 161 31.55 55.04 9.21
N ASP A 162 32.67 55.43 9.82
CA ASP A 162 33.08 56.83 9.84
C ASP A 162 31.99 57.72 10.44
N ARG A 163 31.26 58.45 9.59
CA ARG A 163 30.16 59.29 10.03
C ARG A 163 28.84 58.90 9.38
N SER A 164 28.76 57.76 8.72
CA SER A 164 27.51 57.25 8.18
C SER A 164 26.82 56.34 9.19
N LEU A 165 25.60 56.71 9.58
CA LEU A 165 24.83 55.89 10.51
C LEU A 165 24.34 54.64 9.79
N LEU A 166 24.77 53.48 10.27
CA LEU A 166 24.36 52.21 9.68
C LEU A 166 23.09 51.65 10.32
N LEU A 167 23.04 51.64 11.65
CA LEU A 167 21.97 50.94 12.34
C LEU A 167 21.86 51.48 13.76
N SER A 168 20.63 51.48 14.29
CA SER A 168 20.38 51.87 15.67
C SER A 168 19.64 50.76 16.39
N VAL A 169 19.91 50.64 17.69
CA VAL A 169 19.29 49.64 18.55
C VAL A 169 18.50 50.35 19.63
N ASN A 170 17.23 50.00 19.76
CA ASN A 170 16.30 50.56 20.75
C ASN A 170 15.96 52.01 20.46
N ALA A 171 16.06 52.45 19.20
CA ALA A 171 15.72 53.82 18.87
C ALA A 171 14.24 54.10 19.08
N ARG A 172 13.38 53.11 18.87
CA ARG A 172 11.96 53.25 19.13
C ARG A 172 11.59 52.84 20.56
N GLY A 173 12.58 52.53 21.40
CA GLY A 173 12.33 52.24 22.79
C GLY A 173 11.53 50.99 23.07
N LEU A 174 11.63 49.98 22.21
CA LEU A 174 10.81 48.78 22.31
C LEU A 174 11.49 47.66 23.09
N MET A 175 12.64 47.92 23.71
CA MET A 175 13.34 46.89 24.47
C MET A 175 12.50 46.46 25.68
N ALA A 176 12.32 45.15 25.84
CA ALA A 176 11.59 44.59 26.96
C ALA A 176 12.30 43.33 27.44
N PHE A 177 12.54 43.24 28.74
CA PHE A 177 13.29 42.12 29.34
C PHE A 177 12.59 41.72 30.63
N GLU A 178 11.69 40.75 30.54
CA GLU A 178 10.96 40.27 31.72
C GLU A 178 11.88 39.44 32.57
N HIS A 179 12.23 39.94 33.76
CA HIS A 179 13.12 39.22 34.66
C HIS A 179 12.40 38.04 35.32
N GLN A 180 13.19 37.08 35.77
CA GLN A 180 12.68 35.89 36.44
C GLN A 180 12.21 36.23 37.85
N ARG A 181 10.92 35.97 38.11
CA ARG A 181 10.29 36.26 39.39
C ARG A 181 10.30 35.01 40.29
N ALA A 182 9.63 35.12 41.44
CA ALA A 182 9.54 34.03 42.39
C ALA A 182 8.67 32.90 41.85
N PRO A 183 9.20 31.68 41.67
CA PRO A 183 8.50 30.55 41.05
C PRO A 183 7.34 30.03 41.89
N GLY A 245 -2.70 34.78 31.53
CA GLY A 245 -1.83 33.85 30.83
C GLY A 245 -0.36 34.12 31.05
N ALA A 246 -0.06 35.02 32.01
CA ALA A 246 1.34 35.34 32.29
C ALA A 246 2.05 34.18 32.99
N TRP A 247 1.31 33.39 33.77
CA TRP A 247 1.86 32.19 34.37
C TRP A 247 1.15 30.97 33.79
N GLU A 248 0.40 30.23 34.60
CA GLU A 248 -0.38 29.11 34.08
C GLU A 248 -1.27 29.58 32.93
N GLU A 249 -1.19 28.88 31.81
CA GLU A 249 -1.83 29.33 30.58
C GLU A 249 -2.34 28.12 29.80
N THR A 250 -3.56 28.24 29.29
CA THR A 250 -4.19 27.17 28.51
C THR A 250 -4.48 27.65 27.10
N PHE A 251 -4.29 26.76 26.13
CA PHE A 251 -4.67 26.98 24.74
C PHE A 251 -5.43 25.75 24.28
N LYS A 252 -6.66 25.97 23.79
CA LYS A 252 -7.58 24.87 23.51
C LYS A 252 -7.77 24.02 24.75
N THR A 253 -7.25 22.80 24.73
CA THR A 253 -7.35 21.88 25.87
C THR A 253 -6.00 21.61 26.53
N HIS A 254 -4.95 22.31 26.12
CA HIS A 254 -3.60 22.05 26.59
C HIS A 254 -3.17 23.10 27.60
N SER A 255 -2.52 22.67 28.68
CA SER A 255 -2.17 23.55 29.78
C SER A 255 -0.65 23.67 29.91
N ASP A 256 -0.17 24.92 29.91
CA ASP A 256 1.23 25.22 30.16
C ASP A 256 1.38 25.62 31.61
N SER A 257 2.05 24.77 32.40
CA SER A 257 2.21 25.06 33.82
C SER A 257 3.09 26.28 34.05
N LYS A 258 3.93 26.65 33.09
CA LYS A 258 4.76 27.86 33.09
C LYS A 258 5.38 28.11 34.47
N PRO A 259 6.22 27.19 34.96
CA PRO A 259 6.71 27.32 36.35
C PRO A 259 7.60 28.52 36.59
N TYR A 260 8.17 29.12 35.55
CA TYR A 260 9.08 30.25 35.71
C TYR A 260 8.44 31.59 35.40
N GLY A 261 7.17 31.61 35.01
CA GLY A 261 6.46 32.85 34.77
C GLY A 261 6.92 33.57 33.51
N PRO A 262 6.60 34.85 33.41
CA PRO A 262 7.00 35.62 32.22
C PRO A 262 8.51 35.85 32.19
N THR A 263 9.13 35.47 31.08
CA THR A 263 10.57 35.64 30.91
C THR A 263 10.93 36.14 29.51
N SER A 264 9.99 36.78 28.81
CA SER A 264 10.23 37.11 27.41
C SER A 264 11.19 38.28 27.29
N VAL A 265 11.89 38.31 26.16
CA VAL A 265 12.85 39.37 25.85
C VAL A 265 12.58 39.89 24.45
N GLY A 266 12.82 41.18 24.25
CA GLY A 266 12.54 41.81 22.97
C GLY A 266 13.44 43.01 22.76
N LEU A 267 13.61 43.37 21.49
CA LEU A 267 14.51 44.44 21.12
C LEU A 267 14.23 44.86 19.68
N ASP A 268 14.41 46.15 19.40
CA ASP A 268 14.11 46.73 18.10
C ASP A 268 15.37 47.31 17.45
N PHE A 269 15.36 47.37 16.12
CA PHE A 269 16.50 47.80 15.34
C PHE A 269 16.01 48.71 14.22
N SER A 270 16.76 49.77 13.96
CA SER A 270 16.41 50.76 12.95
C SER A 270 17.44 50.73 11.83
N LEU A 271 16.95 50.62 10.59
CA LEU A 271 17.79 50.47 9.41
C LEU A 271 17.58 51.67 8.50
N PRO A 272 18.30 52.76 8.71
CA PRO A 272 18.09 53.96 7.88
C PRO A 272 18.55 53.72 6.44
N GLY A 273 17.70 54.12 5.49
CA GLY A 273 17.97 53.95 4.09
C GLY A 273 17.49 52.65 3.48
N MET A 274 17.06 51.70 4.30
CA MET A 274 16.64 50.39 3.85
C MET A 274 15.12 50.35 3.67
N GLU A 275 14.68 49.90 2.50
CA GLU A 275 13.26 49.72 2.21
C GLU A 275 12.88 48.29 1.87
N HIS A 276 13.85 47.38 1.81
CA HIS A 276 13.60 45.98 1.46
C HIS A 276 14.30 45.08 2.46
N VAL A 277 13.55 44.16 3.05
CA VAL A 277 14.10 43.18 3.97
C VAL A 277 13.72 41.79 3.49
N TYR A 278 14.57 40.82 3.79
CA TYR A 278 14.42 39.45 3.32
C TYR A 278 14.84 38.49 4.43
N GLY A 279 14.40 37.24 4.31
CA GLY A 279 14.85 36.21 5.22
C GLY A 279 13.81 35.66 6.18
N ILE A 280 14.23 35.47 7.43
CA ILE A 280 13.51 34.78 8.49
C ILE A 280 12.57 33.70 7.97
N PRO A 281 13.09 32.69 7.26
CA PRO A 281 12.25 31.55 6.90
C PRO A 281 11.92 30.74 8.14
N GLU A 282 10.86 29.93 8.05
CA GLU A 282 10.14 29.60 6.83
C GLU A 282 8.71 30.12 6.83
N HIS A 283 8.31 30.75 5.72
CA HIS A 283 6.96 31.24 5.56
C HIS A 283 6.54 31.09 4.10
N ALA A 284 5.28 30.71 3.89
CA ALA A 284 4.71 30.65 2.55
C ALA A 284 4.31 32.05 2.13
N ASP A 285 5.34 32.87 1.88
CA ASP A 285 5.15 34.30 1.64
C ASP A 285 6.19 34.75 0.64
N SER A 286 6.02 35.99 0.16
CA SER A 286 6.86 36.52 -0.89
C SER A 286 8.30 36.72 -0.40
N LEU A 287 9.22 36.80 -1.36
CA LEU A 287 10.63 36.95 -1.05
C LEU A 287 10.88 38.23 -0.23
N ARG A 288 10.46 39.37 -0.77
CA ARG A 288 10.51 40.62 -0.02
C ARG A 288 9.49 40.59 1.11
N LEU A 289 9.96 40.71 2.35
CA LEU A 289 9.08 40.61 3.51
C LEU A 289 8.14 41.81 3.58
N LYS A 290 6.90 41.54 4.00
CA LYS A 290 5.87 42.57 4.10
C LYS A 290 5.89 43.23 5.48
N VAL A 291 5.37 44.46 5.52
CA VAL A 291 5.19 45.17 6.78
C VAL A 291 4.13 44.47 7.62
N THR A 292 4.35 44.42 8.94
CA THR A 292 3.47 43.70 9.85
C THR A 292 2.60 44.63 10.68
N GLU A 293 2.53 45.92 10.36
CA GLU A 293 1.90 46.88 11.26
C GLU A 293 0.40 46.60 11.42
N GLY A 294 -0.30 46.39 10.32
CA GLY A 294 -1.74 46.18 10.39
C GLY A 294 -2.19 44.74 10.45
N GLY A 295 -1.31 43.83 10.84
CA GLY A 295 -1.63 42.42 10.86
C GLY A 295 -0.76 41.66 11.84
N GLU A 296 -0.55 40.38 11.54
CA GLU A 296 0.26 39.53 12.40
C GLU A 296 1.75 39.78 12.20
N PRO A 297 2.55 39.58 13.23
CA PRO A 297 4.01 39.51 13.03
C PRO A 297 4.38 38.20 12.35
N TYR A 298 5.56 38.19 11.73
CA TYR A 298 6.11 36.94 11.25
C TYR A 298 6.48 36.07 12.44
N ARG A 299 6.11 34.80 12.39
CA ARG A 299 6.30 33.88 13.52
C ARG A 299 7.40 32.88 13.20
N LEU A 300 8.25 32.62 14.19
CA LEU A 300 9.33 31.64 14.07
C LEU A 300 9.16 30.60 15.16
N TYR A 301 8.52 29.48 14.80
CA TYR A 301 8.27 28.39 15.74
C TYR A 301 7.99 27.16 14.91
N ASN A 302 8.93 26.20 14.91
CA ASN A 302 8.83 25.03 14.04
C ASN A 302 7.52 24.30 14.28
N LEU A 303 6.61 24.35 13.31
CA LEU A 303 5.28 23.79 13.45
C LEU A 303 4.89 23.01 12.21
N ASP A 304 4.08 21.97 12.41
CA ASP A 304 3.55 21.12 11.35
C ASP A 304 2.14 21.62 11.04
N VAL A 305 2.03 22.36 9.94
CA VAL A 305 0.75 22.99 9.53
C VAL A 305 0.18 22.25 8.33
N PHE A 306 -0.88 21.50 8.58
CA PHE A 306 -1.58 20.64 7.60
C PHE A 306 -2.27 21.49 6.53
N GLN A 307 -1.95 21.22 5.27
CA GLN A 307 -2.48 21.93 4.09
C GLN A 307 -2.25 23.42 4.22
N TYR A 308 -1.01 23.83 4.45
CA TYR A 308 -0.68 25.27 4.64
C TYR A 308 -1.08 26.11 3.44
N GLU A 309 -1.45 27.35 3.71
CA GLU A 309 -1.89 28.23 2.64
C GLU A 309 -0.82 29.27 2.33
N LEU A 310 -1.02 29.96 1.22
CA LEU A 310 -0.02 30.87 0.68
C LEU A 310 -0.30 32.30 1.11
N ASN A 311 0.77 33.11 1.12
CA ASN A 311 0.68 34.54 1.40
C ASN A 311 0.08 34.80 2.79
N ASN A 312 0.76 34.28 3.81
CA ASN A 312 0.40 34.56 5.19
C ASN A 312 1.61 34.30 6.06
N PRO A 313 1.68 34.92 7.25
CA PRO A 313 2.92 34.84 8.04
C PRO A 313 2.94 33.73 9.08
N MET A 314 2.10 32.71 8.93
CA MET A 314 2.08 31.62 9.91
C MET A 314 3.42 30.88 9.88
N ALA A 315 3.87 30.46 11.07
CA ALA A 315 5.13 29.73 11.16
C ALA A 315 4.97 28.34 10.53
N LEU A 316 5.96 27.95 9.75
CA LEU A 316 5.99 26.64 9.11
C LEU A 316 7.06 25.77 9.79
N TYR A 317 7.64 24.83 9.05
CA TYR A 317 8.38 23.74 9.69
C TYR A 317 9.73 24.18 10.24
N GLY A 318 10.34 25.23 9.68
CA GLY A 318 11.67 25.63 10.08
C GLY A 318 11.74 27.11 10.41
N SER A 319 12.78 27.47 11.17
CA SER A 319 12.96 28.84 11.65
C SER A 319 14.44 29.19 11.60
N VAL A 320 14.79 30.16 10.76
CA VAL A 320 16.14 30.71 10.72
C VAL A 320 16.05 32.19 11.04
N PRO A 321 16.43 32.59 12.25
CA PRO A 321 16.26 34.00 12.69
C PRO A 321 17.33 34.92 12.12
N VAL A 322 17.33 35.07 10.79
CA VAL A 322 18.28 35.91 10.09
C VAL A 322 17.52 36.79 9.11
N LEU A 323 17.72 38.10 9.21
CA LEU A 323 17.07 39.06 8.33
C LEU A 323 18.12 39.86 7.58
N LEU A 324 17.91 40.04 6.28
CA LEU A 324 18.82 40.77 5.41
C LEU A 324 18.15 42.04 4.90
N ALA A 325 18.91 43.13 4.86
CA ALA A 325 18.43 44.42 4.40
C ALA A 325 19.29 44.87 3.24
N HIS A 326 18.64 45.19 2.12
CA HIS A 326 19.33 45.60 0.91
C HIS A 326 18.85 46.95 0.43
N SER A 327 19.80 47.81 0.07
CA SER A 327 19.49 49.06 -0.62
C SER A 327 20.51 49.25 -1.74
N PHE A 328 20.28 50.28 -2.55
CA PHE A 328 21.24 50.67 -3.57
C PHE A 328 22.64 50.86 -3.01
N HIS A 329 22.75 51.30 -1.75
CA HIS A 329 24.02 51.73 -1.18
C HIS A 329 24.69 50.69 -0.29
N ARG A 330 23.94 49.83 0.39
CA ARG A 330 24.59 48.94 1.35
C ARG A 330 23.71 47.71 1.58
N ASP A 331 24.33 46.72 2.23
CA ASP A 331 23.67 45.49 2.67
C ASP A 331 23.98 45.27 4.14
N LEU A 332 22.96 44.81 4.88
CA LEU A 332 23.12 44.55 6.31
C LEU A 332 22.39 43.26 6.65
N GLY A 333 22.80 42.65 7.75
CA GLY A 333 22.14 41.46 8.24
C GLY A 333 22.03 41.42 9.75
N ILE A 334 20.92 40.89 10.25
CA ILE A 334 20.68 40.74 11.68
C ILE A 334 20.48 39.26 11.98
N PHE A 335 21.21 38.76 12.98
CA PHE A 335 21.17 37.35 13.38
C PHE A 335 20.76 37.31 14.86
N TRP A 336 19.50 36.95 15.10
CA TRP A 336 18.92 36.93 16.44
C TRP A 336 19.05 35.51 16.99
N LEU A 337 20.13 35.27 17.74
CA LEU A 337 20.47 33.93 18.21
C LEU A 337 19.59 33.57 19.40
N ASN A 338 18.37 33.15 19.10
CA ASN A 338 17.42 32.71 20.10
C ASN A 338 16.73 31.45 19.60
N ALA A 339 16.59 30.46 20.49
CA ALA A 339 16.01 29.17 20.13
C ALA A 339 14.55 29.03 20.56
N ALA A 340 13.97 30.03 21.21
CA ALA A 340 12.60 29.96 21.67
C ALA A 340 11.66 30.57 20.62
N GLU A 341 10.35 30.46 20.90
CA GLU A 341 9.35 31.04 20.03
C GLU A 341 9.61 32.52 19.83
N THR A 342 9.67 32.95 18.58
CA THR A 342 10.06 34.32 18.24
C THR A 342 9.08 34.92 17.25
N TRP A 343 8.60 36.13 17.53
CA TRP A 343 7.78 36.91 16.63
C TRP A 343 8.58 38.10 16.14
N VAL A 344 8.40 38.47 14.87
CA VAL A 344 9.17 39.53 14.24
C VAL A 344 8.21 40.54 13.62
N ASP A 345 8.34 41.80 14.01
CA ASP A 345 7.55 42.89 13.46
C ASP A 345 8.40 43.73 12.52
N ILE A 346 7.79 44.18 11.42
CA ILE A 346 8.46 44.97 10.40
C ILE A 346 7.61 46.19 10.09
N SER A 347 8.20 47.37 10.18
CA SER A 347 7.49 48.62 9.91
C SER A 347 8.38 49.55 9.09
N SER A 348 7.77 50.22 8.12
CA SER A 348 8.48 51.16 7.26
C SER A 348 8.11 52.60 7.64
N ASN A 349 9.02 53.51 7.31
CA ASN A 349 8.81 54.94 7.58
C ASN A 349 9.11 55.76 6.33
N THR A 369 15.70 59.46 4.07
CA THR A 369 14.49 59.36 4.90
C THR A 369 13.85 57.95 4.99
N PRO A 370 13.77 57.20 3.88
CA PRO A 370 13.17 55.86 3.98
C PRO A 370 13.92 54.98 4.97
N GLN A 371 13.17 54.24 5.77
CA GLN A 371 13.77 53.45 6.84
C GLN A 371 12.85 52.29 7.19
N THR A 372 13.45 51.16 7.52
CA THR A 372 12.73 49.98 7.97
C THR A 372 13.14 49.64 9.40
N ASP A 373 12.15 49.37 10.25
CA ASP A 373 12.39 48.99 11.64
C ASP A 373 12.02 47.53 11.85
N ILE A 374 12.85 46.83 12.61
CA ILE A 374 12.68 45.41 12.89
C ILE A 374 12.66 45.22 14.40
N ARG A 375 11.74 44.38 14.88
CA ARG A 375 11.60 44.12 16.30
C ARG A 375 11.46 42.62 16.53
N TRP A 376 12.35 42.06 17.33
CA TRP A 376 12.34 40.64 17.67
C TRP A 376 11.75 40.45 19.06
N MET A 377 10.88 39.45 19.21
CA MET A 377 10.21 39.16 20.47
C MET A 377 10.27 37.65 20.71
N SER A 378 11.01 37.24 21.75
CA SER A 378 11.24 35.84 22.06
C SER A 378 10.75 35.51 23.47
N GLU A 379 10.44 34.22 23.68
CA GLU A 379 9.77 33.80 24.91
C GLU A 379 10.73 33.65 26.09
N SER A 380 11.95 33.18 25.84
CA SER A 380 12.90 33.02 26.94
C SER A 380 14.32 33.16 26.39
N GLY A 381 15.30 32.71 27.16
CA GLY A 381 16.70 32.89 26.79
C GLY A 381 17.15 34.32 27.00
N ILE A 382 18.37 34.59 26.52
CA ILE A 382 18.96 35.90 26.61
C ILE A 382 18.73 36.65 25.31
N ILE A 383 19.05 37.94 25.31
CA ILE A 383 19.16 38.68 24.06
C ILE A 383 20.55 38.43 23.49
N ASP A 384 20.61 37.92 22.27
CA ASP A 384 21.89 37.56 21.65
C ASP A 384 21.74 37.80 20.15
N VAL A 385 22.26 38.93 19.67
CA VAL A 385 22.05 39.36 18.30
C VAL A 385 23.40 39.71 17.68
N PHE A 386 23.55 39.38 16.40
CA PHE A 386 24.75 39.68 15.63
C PHE A 386 24.39 40.69 14.56
N LEU A 387 25.17 41.77 14.49
CA LEU A 387 24.98 42.79 13.47
C LEU A 387 26.08 42.61 12.42
N MET A 388 25.68 42.26 11.20
CA MET A 388 26.58 41.93 10.11
C MET A 388 26.56 43.09 9.12
N LEU A 389 27.67 43.82 9.04
CA LEU A 389 27.68 45.19 8.53
C LEU A 389 27.99 45.29 7.04
N GLY A 390 28.21 44.18 6.35
CA GLY A 390 28.48 44.22 4.93
C GLY A 390 29.84 44.79 4.59
N PRO A 391 29.91 45.75 3.66
CA PRO A 391 28.80 46.48 3.02
C PRO A 391 28.06 45.77 1.89
N SER A 392 28.69 44.81 1.22
CA SER A 392 28.00 44.09 0.16
C SER A 392 27.31 42.85 0.72
N VAL A 393 26.32 42.35 -0.03
CA VAL A 393 25.59 41.17 0.42
C VAL A 393 26.52 39.97 0.52
N PHE A 394 27.58 39.92 -0.31
CA PHE A 394 28.53 38.82 -0.20
C PHE A 394 29.39 38.96 1.06
N ASP A 395 29.63 40.19 1.51
CA ASP A 395 30.24 40.35 2.83
C ASP A 395 29.35 39.80 3.93
N VAL A 396 28.04 39.99 3.79
CA VAL A 396 27.10 39.46 4.78
C VAL A 396 27.13 37.93 4.77
N PHE A 397 27.17 37.33 3.58
CA PHE A 397 27.32 35.88 3.47
C PHE A 397 28.56 35.39 4.22
N ARG A 398 29.71 36.00 3.94
CA ARG A 398 30.93 35.61 4.64
C ARG A 398 30.80 35.82 6.15
N GLN A 399 30.21 36.94 6.56
CA GLN A 399 30.06 37.21 7.99
C GLN A 399 29.19 36.14 8.66
N TYR A 400 28.05 35.83 8.06
CA TYR A 400 27.17 34.82 8.66
C TYR A 400 27.81 33.43 8.61
N ALA A 401 28.47 33.10 7.50
CA ALA A 401 29.08 31.78 7.37
C ALA A 401 30.16 31.55 8.43
N SER A 402 30.91 32.59 8.78
CA SER A 402 31.92 32.45 9.81
C SER A 402 31.31 32.16 11.17
N LEU A 403 30.03 32.47 11.36
CA LEU A 403 29.35 32.21 12.63
C LEU A 403 28.71 30.83 12.68
N THR A 404 27.91 30.48 11.67
CA THR A 404 27.14 29.25 11.71
C THR A 404 27.62 28.21 10.70
N GLY A 405 28.68 28.49 9.95
CA GLY A 405 29.22 27.51 9.02
C GLY A 405 28.66 27.65 7.63
N THR A 406 29.08 26.74 6.77
CA THR A 406 28.70 26.76 5.36
C THR A 406 27.92 25.50 5.00
N GLN A 407 27.34 25.52 3.81
CA GLN A 407 26.61 24.38 3.29
C GLN A 407 27.51 23.16 3.20
N ALA A 408 27.03 22.03 3.75
CA ALA A 408 27.74 20.77 3.60
C ALA A 408 27.80 20.38 2.14
N LEU A 409 28.98 19.95 1.70
CA LEU A 409 29.16 19.56 0.31
C LEU A 409 28.38 18.29 0.03
N PRO A 410 27.31 18.34 -0.77
CA PRO A 410 26.50 17.15 -1.00
C PRO A 410 27.27 16.13 -1.82
N PRO A 411 27.09 14.85 -1.52
CA PRO A 411 27.55 13.82 -2.48
C PRO A 411 26.85 14.02 -3.81
N LEU A 412 27.60 13.81 -4.89
CA LEU A 412 27.10 14.16 -6.23
C LEU A 412 25.73 13.55 -6.49
N PHE A 413 25.50 12.30 -6.06
CA PHE A 413 24.25 11.63 -6.39
C PHE A 413 23.05 12.41 -5.86
N SER A 414 23.18 13.04 -4.69
CA SER A 414 22.06 13.75 -4.09
C SER A 414 21.67 15.00 -4.85
N LEU A 415 22.48 15.45 -5.81
CA LEU A 415 22.13 16.55 -6.70
C LEU A 415 21.45 16.06 -7.97
N GLY A 416 21.21 14.76 -8.10
CA GLY A 416 20.45 14.23 -9.21
C GLY A 416 18.96 14.30 -8.93
N TYR A 417 18.21 13.46 -9.64
CA TYR A 417 16.77 13.42 -9.51
C TYR A 417 16.37 12.33 -8.52
N HIS A 418 15.52 12.70 -7.56
CA HIS A 418 14.97 11.78 -6.58
C HIS A 418 13.54 11.43 -6.96
N GLN A 419 13.22 10.14 -6.95
CA GLN A 419 11.87 9.67 -7.22
C GLN A 419 11.28 9.13 -5.93
N SER A 420 10.20 9.76 -5.46
CA SER A 420 9.63 9.41 -4.17
C SER A 420 8.10 9.47 -4.25
N ARG A 421 7.47 8.81 -3.29
CA ARG A 421 6.06 8.98 -2.99
C ARG A 421 5.75 8.25 -1.71
N TRP A 422 4.62 8.59 -1.13
CA TRP A 422 4.01 7.86 -0.03
C TRP A 422 2.89 7.03 -0.65
N ASN A 423 3.11 5.73 -0.88
CA ASN A 423 4.33 4.99 -0.55
C ASN A 423 4.55 3.98 -1.67
N TYR A 424 5.75 3.45 -1.81
CA TYR A 424 5.98 2.30 -2.69
C TYR A 424 5.73 1.01 -1.92
N ARG A 425 4.99 0.08 -2.54
CA ARG A 425 4.37 -1.00 -1.79
C ARG A 425 5.40 -1.96 -1.21
N ASP A 426 6.38 -2.37 -2.01
CA ASP A 426 7.29 -3.45 -1.60
C ASP A 426 8.55 -3.39 -2.46
N GLU A 427 9.43 -4.36 -2.23
CA GLU A 427 10.67 -4.44 -3.00
C GLU A 427 10.38 -4.57 -4.49
N ALA A 428 9.37 -5.36 -4.86
CA ALA A 428 9.04 -5.53 -6.27
C ALA A 428 8.64 -4.21 -6.90
N ASP A 429 7.87 -3.39 -6.18
CA ASP A 429 7.46 -2.08 -6.70
C ASP A 429 8.68 -1.19 -6.89
N VAL A 430 9.56 -1.15 -5.89
CA VAL A 430 10.79 -0.35 -6.00
C VAL A 430 11.59 -0.76 -7.23
N LEU A 431 11.74 -2.08 -7.45
CA LEU A 431 12.49 -2.55 -8.61
C LEU A 431 11.76 -2.27 -9.91
N GLU A 432 10.42 -2.27 -9.89
CA GLU A 432 9.68 -1.89 -11.09
C GLU A 432 9.90 -0.43 -11.43
N VAL A 433 9.84 0.45 -10.42
CA VAL A 433 10.14 1.85 -10.62
C VAL A 433 11.54 2.02 -11.19
N ASP A 434 12.52 1.31 -10.62
CA ASP A 434 13.88 1.35 -11.13
C ASP A 434 13.93 0.98 -12.60
N GLN A 435 13.29 -0.14 -12.97
CA GLN A 435 13.31 -0.59 -14.35
C GLN A 435 12.53 0.37 -15.25
N GLY A 436 11.49 1.00 -14.72
CA GLY A 436 10.70 1.92 -15.53
C GLY A 436 11.51 3.11 -16.02
N PHE A 437 12.42 3.62 -15.18
CA PHE A 437 13.28 4.72 -15.59
C PHE A 437 14.18 4.31 -16.75
N ASP A 438 14.81 3.14 -16.66
CA ASP A 438 15.67 2.67 -17.73
C ASP A 438 14.86 2.32 -18.98
N ASP A 439 13.71 1.68 -18.81
CA ASP A 439 12.90 1.29 -19.97
C ASP A 439 12.31 2.49 -20.69
N HIS A 440 12.22 3.65 -20.04
CA HIS A 440 11.70 4.85 -20.67
C HIS A 440 12.76 5.92 -20.83
N ASN A 441 14.03 5.55 -20.67
CA ASN A 441 15.17 6.42 -20.93
C ASN A 441 15.05 7.74 -20.19
N MET A 442 14.95 7.63 -18.86
CA MET A 442 14.92 8.79 -17.98
C MET A 442 15.92 8.59 -16.85
N PRO A 443 16.80 9.54 -16.60
CA PRO A 443 17.76 9.39 -15.50
C PRO A 443 17.09 9.53 -14.13
N CYS A 444 17.68 8.84 -13.14
CA CYS A 444 17.23 8.91 -11.76
C CYS A 444 18.30 8.33 -10.84
N ASP A 445 18.60 9.02 -9.75
CA ASP A 445 19.67 8.60 -8.84
C ASP A 445 19.17 7.90 -7.59
N VAL A 446 18.05 8.33 -7.02
CA VAL A 446 17.58 7.83 -5.73
C VAL A 446 16.10 7.51 -5.81
N ILE A 447 15.71 6.38 -5.20
CA ILE A 447 14.32 6.02 -4.98
C ILE A 447 14.09 6.03 -3.47
N TRP A 448 12.95 6.58 -3.04
CA TRP A 448 12.71 6.86 -1.63
C TRP A 448 11.64 5.93 -1.06
N LEU A 449 11.82 5.59 0.22
CA LEU A 449 10.93 4.70 0.95
C LEU A 449 10.33 5.47 2.12
N ASP A 450 9.04 5.78 2.04
CA ASP A 450 8.34 6.51 3.09
C ASP A 450 7.98 5.55 4.22
N ILE A 451 7.16 6.03 5.17
CA ILE A 451 6.98 5.34 6.45
C ILE A 451 6.36 3.96 6.33
N GLU A 452 5.71 3.64 5.21
CA GLU A 452 5.08 2.32 5.12
C GLU A 452 6.11 1.21 4.87
N HIS A 453 7.38 1.54 4.68
CA HIS A 453 8.39 0.51 4.48
C HIS A 453 8.80 -0.16 5.79
N ALA A 454 8.55 0.48 6.92
CA ALA A 454 8.93 -0.05 8.22
C ALA A 454 7.82 -0.93 8.79
N ASP A 455 8.09 -1.53 9.95
CA ASP A 455 7.13 -2.38 10.64
C ASP A 455 6.24 -1.50 11.51
N GLY A 456 5.06 -1.16 11.00
CA GLY A 456 4.11 -0.39 11.78
C GLY A 456 4.64 0.92 12.31
N LYS A 457 5.46 1.60 11.51
CA LYS A 457 6.06 2.89 11.86
C LYS A 457 7.01 2.77 13.05
N ARG A 458 7.61 1.59 13.22
CA ARG A 458 8.75 1.41 14.11
C ARG A 458 10.01 1.64 13.27
N TYR A 459 10.65 2.78 13.47
CA TYR A 459 11.76 3.14 12.60
C TYR A 459 12.98 2.27 12.89
N PHE A 460 13.87 2.20 11.90
CA PHE A 460 14.99 1.28 11.82
C PHE A 460 14.55 -0.16 11.62
N THR A 461 13.30 -0.40 11.23
CA THR A 461 12.79 -1.74 10.95
C THR A 461 12.24 -1.80 9.53
N TRP A 462 11.96 -3.03 9.10
CA TRP A 462 11.41 -3.30 7.78
C TRP A 462 10.17 -4.15 7.91
N ASP A 463 9.14 -3.84 7.14
CA ASP A 463 7.93 -4.65 7.13
C ASP A 463 8.28 -6.08 6.72
N PRO A 464 7.96 -7.09 7.54
CA PRO A 464 8.44 -8.45 7.26
C PRO A 464 7.84 -9.10 6.02
N THR A 465 6.73 -8.57 5.51
CA THR A 465 6.08 -9.11 4.31
C THR A 465 6.51 -8.37 3.05
N ARG A 466 6.46 -7.03 3.07
CA ARG A 466 6.70 -6.24 1.87
C ARG A 466 8.16 -5.88 1.67
N PHE A 467 8.98 -5.92 2.72
CA PHE A 467 10.42 -5.70 2.59
C PHE A 467 11.20 -6.74 3.39
N PRO A 468 11.08 -8.02 3.01
CA PRO A 468 11.75 -9.08 3.78
C PRO A 468 13.25 -9.20 3.54
N GLN A 469 13.77 -8.71 2.42
CA GLN A 469 15.18 -8.83 2.08
C GLN A 469 15.71 -7.47 1.63
N PRO A 470 15.88 -6.52 2.56
CA PRO A 470 16.36 -5.18 2.15
C PRO A 470 17.75 -5.18 1.53
N LEU A 471 18.67 -6.01 2.04
CA LEU A 471 20.01 -6.04 1.46
C LEU A 471 19.98 -6.40 -0.01
N ASN A 472 19.15 -7.37 -0.39
CA ASN A 472 19.06 -7.75 -1.80
C ASN A 472 18.43 -6.65 -2.64
N MET A 473 17.45 -5.95 -2.07
CA MET A 473 16.89 -4.79 -2.77
C MET A 473 17.97 -3.73 -2.97
N LEU A 474 18.73 -3.43 -1.91
CA LEU A 474 19.81 -2.45 -2.02
C LEU A 474 20.90 -2.92 -2.96
N GLU A 475 21.15 -4.24 -3.03
CA GLU A 475 22.14 -4.75 -3.96
C GLU A 475 21.69 -4.59 -5.41
N HIS A 476 20.39 -4.78 -5.67
CA HIS A 476 19.89 -4.57 -7.03
CA HIS A 476 19.87 -4.58 -7.02
C HIS A 476 20.02 -3.12 -7.44
N LEU A 477 19.73 -2.19 -6.54
CA LEU A 477 19.90 -0.78 -6.87
C LEU A 477 21.36 -0.43 -7.08
N ALA A 478 22.24 -0.99 -6.25
CA ALA A 478 23.67 -0.78 -6.42
C ALA A 478 24.15 -1.27 -7.78
N SER A 479 23.60 -2.39 -8.26
CA SER A 479 23.98 -2.89 -9.58
C SER A 479 23.48 -1.98 -10.70
N LYS A 480 22.43 -1.20 -10.45
CA LYS A 480 22.03 -0.12 -11.34
C LYS A 480 22.74 1.19 -11.01
N ARG A 481 23.65 1.17 -10.02
CA ARG A 481 24.38 2.36 -9.59
C ARG A 481 23.42 3.46 -9.17
N ARG A 482 22.46 3.08 -8.33
CA ARG A 482 21.47 4.01 -7.79
C ARG A 482 21.43 3.84 -6.27
N LYS A 483 20.86 4.84 -5.60
CA LYS A 483 20.78 4.86 -4.15
C LYS A 483 19.33 4.75 -3.70
N LEU A 484 19.15 4.62 -2.39
CA LEU A 484 17.85 4.55 -1.76
C LEU A 484 17.87 5.42 -0.51
N VAL A 485 16.74 6.05 -0.23
CA VAL A 485 16.55 6.84 0.99
C VAL A 485 15.41 6.22 1.79
N ALA A 486 15.67 5.97 3.07
CA ALA A 486 14.65 5.48 3.99
C ALA A 486 14.37 6.54 5.06
N ILE A 487 13.09 6.71 5.37
CA ILE A 487 12.68 7.72 6.35
C ILE A 487 12.89 7.18 7.76
N VAL A 488 13.38 8.04 8.64
CA VAL A 488 13.57 7.72 10.06
C VAL A 488 13.13 8.95 10.84
N ASP A 489 11.98 8.85 11.50
CA ASP A 489 11.44 9.97 12.24
C ASP A 489 11.88 9.91 13.69
N PRO A 490 11.89 11.05 14.39
CA PRO A 490 12.37 11.09 15.78
C PRO A 490 11.35 10.73 16.84
N HIS A 491 10.18 10.20 16.50
CA HIS A 491 9.24 9.73 17.49
C HIS A 491 9.32 8.21 17.54
N ILE A 492 9.36 7.65 18.74
CA ILE A 492 9.62 6.24 18.96
C ILE A 492 8.36 5.61 19.56
N LYS A 493 7.83 4.60 18.88
CA LYS A 493 6.61 3.94 19.34
C LYS A 493 6.80 3.34 20.73
N VAL A 494 5.87 3.64 21.62
CA VAL A 494 5.85 3.04 22.95
C VAL A 494 5.45 1.58 22.81
N ASP A 495 6.42 0.68 22.92
CA ASP A 495 6.22 -0.73 22.57
C ASP A 495 7.31 -1.53 23.24
N SER A 496 6.94 -2.35 24.23
CA SER A 496 7.94 -3.11 24.98
C SER A 496 8.67 -4.13 24.11
N GLY A 497 8.13 -4.45 22.94
CA GLY A 497 8.83 -5.29 21.98
C GLY A 497 9.71 -4.55 21.00
N TYR A 498 9.73 -3.23 21.06
CA TYR A 498 10.51 -2.39 20.16
C TYR A 498 11.85 -2.10 20.83
N ARG A 499 12.93 -2.68 20.29
CA ARG A 499 14.24 -2.59 20.95
C ARG A 499 14.69 -1.15 21.13
N VAL A 500 14.45 -0.31 20.11
CA VAL A 500 14.84 1.10 20.19
C VAL A 500 14.16 1.75 21.39
N HIS A 501 12.86 1.48 21.57
CA HIS A 501 12.14 2.05 22.70
C HIS A 501 12.68 1.55 24.03
N GLU A 502 13.02 0.26 24.10
CA GLU A 502 13.49 -0.31 25.37
C GLU A 502 14.83 0.30 25.77
N GLU A 503 15.73 0.51 24.81
CA GLU A 503 17.03 1.06 25.13
C GLU A 503 16.92 2.52 25.61
N LEU A 504 16.16 3.33 24.88
CA LEU A 504 15.99 4.72 25.28
C LEU A 504 15.28 4.82 26.62
N ARG A 505 14.29 3.95 26.85
CA ARG A 505 13.61 3.92 28.15
C ARG A 505 14.58 3.51 29.25
N ASN A 506 15.37 2.46 29.02
CA ASN A 506 16.24 1.95 30.07
C ASN A 506 17.38 2.90 30.38
N HIS A 507 17.80 3.72 29.41
CA HIS A 507 18.90 4.66 29.61
C HIS A 507 18.44 6.08 29.89
N GLY A 508 17.14 6.29 30.09
CA GLY A 508 16.65 7.62 30.45
C GLY A 508 16.95 8.71 29.45
N LEU A 509 16.88 8.39 28.16
CA LEU A 509 17.21 9.33 27.10
C LEU A 509 15.99 9.99 26.46
N TYR A 510 14.81 9.84 27.08
CA TYR A 510 13.59 10.43 26.56
C TYR A 510 13.37 11.83 27.16
N VAL A 511 12.68 12.67 26.39
CA VAL A 511 12.15 13.91 26.94
C VAL A 511 11.17 13.56 28.05
N LYS A 512 11.19 14.35 29.12
CA LYS A 512 10.45 14.03 30.33
C LYS A 512 9.45 15.13 30.66
N THR A 513 8.46 14.77 31.46
CA THR A 513 7.52 15.73 32.02
C THR A 513 8.03 16.18 33.39
N ARG A 514 7.33 17.15 33.98
CA ARG A 514 7.79 17.70 35.25
C ARG A 514 7.76 16.69 36.38
N ASP A 515 6.93 15.64 36.29
CA ASP A 515 6.89 14.65 37.35
C ASP A 515 7.97 13.59 37.21
N GLY A 516 8.80 13.67 36.17
CA GLY A 516 9.91 12.75 36.00
C GLY A 516 9.64 11.58 35.09
N SER A 517 8.43 11.42 34.58
CA SER A 517 8.14 10.33 33.67
C SER A 517 8.43 10.73 32.24
N ASP A 518 8.61 9.73 31.38
CA ASP A 518 8.90 10.00 29.98
C ASP A 518 7.67 10.57 29.27
N TYR A 519 7.88 11.65 28.53
CA TYR A 519 6.78 12.26 27.78
C TYR A 519 6.24 11.28 26.75
N GLU A 520 4.91 11.23 26.64
CA GLU A 520 4.24 10.38 25.65
C GLU A 520 3.27 11.23 24.86
N GLY A 521 3.44 11.26 23.55
CA GLY A 521 2.50 11.91 22.66
C GLY A 521 1.93 10.95 21.64
N TRP A 522 1.24 11.47 20.63
CA TRP A 522 0.65 10.65 19.58
C TRP A 522 1.23 11.06 18.23
N CYS A 523 1.64 10.07 17.44
CA CYS A 523 2.12 10.32 16.08
C CYS A 523 1.79 9.11 15.22
N TRP A 524 2.54 8.93 14.13
CA TRP A 524 2.25 7.85 13.18
C TRP A 524 2.07 6.47 13.80
N PRO A 525 2.93 6.01 14.73
CA PRO A 525 2.71 4.68 15.30
C PRO A 525 1.73 4.66 16.46
N GLY A 526 0.97 5.72 16.66
CA GLY A 526 0.14 5.84 17.85
C GLY A 526 0.90 6.50 18.98
N SER A 527 0.77 5.94 20.19
CA SER A 527 1.51 6.46 21.33
CA SER A 527 1.51 6.47 21.33
C SER A 527 3.01 6.38 21.08
N ALA A 528 3.71 7.49 21.29
CA ALA A 528 5.13 7.54 21.01
C ALA A 528 5.82 8.45 22.02
N SER A 529 7.09 8.15 22.28
CA SER A 529 7.94 9.01 23.08
C SER A 529 8.99 9.67 22.20
N TYR A 530 9.63 10.70 22.73
CA TYR A 530 10.50 11.56 21.95
C TYR A 530 11.88 11.62 22.57
N PRO A 531 12.91 11.10 21.89
CA PRO A 531 14.27 11.19 22.44
C PRO A 531 14.71 12.63 22.61
N ASP A 532 15.44 12.89 23.68
CA ASP A 532 15.94 14.22 23.98
C ASP A 532 17.21 14.45 23.17
N PHE A 533 17.03 14.97 21.96
CA PHE A 533 18.16 15.21 21.06
C PHE A 533 19.04 16.36 21.51
N THR A 534 18.59 17.19 22.48
CA THR A 534 19.50 18.16 23.06
C THR A 534 20.54 17.50 23.94
N ASN A 535 20.33 16.24 24.32
CA ASN A 535 21.29 15.52 25.15
C ASN A 535 22.37 14.92 24.25
N PRO A 536 23.64 15.30 24.42
CA PRO A 536 24.70 14.73 23.58
C PRO A 536 24.84 13.23 23.71
N ARG A 537 24.51 12.67 24.88
CA ARG A 537 24.55 11.21 25.02
C ARG A 537 23.49 10.56 24.15
N MET A 538 22.33 11.22 24.01
CA MET A 538 21.29 10.69 23.14
CA MET A 538 21.29 10.69 23.14
C MET A 538 21.69 10.80 21.67
N ARG A 539 22.28 11.93 21.28
CA ARG A 539 22.74 12.07 19.89
C ARG A 539 23.81 11.05 19.56
N ALA A 540 24.69 10.75 20.52
CA ALA A 540 25.70 9.72 20.29
C ALA A 540 25.03 8.36 20.14
N TRP A 541 24.01 8.09 20.94
CA TRP A 541 23.24 6.84 20.78
C TRP A 541 22.59 6.77 19.40
N TRP A 542 21.93 7.85 19.00
CA TRP A 542 21.28 7.91 17.69
C TRP A 542 22.29 7.69 16.57
N SER A 543 23.41 8.39 16.63
CA SER A 543 24.43 8.26 15.59
C SER A 543 24.94 6.84 15.48
N ASN A 544 25.18 6.19 16.63
CA ASN A 544 25.66 4.82 16.61
C ASN A 544 24.61 3.84 16.11
N MET A 545 23.32 4.18 16.21
CA MET A 545 22.26 3.30 15.73
C MET A 545 22.31 3.10 14.22
N PHE A 546 22.96 4.00 13.49
CA PHE A 546 23.05 3.88 12.04
C PHE A 546 24.23 3.03 11.59
N SER A 547 24.92 2.37 12.51
CA SER A 547 25.94 1.42 12.09
C SER A 547 25.29 0.22 11.40
N PHE A 548 26.03 -0.41 10.49
CA PHE A 548 25.48 -1.51 9.72
C PHE A 548 25.12 -2.71 10.59
N ASP A 549 25.71 -2.82 11.78
CA ASP A 549 25.32 -3.89 12.69
C ASP A 549 24.03 -3.56 13.44
N ASN A 550 23.78 -2.28 13.73
CA ASN A 550 22.60 -1.89 14.48
C ASN A 550 21.39 -1.67 13.58
N TYR A 551 21.57 -0.96 12.46
CA TYR A 551 20.50 -0.73 11.49
C TYR A 551 20.54 -1.88 10.50
N GLU A 552 20.03 -3.03 10.93
CA GLU A 552 20.04 -4.23 10.10
C GLU A 552 19.26 -4.00 8.81
N GLY A 553 19.83 -4.47 7.70
CA GLY A 553 19.26 -4.26 6.39
C GLY A 553 19.73 -3.01 5.69
N SER A 554 20.52 -2.16 6.36
CA SER A 554 21.06 -0.97 5.73
C SER A 554 22.38 -1.30 5.04
N ALA A 555 22.74 -0.46 4.07
CA ALA A 555 23.91 -0.68 3.25
C ALA A 555 24.47 0.69 2.87
N PRO A 556 25.71 0.73 2.35
CA PRO A 556 26.31 2.03 2.03
C PRO A 556 25.51 2.89 1.07
N ASN A 557 24.64 2.31 0.24
CA ASN A 557 23.82 3.10 -0.67
C ASN A 557 22.43 3.39 -0.11
N LEU A 558 22.24 3.25 1.20
CA LEU A 558 21.01 3.64 1.86
CA LEU A 558 21.01 3.64 1.86
C LEU A 558 21.24 4.94 2.63
N TYR A 559 20.41 5.93 2.38
CA TYR A 559 20.49 7.22 3.04
C TYR A 559 19.17 7.50 3.76
N VAL A 560 19.12 8.63 4.47
CA VAL A 560 18.11 8.83 5.50
C VAL A 560 17.35 10.13 5.27
N TRP A 561 16.06 10.10 5.60
CA TRP A 561 15.16 11.25 5.56
C TRP A 561 14.61 11.46 6.97
N ASN A 562 14.84 12.64 7.53
CA ASN A 562 14.31 13.00 8.83
C ASN A 562 13.08 13.89 8.65
N ASP A 563 11.92 13.40 9.07
CA ASP A 563 10.67 14.13 8.97
C ASP A 563 10.05 14.25 10.36
N MET A 564 9.07 15.15 10.47
CA MET A 564 8.28 15.34 11.69
C MET A 564 9.12 15.76 12.88
N ASN A 565 10.32 16.33 12.64
CA ASN A 565 11.24 16.63 13.72
C ASN A 565 11.07 18.04 14.26
N GLU A 566 9.89 18.63 14.13
CA GLU A 566 9.62 19.94 14.72
C GLU A 566 9.74 19.96 16.25
N PRO A 567 9.30 18.94 17.02
CA PRO A 567 8.66 17.66 16.69
C PRO A 567 7.15 17.78 16.50
N SER A 568 6.61 16.96 15.59
CA SER A 568 5.17 16.89 15.41
C SER A 568 4.57 15.96 16.46
N VAL A 569 3.54 16.44 17.16
CA VAL A 569 2.84 15.67 18.18
C VAL A 569 1.35 15.89 17.94
N PHE A 570 0.66 14.86 17.47
CA PHE A 570 -0.71 15.03 16.97
C PHE A 570 -1.65 15.53 18.06
N ASN A 571 -1.47 15.06 19.30
CA ASN A 571 -2.30 15.47 20.42
C ASN A 571 -1.65 16.58 21.25
N GLY A 572 -0.63 17.24 20.72
CA GLY A 572 0.04 18.30 21.42
C GLY A 572 -0.50 19.67 21.06
N PRO A 573 -0.14 20.68 21.85
CA PRO A 573 -0.57 22.05 21.55
C PRO A 573 0.08 22.56 20.27
N GLU A 574 -0.76 23.04 19.35
CA GLU A 574 -0.32 23.46 18.01
C GLU A 574 0.42 22.33 17.30
N VAL A 575 0.03 21.09 17.60
CA VAL A 575 0.57 19.86 17.01
C VAL A 575 2.06 19.72 17.31
N THR A 576 2.50 20.18 18.49
CA THR A 576 3.90 20.02 18.86
C THR A 576 4.00 19.76 20.36
N MET A 577 5.23 19.73 20.86
CA MET A 577 5.52 19.33 22.23
CA MET A 577 5.50 19.32 22.24
C MET A 577 5.09 20.41 23.23
N LEU A 578 4.65 19.96 24.40
CA LEU A 578 4.28 20.87 25.48
C LEU A 578 5.45 21.77 25.86
N LYS A 579 5.15 23.03 26.15
CA LYS A 579 6.19 24.00 26.51
C LYS A 579 6.94 23.61 27.77
N ASP A 580 6.28 22.88 28.68
CA ASP A 580 6.85 22.59 29.99
C ASP A 580 7.46 21.20 30.08
N ALA A 581 7.70 20.55 28.95
CA ALA A 581 8.53 19.36 28.98
C ALA A 581 9.96 19.73 29.35
N VAL A 582 10.70 18.75 29.86
CA VAL A 582 12.01 19.00 30.46
C VAL A 582 13.06 18.24 29.66
N HIS A 583 14.17 18.92 29.34
CA HIS A 583 15.24 18.35 28.56
C HIS A 583 16.51 18.24 29.42
N TYR A 584 17.57 17.76 28.77
CA TYR A 584 18.89 17.67 29.37
C TYR A 584 19.27 18.97 30.07
N GLY A 585 19.72 18.85 31.31
CA GLY A 585 20.11 20.00 32.10
C GLY A 585 18.98 20.74 32.76
N GLY A 586 17.76 20.24 32.68
CA GLY A 586 16.63 20.91 33.30
C GLY A 586 15.96 21.98 32.47
N TRP A 587 16.47 22.26 31.27
CA TRP A 587 15.86 23.30 30.44
C TRP A 587 14.48 22.88 29.95
N GLU A 588 13.58 23.85 29.87
CA GLU A 588 12.23 23.57 29.39
C GLU A 588 12.22 23.44 27.87
N HIS A 589 11.16 22.82 27.36
CA HIS A 589 11.02 22.71 25.91
C HIS A 589 10.86 24.07 25.26
N ARG A 590 10.24 25.03 25.96
CA ARG A 590 10.08 26.37 25.41
C ARG A 590 11.43 27.04 25.18
N ASP A 591 12.48 26.61 25.88
CA ASP A 591 13.79 27.20 25.71
C ASP A 591 14.47 26.73 24.43
N ILE A 592 14.21 25.49 24.00
CA ILE A 592 15.04 24.82 23.00
C ILE A 592 14.30 24.52 21.72
N HIS A 593 13.01 24.87 21.61
CA HIS A 593 12.14 24.24 20.61
C HIS A 593 12.73 24.27 19.21
N ASN A 594 13.24 25.43 18.78
CA ASN A 594 13.59 25.61 17.39
C ASN A 594 14.90 24.95 16.98
N ILE A 595 15.63 24.32 17.90
CA ILE A 595 16.82 23.57 17.52
C ILE A 595 16.65 22.07 17.74
N TYR A 596 15.44 21.63 18.12
CA TYR A 596 15.20 20.19 18.25
C TYR A 596 15.39 19.48 16.91
N GLY A 597 14.85 20.06 15.84
CA GLY A 597 15.01 19.45 14.52
C GLY A 597 16.45 19.40 14.08
N LEU A 598 17.19 20.48 14.30
CA LEU A 598 18.59 20.53 13.89
C LEU A 598 19.40 19.43 14.57
N TYR A 599 19.14 19.19 15.86
CA TYR A 599 19.84 18.12 16.56
C TYR A 599 19.56 16.77 15.92
N VAL A 600 18.31 16.55 15.48
CA VAL A 600 17.99 15.31 14.78
C VAL A 600 18.79 15.21 13.49
N HIS A 601 18.72 16.26 12.67
CA HIS A 601 19.49 16.33 11.44
C HIS A 601 20.98 16.10 11.69
N MET A 602 21.50 16.69 12.78
CA MET A 602 22.92 16.59 13.08
C MET A 602 23.31 15.17 13.48
N ALA A 603 22.55 14.57 14.39
CA ALA A 603 22.89 13.23 14.87
C ALA A 603 22.75 12.21 13.74
N THR A 604 21.73 12.36 12.89
CA THR A 604 21.55 11.46 11.77
C THR A 604 22.73 11.56 10.81
N ALA A 605 23.09 12.79 10.42
CA ALA A 605 24.20 12.98 9.50
C ALA A 605 25.51 12.44 10.06
N ASP A 606 25.78 12.70 11.35
CA ASP A 606 26.96 12.13 11.98
C ASP A 606 26.93 10.60 11.95
N GLY A 607 25.75 10.02 12.10
CA GLY A 607 25.63 8.57 12.06
C GLY A 607 26.01 7.97 10.72
N LEU A 608 25.60 8.63 9.63
CA LEU A 608 25.96 8.17 8.30
C LEU A 608 27.45 8.31 8.05
N ILE A 609 28.09 9.26 8.72
CA ILE A 609 29.54 9.41 8.60
C ILE A 609 30.26 8.34 9.40
N GLN A 610 29.82 8.12 10.64
CA GLN A 610 30.49 7.16 11.51
C GLN A 610 30.39 5.73 10.98
N ARG A 611 29.21 5.36 10.46
CA ARG A 611 29.01 3.99 9.98
C ARG A 611 30.00 3.62 8.88
N SER A 612 30.57 4.60 8.19
CA SER A 612 31.54 4.37 7.12
C SER A 612 32.98 4.49 7.60
N GLY A 613 33.19 4.71 8.89
CA GLY A 613 34.53 4.97 9.39
C GLY A 613 34.99 6.40 9.19
N GLY A 614 34.05 7.33 8.97
CA GLY A 614 34.41 8.72 8.77
C GLY A 614 34.84 9.08 7.36
N ILE A 615 34.53 8.23 6.38
CA ILE A 615 35.00 8.43 5.02
C ILE A 615 33.91 8.99 4.12
N GLU A 616 32.69 8.47 4.22
CA GLU A 616 31.63 8.84 3.28
C GLU A 616 30.92 10.11 3.72
N ARG A 617 30.61 10.95 2.74
CA ARG A 617 29.79 12.11 3.06
C ARG A 617 28.33 11.69 3.22
N PRO A 618 27.59 12.30 4.13
CA PRO A 618 26.20 11.91 4.35
C PRO A 618 25.27 12.60 3.36
N PHE A 619 24.06 12.07 3.27
CA PHE A 619 22.92 12.82 2.75
C PHE A 619 21.74 12.60 3.68
N VAL A 620 21.23 13.69 4.25
CA VAL A 620 20.07 13.65 5.12
C VAL A 620 19.17 14.82 4.74
N LEU A 621 17.92 14.52 4.39
CA LEU A 621 16.89 15.54 4.22
C LEU A 621 16.15 15.73 5.54
N SER A 622 15.91 16.98 5.90
CA SER A 622 15.23 17.32 7.14
C SER A 622 14.12 18.34 6.87
N ARG A 623 13.03 18.23 7.62
CA ARG A 623 11.92 19.16 7.46
C ARG A 623 12.06 20.37 8.36
N ALA A 624 12.30 20.14 9.65
CA ALA A 624 12.56 21.24 10.57
C ALA A 624 14.04 21.62 10.48
N PHE A 625 14.32 22.88 10.79
CA PHE A 625 15.68 23.39 10.68
C PHE A 625 15.82 24.66 11.49
N PHE A 626 17.08 25.05 11.71
CA PHE A 626 17.45 26.26 12.42
C PHE A 626 18.71 26.82 11.75
N SER A 627 19.17 27.97 12.23
CA SER A 627 20.50 28.45 11.88
C SER A 627 21.52 27.35 12.12
N GLY A 628 22.36 27.10 11.11
CA GLY A 628 23.34 26.06 11.18
C GLY A 628 22.94 24.76 10.52
N SER A 629 21.66 24.59 10.17
CA SER A 629 21.23 23.34 9.54
C SER A 629 21.91 23.09 8.20
N GLN A 630 22.45 24.14 7.57
CA GLN A 630 23.13 23.94 6.29
C GLN A 630 24.34 23.03 6.42
N ARG A 631 24.89 22.88 7.63
CA ARG A 631 26.03 22.00 7.84
C ARG A 631 25.67 20.52 7.70
N PHE A 632 24.39 20.17 7.69
CA PHE A 632 23.98 18.79 7.88
C PHE A 632 23.22 18.20 6.70
N GLY A 633 22.91 18.98 5.66
CA GLY A 633 22.31 18.39 4.48
C GLY A 633 21.33 19.28 3.74
N ALA A 634 20.14 18.75 3.48
CA ALA A 634 19.13 19.43 2.70
C ALA A 634 17.87 19.63 3.52
N VAL A 635 17.04 20.58 3.06
CA VAL A 635 15.70 20.82 3.58
C VAL A 635 14.74 20.94 2.40
N TRP A 636 13.46 20.77 2.69
CA TRP A 636 12.43 21.04 1.69
C TRP A 636 11.22 21.69 2.38
N THR A 637 10.35 22.27 1.57
CA THR A 637 9.27 23.10 2.09
C THR A 637 8.04 22.31 2.53
N GLY A 638 8.20 21.02 2.87
CA GLY A 638 7.11 20.28 3.45
C GLY A 638 5.97 20.00 2.48
N ASP A 639 4.76 19.97 3.03
CA ASP A 639 3.58 19.47 2.32
C ASP A 639 2.91 20.61 1.55
N ASN A 640 3.38 20.83 0.32
CA ASN A 640 2.76 21.77 -0.60
C ASN A 640 1.60 21.08 -1.31
N THR A 641 0.99 21.78 -2.28
CA THR A 641 -0.21 21.28 -2.95
C THR A 641 -0.04 21.40 -4.45
N ALA A 642 -0.62 20.43 -5.17
CA ALA A 642 -0.56 20.40 -6.63
C ALA A 642 -1.36 21.54 -7.25
N GLU A 643 -0.88 22.77 -7.09
CA GLU A 643 -1.59 23.94 -7.63
C GLU A 643 -0.57 24.93 -8.18
N TRP A 644 -1.00 25.69 -9.20
CA TRP A 644 -0.07 26.57 -9.90
C TRP A 644 0.54 27.61 -8.97
N ASP A 645 -0.23 28.09 -7.99
CA ASP A 645 0.31 29.08 -7.07
C ASP A 645 1.37 28.48 -6.15
N HIS A 646 1.22 27.20 -5.79
CA HIS A 646 2.26 26.54 -5.00
C HIS A 646 3.53 26.35 -5.82
N LEU A 647 3.39 26.03 -7.11
CA LEU A 647 4.54 26.01 -8.01
C LEU A 647 5.27 27.35 -7.99
N LYS A 648 4.53 28.45 -8.17
CA LYS A 648 5.14 29.77 -8.20
C LYS A 648 5.90 30.05 -6.91
N ILE A 649 5.32 29.68 -5.76
CA ILE A 649 5.88 30.10 -4.47
C ILE A 649 7.13 29.33 -4.08
N SER A 650 7.49 28.29 -4.84
CA SER A 650 8.72 27.55 -4.53
C SER A 650 9.94 28.45 -4.67
N ILE A 651 9.92 29.36 -5.64
CA ILE A 651 11.05 30.26 -5.88
C ILE A 651 11.26 31.17 -4.67
N PRO A 652 10.28 31.98 -4.23
CA PRO A 652 10.57 32.86 -3.08
C PRO A 652 10.87 32.10 -1.80
N MET A 653 10.34 30.89 -1.63
CA MET A 653 10.58 30.16 -0.39
C MET A 653 12.01 29.64 -0.34
N CYS A 654 12.48 29.02 -1.43
CA CYS A 654 13.87 28.56 -1.45
C CYS A 654 14.84 29.73 -1.52
N LEU A 655 14.48 30.81 -2.22
CA LEU A 655 15.37 31.98 -2.25
C LEU A 655 15.56 32.56 -0.86
N SER A 656 14.50 32.62 -0.06
CA SER A 656 14.63 33.15 1.30
C SER A 656 15.46 32.21 2.16
N LEU A 657 15.45 30.91 1.86
CA LEU A 657 16.34 29.98 2.55
C LEU A 657 17.77 30.11 2.05
N ALA A 658 17.95 30.39 0.76
CA ALA A 658 19.30 30.58 0.23
C ALA A 658 20.00 31.76 0.88
N LEU A 659 19.28 32.88 1.05
CA LEU A 659 19.87 34.08 1.63
C LEU A 659 20.36 33.87 3.05
N VAL A 660 19.84 32.87 3.76
CA VAL A 660 20.21 32.63 5.15
C VAL A 660 21.05 31.36 5.29
N GLY A 661 21.68 30.91 4.21
CA GLY A 661 22.68 29.87 4.27
C GLY A 661 22.20 28.47 3.89
N LEU A 662 20.89 28.26 3.77
CA LEU A 662 20.37 26.93 3.42
C LEU A 662 20.22 26.85 1.91
N SER A 663 21.29 26.41 1.24
CA SER A 663 21.33 26.32 -0.22
C SER A 663 20.72 25.04 -0.77
N PHE A 664 20.61 23.99 0.04
CA PHE A 664 20.14 22.69 -0.45
C PHE A 664 18.63 22.59 -0.19
N CYS A 665 17.89 23.35 -0.99
CA CYS A 665 16.47 23.59 -0.79
C CYS A 665 15.66 23.12 -1.99
N GLY A 666 14.41 22.76 -1.74
CA GLY A 666 13.50 22.41 -2.81
C GLY A 666 12.08 22.28 -2.30
N ALA A 667 11.17 22.04 -3.25
CA ALA A 667 9.76 21.77 -2.96
C ALA A 667 9.31 20.55 -3.74
N ASP A 668 8.36 19.81 -3.19
CA ASP A 668 7.90 18.57 -3.82
C ASP A 668 7.42 18.82 -5.24
N VAL A 669 8.09 18.18 -6.20
CA VAL A 669 7.76 18.36 -7.61
C VAL A 669 6.41 17.69 -7.89
N GLY A 670 5.46 18.48 -8.37
CA GLY A 670 4.10 18.01 -8.59
C GLY A 670 3.15 18.33 -7.45
N GLY A 671 3.66 18.80 -6.32
CA GLY A 671 2.82 19.07 -5.17
C GLY A 671 2.58 17.81 -4.36
N PHE A 672 2.57 17.95 -3.04
CA PHE A 672 2.33 16.80 -2.17
C PHE A 672 0.86 16.39 -2.20
N PHE A 673 -0.03 17.30 -1.83
CA PHE A 673 -1.46 17.04 -1.84
C PHE A 673 -2.03 17.14 -3.25
N LYS A 674 -3.06 16.33 -3.52
CA LYS A 674 -3.89 16.40 -4.71
C LYS A 674 -3.14 15.93 -5.95
N ASN A 675 -3.84 15.82 -7.08
CA ASN A 675 -3.27 15.30 -8.31
C ASN A 675 -3.06 16.43 -9.30
N PRO A 676 -1.83 16.67 -9.74
CA PRO A 676 -1.61 17.72 -10.74
C PRO A 676 -2.06 17.28 -12.12
N GLU A 677 -2.62 18.22 -12.87
CA GLU A 677 -2.87 17.97 -14.28
C GLU A 677 -1.53 17.81 -15.00
N PRO A 678 -1.51 17.06 -16.11
CA PRO A 678 -0.22 16.81 -16.78
C PRO A 678 0.57 18.06 -17.12
N GLU A 679 -0.10 19.15 -17.52
CA GLU A 679 0.63 20.37 -17.83
C GLU A 679 1.31 20.95 -16.60
N LEU A 680 0.63 20.88 -15.45
CA LEU A 680 1.23 21.36 -14.21
C LEU A 680 2.43 20.51 -13.81
N LEU A 681 2.33 19.19 -13.97
CA LEU A 681 3.43 18.31 -13.61
C LEU A 681 4.64 18.54 -14.49
N VAL A 682 4.42 18.77 -15.80
CA VAL A 682 5.51 19.10 -16.70
C VAL A 682 6.21 20.39 -16.26
N ARG A 683 5.43 21.45 -16.03
CA ARG A 683 6.01 22.72 -15.60
C ARG A 683 6.71 22.60 -14.26
N TRP A 684 6.25 21.67 -13.41
CA TRP A 684 6.91 21.51 -12.11
C TRP A 684 8.24 20.78 -12.26
N TYR A 685 8.31 19.82 -13.17
CA TYR A 685 9.59 19.17 -13.45
C TYR A 685 10.61 20.16 -14.00
N GLN A 686 10.17 21.04 -14.90
CA GLN A 686 11.08 22.05 -15.43
C GLN A 686 11.53 23.02 -14.35
N MET A 687 10.61 23.41 -13.46
CA MET A 687 10.98 24.26 -12.33
C MET A 687 11.93 23.53 -11.39
N GLY A 688 11.59 22.29 -11.02
CA GLY A 688 12.43 21.56 -10.09
C GLY A 688 13.80 21.24 -10.63
N ALA A 689 13.90 20.99 -11.94
CA ALA A 689 15.18 20.66 -12.56
C ALA A 689 16.21 21.77 -12.39
N TYR A 690 15.78 23.01 -12.14
CA TYR A 690 16.69 24.13 -11.93
C TYR A 690 16.66 24.64 -10.49
N GLN A 691 16.21 23.81 -9.55
CA GLN A 691 16.29 24.13 -8.14
C GLN A 691 17.18 23.11 -7.44
N PRO A 692 17.82 23.49 -6.31
CA PRO A 692 18.89 22.65 -5.74
C PRO A 692 18.48 21.23 -5.43
N PHE A 693 17.47 21.04 -4.57
CA PHE A 693 16.97 19.72 -4.25
C PHE A 693 15.81 19.38 -5.18
N PHE A 694 15.90 18.20 -5.82
CA PHE A 694 15.08 17.84 -6.97
C PHE A 694 14.43 16.47 -6.73
N ARG A 695 13.23 16.48 -6.13
CA ARG A 695 12.53 15.26 -5.74
C ARG A 695 11.04 15.37 -6.04
N ALA A 696 10.51 14.35 -6.71
CA ALA A 696 9.06 14.21 -6.84
C ALA A 696 8.52 13.46 -5.63
N HIS A 697 7.40 13.94 -5.08
CA HIS A 697 6.82 13.34 -3.89
C HIS A 697 5.31 13.56 -3.95
N ALA A 698 4.57 12.70 -3.24
CA ALA A 698 3.12 12.68 -3.40
C ALA A 698 2.46 12.05 -2.18
N HIS A 699 1.24 12.51 -1.90
CA HIS A 699 0.44 12.04 -0.77
C HIS A 699 -0.03 10.61 -0.99
N LEU A 700 -0.39 9.94 0.11
CA LEU A 700 -0.73 8.53 0.06
C LEU A 700 -1.91 8.24 -0.88
N ASP A 701 -2.84 9.17 -1.00
CA ASP A 701 -4.08 8.94 -1.73
C ASP A 701 -4.06 9.57 -3.12
N THR A 702 -2.92 10.07 -3.57
CA THR A 702 -2.81 10.59 -4.93
C THR A 702 -2.57 9.45 -5.93
N GLY A 703 -2.91 9.72 -7.18
CA GLY A 703 -2.59 8.78 -8.23
C GLY A 703 -1.09 8.68 -8.46
N ARG A 704 -0.65 7.51 -8.92
CA ARG A 704 0.75 7.33 -9.30
C ARG A 704 1.12 8.32 -10.40
N ARG A 705 2.24 9.01 -10.22
CA ARG A 705 2.67 9.99 -11.23
C ARG A 705 4.16 9.86 -11.50
N GLU A 706 4.66 8.63 -11.57
CA GLU A 706 5.97 8.42 -12.15
C GLU A 706 5.98 8.96 -13.58
N PRO A 707 7.04 9.63 -14.00
CA PRO A 707 6.95 10.50 -15.19
C PRO A 707 6.65 9.77 -16.49
N TRP A 708 6.80 8.45 -16.55
CA TRP A 708 6.46 7.73 -17.78
C TRP A 708 4.99 7.31 -17.86
N LEU A 709 4.21 7.52 -16.81
CA LEU A 709 2.79 7.20 -16.85
C LEU A 709 1.96 8.25 -17.57
N LEU A 710 2.57 9.31 -18.09
CA LEU A 710 1.86 10.36 -18.79
C LEU A 710 1.90 10.12 -20.30
N ALA A 711 1.08 10.87 -21.02
CA ALA A 711 1.09 10.81 -22.47
C ALA A 711 2.46 11.21 -23.01
N SER A 712 2.76 10.72 -24.22
CA SER A 712 4.10 10.83 -24.76
C SER A 712 4.58 12.28 -24.84
N GLN A 713 3.70 13.19 -25.23
CA GLN A 713 4.10 14.59 -25.34
C GLN A 713 4.50 15.17 -23.99
N TYR A 714 3.85 14.72 -22.91
CA TYR A 714 4.24 15.17 -21.57
C TYR A 714 5.48 14.44 -21.08
N GLN A 715 5.60 13.14 -21.40
CA GLN A 715 6.81 12.39 -21.06
C GLN A 715 8.05 13.04 -21.66
N ASP A 716 7.96 13.51 -22.89
CA ASP A 716 9.15 14.00 -23.58
C ASP A 716 9.64 15.32 -22.99
N ALA A 717 8.72 16.20 -22.62
CA ALA A 717 9.14 17.45 -21.98
C ALA A 717 9.78 17.16 -20.63
N ILE A 718 9.25 16.19 -19.90
CA ILE A 718 9.83 15.81 -18.60
C ILE A 718 11.22 15.20 -18.81
N ARG A 719 11.34 14.27 -19.76
CA ARG A 719 12.65 13.68 -20.05
C ARG A 719 13.65 14.76 -20.48
N ASP A 720 13.19 15.71 -21.31
CA ASP A 720 14.05 16.82 -21.70
C ASP A 720 14.51 17.63 -20.49
N ALA A 721 13.61 17.85 -19.53
CA ALA A 721 13.98 18.58 -18.32
C ALA A 721 14.96 17.79 -17.47
N LEU A 722 14.79 16.47 -17.40
CA LEU A 722 15.72 15.64 -16.65
C LEU A 722 17.10 15.62 -17.30
N PHE A 723 17.15 15.52 -18.64
CA PHE A 723 18.42 15.55 -19.34
C PHE A 723 19.18 16.85 -19.08
N GLN A 724 18.47 17.97 -19.10
CA GLN A 724 19.13 19.25 -18.83
C GLN A 724 19.74 19.26 -17.44
N ARG A 725 19.02 18.71 -16.45
CA ARG A 725 19.52 18.70 -15.08
C ARG A 725 20.80 17.87 -14.98
N TYR A 726 20.80 16.67 -15.57
CA TYR A 726 21.96 15.80 -15.46
C TYR A 726 23.16 16.36 -16.23
N SER A 727 22.92 17.06 -17.34
CA SER A 727 24.01 17.69 -18.07
C SER A 727 24.66 18.80 -17.26
N LEU A 728 23.92 19.46 -16.37
CA LEU A 728 24.44 20.57 -15.60
C LEU A 728 25.06 20.15 -14.27
N LEU A 729 25.16 18.85 -14.01
CA LEU A 729 25.71 18.40 -12.74
C LEU A 729 27.11 18.94 -12.43
N PRO A 730 28.06 19.01 -13.38
CA PRO A 730 29.35 19.66 -13.05
C PRO A 730 29.18 21.10 -12.62
N PHE A 731 28.25 21.83 -13.24
CA PHE A 731 27.94 23.19 -12.84
C PHE A 731 27.33 23.24 -11.45
N TRP A 732 26.30 22.43 -11.20
CA TRP A 732 25.70 22.36 -9.87
C TRP A 732 26.75 21.97 -8.83
N TYR A 733 27.59 20.99 -9.15
CA TYR A 733 28.59 20.52 -8.19
C TYR A 733 29.58 21.61 -7.84
N THR A 734 29.97 22.43 -8.83
CA THR A 734 30.90 23.53 -8.57
C THR A 734 30.24 24.62 -7.73
N LEU A 735 28.99 24.98 -8.05
CA LEU A 735 28.29 25.97 -7.25
C LEU A 735 28.20 25.53 -5.80
N PHE A 736 27.99 24.24 -5.56
CA PHE A 736 27.91 23.76 -4.18
C PHE A 736 29.27 23.70 -3.50
N TYR A 737 30.35 23.47 -4.26
CA TYR A 737 31.67 23.56 -3.66
C TYR A 737 31.98 25.00 -3.25
N GLN A 738 31.62 25.97 -4.09
CA GLN A 738 31.81 27.36 -3.72
C GLN A 738 30.94 27.74 -2.53
N ALA A 739 29.71 27.22 -2.48
CA ALA A 739 28.89 27.41 -1.29
C ALA A 739 29.55 26.80 -0.06
N HIS A 740 30.23 25.66 -0.24
CA HIS A 740 30.85 24.99 0.89
C HIS A 740 32.10 25.72 1.37
N LYS A 741 32.85 26.33 0.45
CA LYS A 741 34.09 27.01 0.79
C LYS A 741 33.89 28.47 1.20
N GLU A 742 32.97 29.19 0.54
CA GLU A 742 32.83 30.62 0.73
C GLU A 742 31.55 31.03 1.45
N GLY A 743 30.53 30.17 1.47
CA GLY A 743 29.26 30.55 2.07
C GLY A 743 28.34 31.32 1.14
N PHE A 744 28.57 31.26 -0.17
CA PHE A 744 27.75 31.95 -1.17
C PHE A 744 26.60 31.05 -1.61
N PRO A 745 25.37 31.56 -1.63
CA PRO A 745 24.24 30.71 -2.01
C PRO A 745 24.28 30.27 -3.46
N VAL A 746 23.73 29.09 -3.72
CA VAL A 746 23.67 28.56 -5.08
C VAL A 746 22.55 29.25 -5.87
N MET A 747 21.33 29.16 -5.36
CA MET A 747 20.18 29.83 -5.94
C MET A 747 20.11 31.26 -5.42
N ARG A 748 20.02 32.24 -6.31
CA ARG A 748 20.20 33.62 -5.91
C ARG A 748 19.11 34.53 -6.46
N PRO A 749 18.61 35.47 -5.66
CA PRO A 749 17.77 36.54 -6.21
C PRO A 749 18.57 37.40 -7.16
N LEU A 750 17.86 37.98 -8.14
CA LEU A 750 18.54 38.83 -9.12
C LEU A 750 19.24 40.01 -8.46
N TRP A 751 18.68 40.54 -7.36
CA TRP A 751 19.31 41.70 -6.74
C TRP A 751 20.64 41.37 -6.08
N VAL A 752 20.94 40.08 -5.85
CA VAL A 752 22.26 39.71 -5.35
C VAL A 752 23.32 39.98 -6.40
N GLN A 753 23.02 39.70 -7.66
CA GLN A 753 23.95 39.94 -8.76
C GLN A 753 23.87 41.35 -9.32
N TYR A 754 22.76 42.05 -9.10
CA TYR A 754 22.56 43.40 -9.62
C TYR A 754 22.06 44.29 -8.50
N PRO A 755 22.92 44.58 -7.52
CA PRO A 755 22.45 45.26 -6.30
C PRO A 755 22.00 46.69 -6.51
N GLU A 756 22.33 47.30 -7.64
CA GLU A 756 21.95 48.68 -7.90
C GLU A 756 20.74 48.81 -8.82
N ASP A 757 20.21 47.70 -9.33
CA ASP A 757 19.01 47.73 -10.18
C ASP A 757 17.80 47.56 -9.28
N MET A 758 17.19 48.68 -8.90
CA MET A 758 16.10 48.63 -7.93
C MET A 758 14.87 47.90 -8.44
N SER A 759 14.74 47.75 -9.75
CA SER A 759 13.61 46.98 -10.27
C SER A 759 13.76 45.48 -10.05
N THR A 760 14.87 45.02 -9.49
CA THR A 760 15.07 43.60 -9.21
C THR A 760 14.89 43.26 -7.74
N PHE A 761 14.65 44.26 -6.89
CA PHE A 761 14.66 44.04 -5.44
C PHE A 761 13.50 43.14 -4.99
N SER A 762 12.44 43.01 -5.79
CA SER A 762 11.29 42.22 -5.41
C SER A 762 11.01 41.06 -6.36
N ILE A 763 11.85 40.84 -7.37
CA ILE A 763 11.58 39.79 -8.35
C ILE A 763 11.58 38.44 -7.67
N GLU A 764 10.57 37.62 -7.97
CA GLU A 764 10.54 36.26 -7.43
C GLU A 764 9.92 35.25 -8.38
N ASP A 765 9.69 35.59 -9.65
CA ASP A 765 9.40 34.62 -10.68
C ASP A 765 10.62 34.32 -11.54
N GLN A 766 11.80 34.73 -11.06
CA GLN A 766 13.07 34.62 -11.76
C GLN A 766 14.15 34.44 -10.73
N PHE A 767 15.19 33.69 -11.09
CA PHE A 767 16.31 33.52 -10.18
C PHE A 767 17.56 33.21 -10.97
N MET A 768 18.69 33.29 -10.29
CA MET A 768 20.00 32.99 -10.86
C MET A 768 20.59 31.77 -10.19
N LEU A 769 21.33 31.00 -10.96
CA LEU A 769 22.19 29.95 -10.43
C LEU A 769 23.62 30.46 -10.50
N GLY A 770 24.23 30.68 -9.35
CA GLY A 770 25.50 31.38 -9.33
C GLY A 770 25.34 32.73 -10.00
N ASP A 771 26.30 33.08 -10.86
CA ASP A 771 26.25 34.31 -11.62
C ASP A 771 26.11 34.08 -13.12
N ALA A 772 25.86 32.83 -13.53
CA ALA A 772 25.96 32.45 -14.93
C ALA A 772 24.62 32.16 -15.61
N LEU A 773 23.63 31.66 -14.88
CA LEU A 773 22.38 31.23 -15.50
C LEU A 773 21.20 31.99 -14.88
N LEU A 774 20.36 32.55 -15.73
CA LEU A 774 19.13 33.20 -15.32
C LEU A 774 17.96 32.33 -15.76
N ILE A 775 17.07 32.01 -14.83
CA ILE A 775 15.98 31.06 -15.06
C ILE A 775 14.66 31.78 -14.84
N HIS A 776 13.74 31.64 -15.80
CA HIS A 776 12.36 32.10 -15.66
C HIS A 776 11.45 30.99 -16.12
N PRO A 777 11.16 30.01 -15.25
CA PRO A 777 10.30 28.89 -15.66
C PRO A 777 8.87 29.36 -15.89
N VAL A 778 8.21 28.69 -16.83
CA VAL A 778 6.79 28.94 -17.06
C VAL A 778 6.00 28.39 -15.88
N SER A 779 5.17 29.24 -15.28
CA SER A 779 4.37 28.86 -14.12
C SER A 779 2.92 29.30 -14.27
N ASP A 780 2.37 29.14 -15.47
CA ASP A 780 0.97 29.46 -15.72
C ASP A 780 0.42 28.51 -16.78
N ALA A 781 -0.77 27.96 -16.51
CA ALA A 781 -1.40 27.04 -17.45
C ALA A 781 -1.69 27.72 -18.78
N GLY A 782 -1.42 27.01 -19.87
CA GLY A 782 -1.73 27.49 -21.20
C GLY A 782 -1.00 28.74 -21.62
N ALA A 783 0.13 29.05 -20.98
CA ALA A 783 0.87 30.26 -21.32
C ALA A 783 1.43 30.16 -22.75
N HIS A 784 1.44 31.29 -23.44
CA HIS A 784 2.05 31.36 -24.76
C HIS A 784 3.41 32.05 -24.74
N GLY A 785 3.74 32.76 -23.67
CA GLY A 785 5.02 33.41 -23.56
C GLY A 785 5.27 33.82 -22.12
N VAL A 786 6.48 34.34 -21.89
CA VAL A 786 6.88 34.85 -20.59
C VAL A 786 7.58 36.18 -20.79
N GLN A 787 7.58 36.99 -19.74
CA GLN A 787 8.28 38.27 -19.70
C GLN A 787 9.53 38.07 -18.87
N VAL A 788 10.68 37.97 -19.54
CA VAL A 788 11.95 37.72 -18.89
C VAL A 788 12.70 39.05 -18.77
N TYR A 789 12.99 39.46 -17.55
CA TYR A 789 13.79 40.67 -17.32
C TYR A 789 15.26 40.30 -17.33
N LEU A 790 15.99 40.73 -18.36
CA LEU A 790 17.42 40.52 -18.46
C LEU A 790 18.14 41.76 -17.93
N PRO A 791 18.70 41.72 -16.72
CA PRO A 791 19.29 42.94 -16.15
C PRO A 791 20.69 43.23 -16.65
N GLY A 792 21.31 44.26 -16.08
CA GLY A 792 22.71 44.56 -16.34
C GLY A 792 22.95 45.51 -17.49
N GLN A 793 23.59 46.64 -17.19
CA GLN A 793 24.02 47.56 -18.23
C GLN A 793 25.30 47.03 -18.88
N GLU A 794 25.38 47.17 -20.21
CA GLU A 794 26.48 46.63 -21.00
C GLU A 794 26.59 45.12 -20.85
N GLU A 795 25.48 44.46 -20.56
CA GLU A 795 25.43 43.03 -20.33
C GLU A 795 24.74 42.34 -21.50
N VAL A 796 25.19 41.14 -21.83
CA VAL A 796 24.56 40.31 -22.85
C VAL A 796 24.10 39.01 -22.21
N TRP A 797 23.04 38.44 -22.77
CA TRP A 797 22.51 37.17 -22.32
C TRP A 797 22.27 36.29 -23.54
N TYR A 798 22.53 35.00 -23.40
CA TYR A 798 22.38 34.04 -24.49
C TYR A 798 21.27 33.05 -24.16
N ASP A 799 20.23 33.04 -25.00
CA ASP A 799 19.23 31.98 -24.95
C ASP A 799 19.92 30.64 -25.20
N ILE A 800 20.01 29.80 -24.18
CA ILE A 800 20.81 28.57 -24.32
C ILE A 800 20.17 27.55 -25.26
N GLN A 801 18.95 27.79 -25.72
CA GLN A 801 18.30 26.91 -26.68
C GLN A 801 18.43 27.39 -28.13
N SER A 802 18.31 28.69 -28.37
CA SER A 802 18.44 29.25 -29.70
C SER A 802 19.77 29.95 -29.94
N TYR A 803 20.59 30.12 -28.90
CA TYR A 803 21.86 30.83 -28.94
C TYR A 803 21.69 32.31 -29.32
N GLN A 804 20.47 32.80 -29.36
CA GLN A 804 20.23 34.20 -29.67
C GLN A 804 20.75 35.09 -28.55
N LYS A 805 21.48 36.12 -28.92
CA LYS A 805 22.03 37.06 -27.95
C LYS A 805 21.02 38.17 -27.69
N HIS A 806 21.02 38.66 -26.45
CA HIS A 806 20.14 39.76 -26.05
C HIS A 806 20.93 40.70 -25.15
N HIS A 807 20.76 42.00 -25.39
CA HIS A 807 21.44 43.02 -24.60
C HIS A 807 20.54 43.47 -23.47
N GLY A 808 21.14 43.71 -22.31
CA GLY A 808 20.44 44.24 -21.17
C GLY A 808 20.68 45.73 -21.01
N PRO A 809 19.83 46.39 -20.19
CA PRO A 809 18.67 45.80 -19.54
C PRO A 809 17.43 45.88 -20.41
N GLN A 810 16.57 44.86 -20.33
CA GLN A 810 15.33 44.86 -21.09
C GLN A 810 14.40 43.80 -20.50
N THR A 811 13.12 43.92 -20.84
CA THR A 811 12.13 42.89 -20.54
C THR A 811 11.74 42.26 -21.87
N LEU A 812 12.23 41.04 -22.10
CA LEU A 812 12.03 40.33 -23.36
C LEU A 812 10.80 39.45 -23.27
N TYR A 813 9.92 39.57 -24.25
CA TYR A 813 8.79 38.64 -24.39
C TYR A 813 9.28 37.43 -25.16
N LEU A 814 9.25 36.27 -24.52
CA LEU A 814 9.75 35.05 -25.11
C LEU A 814 8.60 34.08 -25.31
N PRO A 815 8.22 33.76 -26.55
CA PRO A 815 7.21 32.73 -26.77
C PRO A 815 7.70 31.37 -26.28
N VAL A 816 6.77 30.57 -25.76
CA VAL A 816 7.09 29.28 -25.16
C VAL A 816 6.14 28.22 -25.68
N THR A 817 6.60 26.97 -25.62
CA THR A 817 5.77 25.80 -25.84
C THR A 817 5.82 24.94 -24.57
N LEU A 818 5.24 23.74 -24.66
CA LEU A 818 5.20 22.85 -23.50
C LEU A 818 6.61 22.47 -23.04
N SER A 819 7.55 22.34 -23.97
CA SER A 819 8.90 21.89 -23.68
C SER A 819 9.86 23.02 -23.35
N SER A 820 9.40 24.27 -23.31
CA SER A 820 10.27 25.41 -23.09
C SER A 820 10.66 25.55 -21.63
N ILE A 821 11.95 25.68 -21.37
CA ILE A 821 12.48 26.11 -20.08
C ILE A 821 13.34 27.35 -20.32
N PRO A 822 12.78 28.55 -20.11
CA PRO A 822 13.56 29.77 -20.38
C PRO A 822 14.81 29.90 -19.53
N VAL A 823 15.96 29.59 -20.12
CA VAL A 823 17.25 29.67 -19.46
C VAL A 823 18.19 30.50 -20.32
N PHE A 824 18.90 31.43 -19.70
CA PHE A 824 19.84 32.30 -20.39
C PHE A 824 21.19 32.23 -19.69
N GLN A 825 22.26 32.22 -20.48
CA GLN A 825 23.61 32.26 -19.95
C GLN A 825 24.18 33.67 -20.08
N ARG A 826 24.74 34.18 -19.00
CA ARG A 826 25.29 35.53 -18.98
C ARG A 826 26.60 35.60 -19.75
N GLY A 827 26.76 36.65 -20.54
CA GLY A 827 28.04 36.89 -21.18
C GLY A 827 29.15 37.05 -20.15
N GLY A 828 30.32 36.51 -20.46
CA GLY A 828 31.44 36.51 -19.55
C GLY A 828 31.57 35.30 -18.66
N THR A 829 30.73 34.28 -18.85
CA THR A 829 30.73 33.10 -18.01
C THR A 829 31.00 31.85 -18.84
N ILE A 830 31.59 30.85 -18.18
CA ILE A 830 31.87 29.55 -18.76
C ILE A 830 31.19 28.49 -17.89
N VAL A 831 30.35 27.67 -18.51
CA VAL A 831 29.52 26.71 -17.82
C VAL A 831 29.93 25.30 -18.26
N PRO A 832 30.33 24.43 -17.33
CA PRO A 832 30.70 23.05 -17.72
C PRO A 832 29.52 22.11 -17.70
N ARG A 833 29.49 21.20 -18.69
CA ARG A 833 28.38 20.29 -18.86
C ARG A 833 28.87 18.89 -19.18
N TRP A 834 28.10 17.89 -18.72
CA TRP A 834 28.24 16.50 -19.16
C TRP A 834 27.17 16.26 -20.22
N MET A 835 27.56 16.29 -21.48
CA MET A 835 26.58 16.14 -22.56
C MET A 835 26.18 14.69 -22.81
N ARG A 836 26.81 13.72 -22.15
CA ARG A 836 26.45 12.32 -22.28
C ARG A 836 25.60 11.92 -21.07
N VAL A 837 24.29 12.15 -21.17
CA VAL A 837 23.38 11.79 -20.10
C VAL A 837 23.29 10.28 -19.99
N ARG A 838 23.52 9.76 -18.79
CA ARG A 838 23.37 8.34 -18.49
C ARG A 838 22.25 8.16 -17.46
N ARG A 839 22.10 6.93 -16.98
CA ARG A 839 20.94 6.61 -16.14
C ARG A 839 21.06 7.12 -14.71
N SER A 840 22.27 7.46 -14.26
CA SER A 840 22.47 8.01 -12.93
C SER A 840 23.81 8.71 -12.90
N SER A 841 24.02 9.52 -11.86
CA SER A 841 25.23 10.33 -11.79
C SER A 841 26.47 9.47 -11.55
N ASP A 842 26.33 8.34 -10.85
CA ASP A 842 27.47 7.45 -10.67
C ASP A 842 28.00 6.97 -12.02
N CYS A 843 27.11 6.73 -12.99
CA CYS A 843 27.54 6.30 -14.32
C CYS A 843 28.28 7.39 -15.07
N MET A 844 28.10 8.66 -14.70
CA MET A 844 28.60 9.78 -15.48
C MET A 844 29.88 10.40 -14.93
N LYS A 845 30.31 10.01 -13.74
CA LYS A 845 31.30 10.83 -13.03
C LYS A 845 32.73 10.65 -13.54
N ASP A 846 32.96 9.82 -14.57
CA ASP A 846 34.25 9.77 -15.24
C ASP A 846 34.17 10.25 -16.68
N ASP A 847 33.06 10.88 -17.08
CA ASP A 847 32.79 11.25 -18.46
C ASP A 847 33.41 12.59 -18.81
N PRO A 848 33.64 12.85 -20.10
CA PRO A 848 34.26 14.11 -20.51
C PRO A 848 33.32 15.29 -20.36
N ILE A 849 33.92 16.48 -20.32
CA ILE A 849 33.23 17.75 -20.07
C ILE A 849 33.14 18.53 -21.37
N THR A 850 32.00 19.18 -21.59
CA THR A 850 31.83 20.18 -22.63
C THR A 850 31.76 21.56 -21.97
N LEU A 851 32.54 22.50 -22.47
CA LEU A 851 32.61 23.85 -21.91
C LEU A 851 31.81 24.81 -22.80
N PHE A 852 30.90 25.55 -22.18
CA PHE A 852 30.07 26.53 -22.87
C PHE A 852 30.55 27.92 -22.51
N VAL A 853 31.17 28.59 -23.47
CA VAL A 853 31.77 29.91 -23.26
C VAL A 853 30.83 30.95 -23.83
N ALA A 854 30.33 31.82 -22.96
CA ALA A 854 29.46 32.93 -23.37
C ALA A 854 30.29 34.21 -23.30
N LEU A 855 30.65 34.74 -24.47
CA LEU A 855 31.58 35.86 -24.54
C LEU A 855 30.90 37.15 -24.10
N SER A 856 31.59 37.92 -23.27
CA SER A 856 31.15 39.24 -22.88
C SER A 856 31.24 40.17 -24.09
N PRO A 857 30.69 41.39 -23.99
CA PRO A 857 30.93 42.37 -25.07
C PRO A 857 32.40 42.71 -25.24
N GLN A 858 33.22 42.49 -24.22
CA GLN A 858 34.66 42.68 -24.30
C GLN A 858 35.40 41.43 -24.77
N GLY A 859 34.67 40.42 -25.24
CA GLY A 859 35.30 39.20 -25.71
C GLY A 859 35.95 38.35 -24.63
N THR A 860 35.44 38.40 -23.39
CA THR A 860 36.04 37.69 -22.28
C THR A 860 35.01 36.78 -21.61
N ALA A 861 35.51 35.82 -20.85
CA ALA A 861 34.67 34.91 -20.07
C ALA A 861 35.54 34.20 -19.05
N GLN A 862 34.89 33.68 -18.00
CA GLN A 862 35.62 32.98 -16.95
C GLN A 862 34.67 32.04 -16.23
N GLY A 863 35.23 31.00 -15.63
CA GLY A 863 34.44 30.01 -14.92
C GLY A 863 35.34 29.05 -14.18
N GLU A 864 34.73 28.26 -13.30
CA GLU A 864 35.44 27.28 -12.50
C GLU A 864 34.80 25.91 -12.65
N LEU A 865 35.54 24.89 -12.21
CA LEU A 865 35.06 23.51 -12.21
C LEU A 865 35.68 22.78 -11.04
N PHE A 866 34.85 22.16 -10.22
CA PHE A 866 35.29 21.34 -9.10
C PHE A 866 35.02 19.88 -9.40
N LEU A 867 35.99 19.03 -9.05
CA LEU A 867 35.88 17.59 -9.26
C LEU A 867 36.52 16.88 -8.08
N ASP A 868 35.96 15.72 -7.73
CA ASP A 868 36.56 14.81 -6.76
C ASP A 868 35.97 13.43 -7.02
N ASP A 869 36.09 12.51 -6.04
CA ASP A 869 35.55 11.17 -6.25
C ASP A 869 34.03 11.16 -6.20
N GLY A 870 33.41 12.20 -5.66
CA GLY A 870 31.97 12.36 -5.71
C GLY A 870 31.22 12.02 -4.44
N HIS A 871 31.89 11.48 -3.42
CA HIS A 871 31.13 11.01 -2.27
C HIS A 871 31.91 10.89 -0.95
N THR A 872 33.23 11.10 -0.97
CA THR A 872 34.01 10.97 0.26
C THR A 872 34.49 12.34 0.74
N PHE A 873 35.11 12.33 1.92
CA PHE A 873 35.78 13.50 2.47
C PHE A 873 37.24 13.58 2.05
N ASN A 874 37.66 12.79 1.05
CA ASN A 874 39.05 12.80 0.62
C ASN A 874 39.47 14.17 0.10
N TYR A 875 38.53 14.94 -0.46
CA TYR A 875 38.86 16.27 -0.95
C TYR A 875 39.40 17.15 0.17
N GLN A 876 39.02 16.86 1.41
CA GLN A 876 39.44 17.64 2.57
C GLN A 876 40.54 16.96 3.39
N THR A 877 40.48 15.63 3.55
CA THR A 877 41.48 14.94 4.36
C THR A 877 42.75 14.64 3.58
N ARG A 878 42.66 14.53 2.25
CA ARG A 878 43.80 14.18 1.42
C ARG A 878 43.99 15.15 0.26
N HIS A 879 43.19 16.22 0.19
CA HIS A 879 43.28 17.21 -0.89
C HIS A 879 43.19 16.54 -2.26
N GLU A 880 42.38 15.49 -2.35
CA GLU A 880 42.18 14.76 -3.59
C GLU A 880 40.95 15.36 -4.29
N PHE A 881 41.22 16.33 -5.15
CA PHE A 881 40.18 17.06 -5.87
C PHE A 881 40.85 17.88 -6.95
N LEU A 882 40.04 18.47 -7.83
CA LEU A 882 40.50 19.42 -8.81
C LEU A 882 39.63 20.67 -8.76
N LEU A 883 40.27 21.83 -8.79
CA LEU A 883 39.59 23.11 -8.97
C LEU A 883 40.26 23.80 -10.15
N ARG A 884 39.57 23.84 -11.29
CA ARG A 884 40.12 24.43 -12.50
C ARG A 884 39.55 25.82 -12.73
N ARG A 885 40.39 26.72 -13.25
CA ARG A 885 39.95 28.01 -13.73
C ARG A 885 39.97 27.99 -15.26
N PHE A 886 38.83 28.29 -15.87
CA PHE A 886 38.75 28.49 -17.31
C PHE A 886 38.56 29.97 -17.58
N SER A 887 39.37 30.51 -18.48
CA SER A 887 39.35 31.94 -18.76
C SER A 887 39.55 32.18 -20.25
N PHE A 888 38.81 33.15 -20.78
CA PHE A 888 38.91 33.53 -22.19
C PHE A 888 39.15 35.03 -22.27
N SER A 889 40.15 35.42 -23.06
CA SER A 889 40.43 36.82 -23.33
C SER A 889 41.26 36.88 -24.60
N GLY A 890 41.10 37.99 -25.33
CA GLY A 890 41.67 38.08 -26.65
C GLY A 890 41.03 37.05 -27.55
N SER A 891 41.81 36.04 -27.94
CA SER A 891 41.27 34.92 -28.70
C SER A 891 41.78 33.59 -28.16
N THR A 892 42.03 33.53 -26.86
CA THR A 892 42.65 32.37 -26.23
C THR A 892 41.80 31.90 -25.06
N LEU A 893 41.54 30.60 -25.02
CA LEU A 893 40.90 29.95 -23.88
C LEU A 893 41.98 29.20 -23.10
N VAL A 894 42.09 29.51 -21.80
CA VAL A 894 43.16 28.98 -20.96
C VAL A 894 42.55 28.22 -19.80
N SER A 895 43.10 27.04 -19.51
CA SER A 895 42.75 26.28 -18.32
C SER A 895 43.94 26.29 -17.37
N SER A 896 43.70 26.74 -16.14
CA SER A 896 44.72 26.76 -15.10
C SER A 896 44.13 26.23 -13.81
N SER A 897 44.99 26.03 -12.81
CA SER A 897 44.55 25.56 -11.51
C SER A 897 44.10 26.75 -10.66
N ALA A 898 42.91 26.62 -10.06
CA ALA A 898 42.42 27.60 -9.10
C ALA A 898 42.73 27.21 -7.67
N ASP A 899 43.28 26.02 -7.44
CA ASP A 899 43.77 25.61 -6.12
C ASP A 899 44.85 24.55 -6.37
N PRO A 900 46.12 24.91 -6.20
CA PRO A 900 47.20 23.96 -6.53
C PRO A 900 47.31 22.81 -5.56
N LYS A 901 46.78 22.92 -4.33
CA LYS A 901 46.88 21.83 -3.38
C LYS A 901 46.10 20.59 -3.82
N GLY A 902 45.15 20.74 -4.74
CA GLY A 902 44.28 19.65 -5.11
C GLY A 902 44.77 18.89 -6.32
N HIS A 903 44.94 17.58 -6.16
CA HIS A 903 45.27 16.69 -7.26
C HIS A 903 44.29 15.53 -7.27
N LEU A 904 44.07 14.95 -8.45
CA LEU A 904 43.08 13.89 -8.57
C LEU A 904 43.43 13.00 -9.75
N GLU A 905 43.35 11.68 -9.53
CA GLU A 905 43.39 10.72 -10.63
C GLU A 905 41.99 10.59 -11.21
N THR A 906 41.83 11.04 -12.45
CA THR A 906 40.55 11.00 -13.11
C THR A 906 40.76 10.84 -14.61
N PRO A 907 39.91 10.10 -15.29
CA PRO A 907 39.96 10.05 -16.76
C PRO A 907 39.19 11.17 -17.45
N ILE A 908 38.62 12.10 -16.70
CA ILE A 908 37.78 13.14 -17.30
C ILE A 908 38.64 14.03 -18.19
N TRP A 909 38.17 14.26 -19.42
CA TRP A 909 38.86 15.07 -20.40
C TRP A 909 37.89 16.07 -21.01
N ILE A 910 38.42 16.97 -21.83
CA ILE A 910 37.64 18.01 -22.49
C ILE A 910 37.32 17.53 -23.91
N GLU A 911 36.07 17.16 -24.14
CA GLU A 911 35.67 16.63 -25.43
C GLU A 911 35.12 17.66 -26.39
N ARG A 912 34.76 18.86 -25.92
CA ARG A 912 34.10 19.83 -26.77
C ARG A 912 34.11 21.18 -26.08
N VAL A 913 34.20 22.24 -26.89
CA VAL A 913 34.11 23.62 -26.42
C VAL A 913 33.13 24.35 -27.32
N VAL A 914 32.08 24.91 -26.73
CA VAL A 914 31.06 25.67 -27.46
C VAL A 914 31.20 27.13 -27.07
N ILE A 915 31.45 27.99 -28.04
CA ILE A 915 31.69 29.41 -27.82
C ILE A 915 30.56 30.19 -28.47
N MET A 916 29.82 30.95 -27.68
CA MET A 916 28.72 31.77 -28.15
C MET A 916 29.19 33.21 -28.31
N GLY A 917 28.91 33.80 -29.47
CA GLY A 917 29.29 35.17 -29.73
C GLY A 917 30.68 35.32 -30.34
N ALA A 918 31.07 34.38 -31.19
CA ALA A 918 32.40 34.39 -31.80
C ALA A 918 32.29 34.32 -33.31
N GLY A 919 33.26 34.94 -33.98
CA GLY A 919 33.37 34.83 -35.42
C GLY A 919 34.12 33.58 -35.83
N LYS A 920 34.08 33.30 -37.12
CA LYS A 920 34.78 32.13 -37.65
C LYS A 920 36.29 32.38 -37.66
N PRO A 921 37.08 31.57 -36.98
CA PRO A 921 38.54 31.71 -37.08
C PRO A 921 39.07 31.05 -38.34
N ALA A 922 40.33 31.34 -38.64
CA ALA A 922 41.00 30.69 -39.75
C ALA A 922 41.63 29.37 -39.36
N ALA A 923 42.07 29.25 -38.10
CA ALA A 923 42.61 28.00 -37.59
C ALA A 923 42.47 28.02 -36.07
N VAL A 924 42.48 26.82 -35.47
CA VAL A 924 42.35 26.66 -34.03
C VAL A 924 43.50 25.77 -33.57
N VAL A 925 44.25 26.26 -32.58
CA VAL A 925 45.48 25.63 -32.13
C VAL A 925 45.38 25.37 -30.64
N LEU A 926 45.69 24.14 -30.23
CA LEU A 926 45.69 23.73 -28.83
C LEU A 926 47.12 23.46 -28.38
N GLN A 927 47.46 23.95 -27.20
CA GLN A 927 48.75 23.70 -26.57
C GLN A 927 48.54 23.10 -25.18
N THR A 928 49.23 22.00 -24.91
CA THR A 928 49.16 21.32 -23.63
C THR A 928 50.58 21.00 -23.18
N LYS A 929 50.85 21.18 -21.88
CA LYS A 929 52.14 20.79 -21.34
C LYS A 929 52.32 19.28 -21.50
N GLY A 930 53.49 18.89 -22.02
CA GLY A 930 53.78 17.50 -22.27
C GLY A 930 53.33 16.96 -23.61
N SER A 931 52.75 17.80 -24.47
CA SER A 931 52.21 17.36 -25.75
C SER A 931 52.64 18.32 -26.85
N PRO A 932 52.80 17.84 -28.07
CA PRO A 932 53.08 18.75 -29.19
C PRO A 932 51.88 19.62 -29.51
N GLU A 933 52.16 20.77 -30.13
CA GLU A 933 51.09 21.66 -30.54
C GLU A 933 50.18 20.97 -31.55
N SER A 934 48.88 21.05 -31.30
CA SER A 934 47.89 20.32 -32.09
C SER A 934 46.92 21.28 -32.75
N ARG A 935 46.32 20.80 -33.84
CA ARG A 935 45.30 21.54 -34.58
C ARG A 935 43.94 20.86 -34.35
N LEU A 936 42.93 21.66 -34.02
CA LEU A 936 41.58 21.17 -33.79
C LEU A 936 40.67 21.62 -34.92
N SER A 937 39.86 20.71 -35.43
CA SER A 937 38.85 21.09 -36.40
C SER A 937 37.68 21.76 -35.68
N PHE A 938 36.89 22.52 -36.43
CA PHE A 938 35.83 23.30 -35.81
C PHE A 938 34.69 23.52 -36.80
N GLN A 939 33.55 23.93 -36.25
CA GLN A 939 32.33 24.19 -36.99
C GLN A 939 31.77 25.52 -36.52
N HIS A 940 31.28 26.33 -37.45
CA HIS A 940 30.81 27.67 -37.13
C HIS A 940 29.48 27.97 -37.82
N ASP A 941 28.54 28.51 -37.05
CA ASP A 941 27.26 28.93 -37.59
C ASP A 941 27.26 30.45 -37.72
N PRO A 942 27.24 31.00 -38.94
CA PRO A 942 27.28 32.46 -39.07
C PRO A 942 26.03 33.15 -38.57
N GLU A 943 24.88 32.49 -38.63
CA GLU A 943 23.63 33.09 -38.16
C GLU A 943 23.67 33.34 -36.66
N THR A 944 24.09 32.34 -35.88
CA THR A 944 24.05 32.41 -34.43
C THR A 944 25.38 32.80 -33.80
N SER A 945 26.46 32.86 -34.59
CA SER A 945 27.81 33.15 -34.08
C SER A 945 28.21 32.17 -32.98
N VAL A 946 28.03 30.88 -33.26
CA VAL A 946 28.39 29.80 -32.35
C VAL A 946 29.54 29.03 -32.94
N LEU A 947 30.60 28.85 -32.15
CA LEU A 947 31.80 28.14 -32.56
C LEU A 947 31.94 26.87 -31.73
N ILE A 948 32.09 25.73 -32.40
CA ILE A 948 32.21 24.43 -31.74
C ILE A 948 33.60 23.88 -32.05
N LEU A 949 34.42 23.71 -31.02
CA LEU A 949 35.76 23.16 -31.18
C LEU A 949 35.67 21.65 -30.95
N ARG A 950 36.10 20.88 -31.95
CA ARG A 950 35.97 19.43 -31.89
C ARG A 950 37.10 18.81 -31.09
N LYS A 951 36.72 17.92 -30.17
CA LYS A 951 37.60 16.97 -29.47
C LYS A 951 38.96 17.54 -29.11
N PRO A 952 39.06 18.46 -28.14
CA PRO A 952 40.39 18.84 -27.64
C PRO A 952 41.17 17.67 -27.09
N GLY A 953 40.49 16.71 -26.45
CA GLY A 953 41.13 15.49 -25.99
C GLY A 953 42.11 15.66 -24.86
N VAL A 954 42.13 16.80 -24.20
CA VAL A 954 43.08 17.09 -23.15
C VAL A 954 42.48 16.69 -21.81
N SER A 955 43.33 16.21 -20.90
CA SER A 955 42.88 15.88 -19.56
C SER A 955 42.47 17.13 -18.80
N VAL A 956 41.38 17.01 -18.04
CA VAL A 956 40.90 18.13 -17.23
C VAL A 956 41.86 18.47 -16.10
N ALA A 957 42.82 17.60 -15.80
CA ALA A 957 43.83 17.89 -14.79
C ALA A 957 45.03 18.65 -15.36
N SER A 958 45.09 18.83 -16.67
CA SER A 958 46.22 19.47 -17.32
C SER A 958 45.94 20.95 -17.58
N ASP A 959 47.01 21.75 -17.48
CA ASP A 959 46.95 23.10 -18.02
C ASP A 959 47.00 23.03 -19.53
N TRP A 960 46.22 23.89 -20.19
CA TRP A 960 46.20 23.92 -21.64
C TRP A 960 45.67 25.27 -22.09
N SER A 961 45.83 25.53 -23.40
CA SER A 961 45.33 26.76 -23.99
C SER A 961 44.92 26.48 -25.43
N ILE A 962 43.81 27.07 -25.84
CA ILE A 962 43.31 26.99 -27.21
C ILE A 962 43.32 28.40 -27.78
N HIS A 963 43.94 28.58 -28.94
CA HIS A 963 44.04 29.89 -29.57
CA HIS A 963 44.06 29.88 -29.58
C HIS A 963 43.28 29.88 -30.89
N LEU A 964 42.49 30.92 -31.10
CA LEU A 964 41.71 31.10 -32.33
C LEU A 964 42.42 32.12 -33.20
N ARG A 965 42.89 31.68 -34.36
CA ARG A 965 43.68 32.54 -35.25
C ARG A 965 42.78 33.20 -36.30
N TYR B 48 52.58 3.22 -51.92
CA TYR B 48 52.16 1.94 -52.47
C TYR B 48 50.66 1.96 -52.80
N GLU B 49 49.82 1.78 -51.77
CA GLU B 49 48.36 1.81 -51.91
C GLU B 49 47.80 2.95 -51.07
N GLU B 50 46.52 2.88 -50.71
CA GLU B 50 45.89 3.93 -49.92
C GLU B 50 44.71 3.35 -49.13
N SER B 51 44.06 4.22 -48.36
CA SER B 51 42.91 3.85 -47.53
C SER B 51 41.81 4.89 -47.67
N LYS B 52 40.57 4.41 -47.73
CA LYS B 52 39.40 5.24 -48.01
C LYS B 52 38.86 5.91 -46.74
N PRO B 53 37.83 6.78 -46.87
CA PRO B 53 37.19 7.36 -45.66
C PRO B 53 35.83 6.76 -45.36
N PHE B 54 35.28 7.11 -44.20
CA PHE B 54 33.95 6.65 -43.77
C PHE B 54 32.93 7.76 -43.94
N THR B 55 31.73 7.40 -44.39
CA THR B 55 30.62 8.33 -44.56
C THR B 55 29.44 7.89 -43.71
N CYS B 56 28.80 8.86 -43.06
CA CYS B 56 27.66 8.56 -42.20
C CYS B 56 26.53 7.92 -43.01
N LEU B 57 25.73 7.11 -42.33
CA LEU B 57 24.61 6.43 -42.98
C LEU B 57 23.48 7.38 -43.36
N ASP B 58 23.46 8.59 -42.82
CA ASP B 58 22.52 9.63 -43.23
C ASP B 58 23.15 10.66 -44.15
N GLY B 59 24.40 10.43 -44.59
CA GLY B 59 25.06 11.30 -45.54
C GLY B 59 25.38 12.70 -45.05
N THR B 60 25.27 12.95 -43.74
CA THR B 60 25.51 14.30 -43.25
C THR B 60 26.97 14.71 -43.34
N ALA B 61 27.90 13.76 -43.41
CA ALA B 61 29.31 14.09 -43.48
C ALA B 61 30.09 12.89 -44.01
N THR B 62 31.41 13.07 -44.10
CA THR B 62 32.34 12.00 -44.43
C THR B 62 33.62 12.29 -43.66
N ILE B 63 34.14 11.28 -42.98
CA ILE B 63 35.24 11.49 -42.04
C ILE B 63 36.32 10.44 -42.27
N PRO B 64 37.58 10.74 -41.97
CA PRO B 64 38.60 9.68 -42.02
C PRO B 64 38.27 8.59 -41.02
N PHE B 65 38.67 7.35 -41.34
CA PHE B 65 38.30 6.23 -40.50
C PHE B 65 38.92 6.26 -39.11
N ASP B 66 39.89 7.15 -38.85
CA ASP B 66 40.39 7.29 -37.49
C ASP B 66 39.46 8.12 -36.61
N GLN B 67 38.32 8.56 -37.16
CA GLN B 67 37.27 9.19 -36.37
C GLN B 67 36.06 8.26 -36.21
N VAL B 68 36.20 6.99 -36.58
CA VAL B 68 35.23 5.97 -36.26
C VAL B 68 35.64 5.31 -34.94
N ASN B 69 34.73 5.32 -33.97
CA ASN B 69 35.01 4.82 -32.62
C ASN B 69 36.18 5.55 -31.97
N ASP B 70 36.30 6.86 -32.23
CA ASP B 70 37.31 7.67 -31.57
C ASP B 70 36.75 8.44 -30.38
N ASP B 71 35.60 7.99 -29.85
CA ASP B 71 35.00 8.54 -28.63
C ASP B 71 34.58 9.99 -28.79
N TYR B 72 34.20 10.39 -29.99
CA TYR B 72 33.60 11.70 -30.23
C TYR B 72 32.54 11.55 -31.32
N CYS B 73 31.39 12.18 -31.13
CA CYS B 73 30.27 12.00 -32.03
C CYS B 73 30.42 12.92 -33.24
N ASP B 74 30.61 12.33 -34.43
CA ASP B 74 30.71 13.10 -35.66
C ASP B 74 29.51 12.94 -36.59
N CYS B 75 28.73 11.87 -36.45
CA CYS B 75 27.56 11.65 -37.30
C CYS B 75 26.29 11.99 -36.53
N LYS B 76 25.37 12.70 -37.20
CA LYS B 76 24.13 13.09 -36.56
C LYS B 76 23.25 11.88 -36.22
N ASP B 77 23.42 10.76 -36.92
CA ASP B 77 22.69 9.55 -36.58
C ASP B 77 23.45 8.63 -35.63
N GLY B 78 24.67 9.01 -35.24
CA GLY B 78 25.43 8.22 -34.30
C GLY B 78 26.17 7.05 -34.90
N SER B 79 26.17 6.91 -36.23
CA SER B 79 26.70 5.71 -36.86
C SER B 79 28.23 5.62 -36.79
N ASP B 80 28.92 6.70 -36.48
CA ASP B 80 30.38 6.66 -36.43
C ASP B 80 30.92 6.16 -35.09
N GLU B 81 30.06 5.91 -34.11
CA GLU B 81 30.49 5.46 -32.78
C GLU B 81 29.62 4.29 -32.30
N PRO B 82 29.61 3.17 -33.04
CA PRO B 82 28.82 2.02 -32.58
C PRO B 82 29.42 1.29 -31.38
N GLY B 83 30.67 1.57 -31.01
CA GLY B 83 31.31 0.84 -29.94
C GLY B 83 31.62 1.68 -28.71
N THR B 84 31.23 2.96 -28.73
CA THR B 84 31.50 3.88 -27.63
C THR B 84 30.20 4.49 -27.13
N ALA B 85 30.32 5.37 -26.13
CA ALA B 85 29.20 6.10 -25.56
C ALA B 85 29.16 7.56 -26.02
N ALA B 86 29.82 7.88 -27.12
CA ALA B 86 29.98 9.28 -27.51
C ALA B 86 28.71 9.87 -28.11
N CYS B 87 27.93 9.07 -28.81
CA CYS B 87 26.80 9.69 -29.49
C CYS B 87 25.52 9.54 -28.67
N PRO B 88 24.70 10.59 -28.62
CA PRO B 88 23.46 10.52 -27.83
C PRO B 88 22.41 9.62 -28.44
N ASN B 89 22.46 9.37 -29.75
CA ASN B 89 21.43 8.59 -30.44
C ASN B 89 21.99 7.31 -31.03
N GLY B 90 23.15 6.85 -30.56
CA GLY B 90 23.76 5.65 -31.10
C GLY B 90 23.24 4.39 -30.44
N SER B 91 23.69 3.26 -30.99
CA SER B 91 23.32 1.95 -30.46
C SER B 91 24.57 1.08 -30.37
N PHE B 92 24.57 0.18 -29.38
CA PHE B 92 25.64 -0.80 -29.18
C PHE B 92 25.03 -2.20 -29.31
N HIS B 93 25.70 -3.05 -30.07
CA HIS B 93 25.17 -4.37 -30.41
C HIS B 93 25.78 -5.44 -29.51
N CYS B 94 24.94 -6.10 -28.72
CA CYS B 94 25.33 -7.29 -27.98
C CYS B 94 25.17 -8.50 -28.88
N THR B 95 26.27 -9.20 -29.17
CA THR B 95 26.15 -10.44 -29.93
C THR B 95 25.46 -11.52 -29.12
N ASN B 96 25.85 -11.66 -27.85
CA ASN B 96 25.20 -12.54 -26.88
C ASN B 96 25.07 -13.99 -27.36
N THR B 97 26.21 -14.58 -27.71
CA THR B 97 26.23 -15.98 -28.13
C THR B 97 25.64 -16.86 -27.02
N GLY B 98 24.73 -17.74 -27.40
CA GLY B 98 24.00 -18.57 -26.45
C GLY B 98 22.68 -17.99 -26.01
N TYR B 99 22.32 -16.81 -26.51
CA TYR B 99 21.06 -16.16 -26.20
C TYR B 99 20.68 -15.30 -27.41
N LYS B 100 19.68 -14.47 -27.22
CA LYS B 100 19.22 -13.55 -28.27
C LYS B 100 20.14 -12.34 -28.33
N PRO B 101 20.57 -11.91 -29.51
CA PRO B 101 21.34 -10.66 -29.60
C PRO B 101 20.47 -9.46 -29.28
N LEU B 102 21.10 -8.41 -28.79
CA LEU B 102 20.38 -7.27 -28.25
C LEU B 102 21.06 -5.96 -28.64
N TYR B 103 20.24 -4.93 -28.84
CA TYR B 103 20.70 -3.56 -29.05
C TYR B 103 20.43 -2.75 -27.79
N ILE B 104 21.43 -1.98 -27.34
CA ILE B 104 21.28 -1.10 -26.19
C ILE B 104 21.68 0.31 -26.61
N LEU B 105 21.29 1.27 -25.77
CA LEU B 105 21.66 2.66 -25.98
C LEU B 105 23.17 2.83 -25.84
N SER B 106 23.72 3.75 -26.64
CA SER B 106 25.14 4.07 -26.53
C SER B 106 25.48 4.60 -25.14
N SER B 107 24.55 5.33 -24.51
CA SER B 107 24.80 5.89 -23.18
C SER B 107 25.00 4.81 -22.11
N ARG B 108 24.70 3.55 -22.42
CA ARG B 108 24.89 2.46 -21.48
C ARG B 108 26.12 1.63 -21.80
N VAL B 109 27.00 2.13 -22.67
CA VAL B 109 28.30 1.52 -22.91
C VAL B 109 29.27 2.07 -21.88
N ASN B 110 29.89 1.18 -21.11
CA ASN B 110 30.86 1.56 -20.09
C ASN B 110 30.26 2.53 -19.08
N ASP B 111 29.01 2.30 -18.70
CA ASP B 111 28.39 3.06 -17.62
C ASP B 111 28.51 2.37 -16.27
N GLY B 112 29.19 1.23 -16.21
CA GLY B 112 29.30 0.46 -14.98
C GLY B 112 28.16 -0.50 -14.73
N VAL B 113 27.21 -0.62 -15.64
CA VAL B 113 26.04 -1.47 -15.47
C VAL B 113 26.06 -2.55 -16.54
N CYS B 114 25.82 -3.79 -16.14
CA CYS B 114 25.81 -4.93 -17.06
C CYS B 114 24.49 -4.95 -17.82
N ASP B 115 24.52 -4.58 -19.10
CA ASP B 115 23.31 -4.60 -19.93
C ASP B 115 23.24 -5.80 -20.85
N CYS B 116 24.34 -6.19 -21.49
CA CYS B 116 24.37 -7.40 -22.29
C CYS B 116 24.61 -8.62 -21.40
N CYS B 117 24.01 -9.74 -21.76
CA CYS B 117 24.27 -10.96 -21.01
C CYS B 117 25.70 -11.45 -21.19
N ASP B 118 26.33 -11.11 -22.32
CA ASP B 118 27.73 -11.49 -22.53
C ASP B 118 28.71 -10.49 -21.93
N GLY B 119 28.21 -9.39 -21.36
CA GLY B 119 29.06 -8.44 -20.67
C GLY B 119 29.91 -7.54 -21.54
N THR B 120 29.78 -7.63 -22.86
CA THR B 120 30.67 -6.86 -23.75
C THR B 120 30.38 -5.37 -23.75
N ASP B 121 29.25 -4.92 -23.19
CA ASP B 121 29.00 -3.49 -23.09
C ASP B 121 29.87 -2.82 -22.04
N GLU B 122 30.53 -3.59 -21.17
CA GLU B 122 31.42 -3.07 -20.14
C GLU B 122 32.82 -3.63 -20.42
N TYR B 123 33.63 -2.86 -21.15
CA TYR B 123 34.99 -3.27 -21.44
C TYR B 123 36.05 -2.33 -20.88
N ASN B 124 35.66 -1.20 -20.29
CA ASN B 124 36.62 -0.26 -19.75
C ASN B 124 35.98 0.65 -18.70
N SER B 125 35.19 0.08 -17.80
CA SER B 125 34.46 0.87 -16.82
C SER B 125 34.75 0.49 -15.38
N GLY B 126 35.53 -0.55 -15.14
CA GLY B 126 35.75 -1.04 -13.79
C GLY B 126 34.75 -2.08 -13.34
N THR B 127 33.63 -2.24 -14.03
CA THR B 127 32.68 -3.30 -13.76
C THR B 127 32.97 -4.49 -14.65
N VAL B 128 33.33 -5.62 -14.04
CA VAL B 128 33.53 -6.86 -14.77
C VAL B 128 32.21 -7.63 -14.74
N CYS B 129 31.62 -7.84 -15.91
CA CYS B 129 30.36 -8.53 -16.04
C CYS B 129 30.60 -9.99 -16.40
N GLU B 130 29.98 -10.89 -15.64
CA GLU B 130 30.04 -12.31 -15.96
C GLU B 130 29.07 -12.61 -17.10
N ASN B 131 29.39 -13.66 -17.86
CA ASN B 131 28.49 -14.06 -18.94
C ASN B 131 27.30 -14.79 -18.33
N THR B 132 26.09 -14.31 -18.63
CA THR B 132 24.88 -14.85 -18.03
C THR B 132 23.83 -15.16 -19.10
N CYS B 133 24.27 -15.47 -20.31
CA CYS B 133 23.34 -15.68 -21.41
C CYS B 133 22.54 -16.97 -21.24
N ARG B 134 23.02 -17.89 -20.42
CA ARG B 134 22.29 -19.11 -20.07
C ARG B 134 20.92 -18.77 -19.47
N VAL C 32 4.76 -24.13 -9.92
CA VAL C 32 4.97 -24.78 -8.63
C VAL C 32 6.32 -25.49 -8.60
N ASP C 33 6.99 -25.43 -7.45
CA ASP C 33 8.21 -26.19 -7.23
C ASP C 33 7.81 -27.51 -6.60
N ARG C 34 7.82 -28.58 -7.41
CA ARG C 34 7.33 -29.86 -6.94
C ARG C 34 8.30 -30.56 -6.01
N SER C 35 9.57 -30.17 -6.03
CA SER C 35 10.58 -30.83 -5.20
C SER C 35 10.35 -30.59 -3.72
N ASN C 36 9.66 -29.50 -3.37
CA ASN C 36 9.43 -29.14 -1.98
C ASN C 36 8.29 -29.94 -1.36
N PHE C 37 7.60 -30.77 -2.15
CA PHE C 37 6.47 -31.56 -1.68
C PHE C 37 6.73 -33.03 -1.93
N LYS C 38 6.49 -33.86 -0.92
CA LYS C 38 6.83 -35.27 -0.99
C LYS C 38 5.95 -36.01 -1.99
N THR C 39 6.56 -36.83 -2.83
CA THR C 39 5.83 -37.87 -3.53
C THR C 39 5.60 -39.05 -2.59
N CYS C 40 4.78 -40.01 -3.04
CA CYS C 40 4.51 -41.19 -2.21
C CYS C 40 5.78 -41.93 -1.86
N ASP C 41 6.74 -41.97 -2.79
CA ASP C 41 8.02 -42.62 -2.50
C ASP C 41 8.79 -41.89 -1.42
N GLU C 42 8.73 -40.55 -1.41
CA GLU C 42 9.41 -39.76 -0.40
C GLU C 42 8.67 -39.74 0.93
N SER C 43 7.43 -40.21 0.98
CA SER C 43 6.71 -40.44 2.22
C SER C 43 6.92 -41.89 2.61
N SER C 44 7.63 -42.12 3.72
CA SER C 44 8.07 -43.48 4.05
C SER C 44 6.89 -44.40 4.33
N PHE C 45 5.85 -43.89 4.99
CA PHE C 45 4.70 -44.73 5.27
C PHE C 45 3.88 -45.00 4.02
N CYS C 46 3.84 -44.06 3.08
CA CYS C 46 3.20 -44.35 1.80
C CYS C 46 3.96 -45.41 1.03
N LYS C 47 5.29 -45.35 1.07
CA LYS C 47 6.10 -46.32 0.35
C LYS C 47 5.92 -47.72 0.92
N ARG C 48 5.93 -47.85 2.25
CA ARG C 48 5.71 -49.15 2.87
C ARG C 48 4.34 -49.70 2.50
N GLN C 49 3.29 -48.89 2.69
CA GLN C 49 1.94 -49.33 2.36
C GLN C 49 1.81 -49.69 0.87
N ARG C 50 2.21 -48.77 0.00
CA ARG C 50 2.05 -48.97 -1.43
C ARG C 50 2.94 -50.08 -1.99
N SER C 51 3.94 -50.52 -1.23
CA SER C 51 4.75 -51.66 -1.65
C SER C 51 4.04 -52.99 -1.48
N ILE C 52 3.04 -53.06 -0.61
CA ILE C 52 2.20 -54.25 -0.54
C ILE C 52 1.36 -54.36 -1.79
N ARG C 53 1.42 -55.50 -2.45
CA ARG C 53 0.77 -55.73 -3.73
C ARG C 53 -0.39 -56.70 -3.59
N PRO C 54 -1.35 -56.68 -4.52
CA PRO C 54 -2.56 -57.49 -4.37
C PRO C 54 -2.23 -58.97 -4.20
N GLY C 55 -2.73 -59.55 -3.11
CA GLY C 55 -2.52 -60.95 -2.84
C GLY C 55 -3.34 -61.41 -1.66
N LEU C 56 -2.97 -62.57 -1.12
CA LEU C 56 -3.69 -63.15 0.00
C LEU C 56 -3.26 -62.44 1.28
N SER C 57 -4.21 -61.80 1.96
CA SER C 57 -3.88 -61.01 3.14
C SER C 57 -3.45 -61.92 4.28
N PRO C 58 -2.43 -61.53 5.05
CA PRO C 58 -2.03 -62.32 6.23
C PRO C 58 -2.91 -62.11 7.44
N TYR C 59 -3.93 -61.25 7.34
CA TYR C 59 -4.86 -61.04 8.43
C TYR C 59 -5.99 -62.06 8.35
N ARG C 60 -6.45 -62.53 9.51
CA ARG C 60 -7.52 -63.52 9.56
C ARG C 60 -8.28 -63.37 10.87
N ALA C 61 -9.58 -63.63 10.80
CA ALA C 61 -10.49 -63.41 11.92
C ALA C 61 -10.60 -64.65 12.79
N LEU C 62 -10.49 -64.44 14.10
CA LEU C 62 -10.64 -65.53 15.09
C LEU C 62 -12.10 -65.58 15.50
N LEU C 63 -12.88 -66.38 14.77
CA LEU C 63 -14.32 -66.43 14.98
C LEU C 63 -14.70 -66.92 16.38
N ASP C 64 -13.78 -67.59 17.07
CA ASP C 64 -14.05 -67.98 18.46
C ASP C 64 -14.15 -66.76 19.38
N THR C 65 -13.49 -65.66 19.02
CA THR C 65 -13.52 -64.45 19.84
C THR C 65 -14.76 -63.59 19.60
N LEU C 66 -15.61 -63.94 18.65
CA LEU C 66 -16.74 -63.10 18.28
C LEU C 66 -17.67 -62.88 19.47
N GLN C 67 -18.11 -61.63 19.63
CA GLN C 67 -19.11 -61.27 20.64
C GLN C 67 -20.12 -60.36 19.97
N LEU C 68 -21.40 -60.58 20.25
CA LEU C 68 -22.48 -59.82 19.61
C LEU C 68 -23.35 -59.13 20.64
N GLY C 69 -23.10 -57.84 20.87
CA GLY C 69 -23.99 -57.04 21.68
C GLY C 69 -25.08 -56.46 20.81
N PRO C 70 -26.04 -55.74 21.40
CA PRO C 70 -27.05 -55.07 20.58
C PRO C 70 -26.47 -53.96 19.71
N ASP C 71 -25.39 -53.31 20.15
CA ASP C 71 -24.88 -52.14 19.47
C ASP C 71 -23.73 -52.45 18.50
N ALA C 72 -23.03 -53.56 18.69
CA ALA C 72 -21.86 -53.81 17.86
C ALA C 72 -21.53 -55.29 17.83
N LEU C 73 -20.69 -55.65 16.87
CA LEU C 73 -20.03 -56.94 16.80
C LEU C 73 -18.54 -56.72 17.01
N THR C 74 -17.93 -57.47 17.92
CA THR C 74 -16.50 -57.40 18.16
C THR C 74 -15.88 -58.76 17.90
N VAL C 75 -14.75 -58.75 17.19
CA VAL C 75 -14.03 -59.97 16.87
C VAL C 75 -12.55 -59.63 16.74
N HIS C 76 -11.70 -60.57 17.15
CA HIS C 76 -10.26 -60.38 17.08
C HIS C 76 -9.72 -60.70 15.70
N LEU C 77 -8.72 -59.94 15.28
CA LEU C 77 -7.95 -60.23 14.09
C LEU C 77 -6.50 -60.51 14.47
N ILE C 78 -5.84 -61.35 13.67
CA ILE C 78 -4.46 -61.75 13.94
C ILE C 78 -3.66 -61.68 12.65
N HIS C 79 -2.45 -61.12 12.74
CA HIS C 79 -1.48 -61.21 11.66
C HIS C 79 -0.77 -62.55 11.74
N GLU C 80 -0.77 -63.30 10.63
CA GLU C 80 -0.30 -64.68 10.69
C GLU C 80 1.21 -64.76 10.91
N VAL C 81 1.96 -63.74 10.51
CA VAL C 81 3.42 -63.73 10.66
C VAL C 81 3.85 -63.00 11.92
N THR C 82 3.38 -61.78 12.12
CA THR C 82 3.81 -60.97 13.27
C THR C 82 3.04 -61.30 14.55
N LYS C 83 1.94 -62.05 14.46
CA LYS C 83 1.13 -62.42 15.61
C LYS C 83 0.55 -61.20 16.32
N VAL C 84 0.38 -60.09 15.59
CA VAL C 84 -0.24 -58.89 16.14
C VAL C 84 -1.75 -59.08 16.23
N LEU C 85 -2.33 -58.68 17.36
CA LEU C 85 -3.75 -58.85 17.64
C LEU C 85 -4.47 -57.51 17.51
N LEU C 86 -5.48 -57.48 16.64
CA LEU C 86 -6.34 -56.33 16.45
C LEU C 86 -7.77 -56.66 16.89
N VAL C 87 -8.58 -55.62 17.02
CA VAL C 87 -9.99 -55.75 17.39
C VAL C 87 -10.83 -55.07 16.31
N LEU C 88 -11.74 -55.83 15.70
CA LEU C 88 -12.69 -55.30 14.74
C LEU C 88 -14.01 -55.00 15.44
N GLU C 89 -14.50 -53.78 15.26
CA GLU C 89 -15.81 -53.36 15.79
C GLU C 89 -16.71 -53.07 14.60
N LEU C 90 -17.68 -53.94 14.37
CA LEU C 90 -18.58 -53.85 13.22
C LEU C 90 -19.96 -53.43 13.70
N GLN C 91 -20.52 -52.40 13.06
CA GLN C 91 -21.80 -51.83 13.48
C GLN C 91 -22.67 -51.53 12.27
N GLY C 92 -23.90 -52.03 12.30
CA GLY C 92 -24.93 -51.52 11.41
C GLY C 92 -25.54 -50.26 12.01
N LEU C 93 -25.83 -49.30 11.14
CA LEU C 93 -26.34 -48.00 11.56
C LEU C 93 -27.67 -47.69 10.88
N GLN C 94 -28.49 -46.89 11.56
CA GLN C 94 -29.69 -46.35 10.96
C GLN C 94 -29.35 -45.56 9.70
N LYS C 95 -30.28 -45.58 8.74
CA LYS C 95 -30.15 -44.92 7.44
C LYS C 95 -29.18 -45.67 6.54
N ASP C 96 -29.23 -47.00 6.60
CA ASP C 96 -28.51 -47.88 5.67
C ASP C 96 -27.01 -47.57 5.67
N MET C 97 -26.42 -47.55 6.85
CA MET C 97 -25.00 -47.29 6.99
C MET C 97 -24.33 -48.37 7.83
N THR C 98 -23.08 -48.65 7.49
CA THR C 98 -22.22 -49.56 8.24
C THR C 98 -20.96 -48.81 8.67
N ARG C 99 -20.50 -49.09 9.88
CA ARG C 99 -19.29 -48.49 10.41
C ARG C 99 -18.29 -49.58 10.78
N ILE C 100 -17.06 -49.46 10.29
CA ILE C 100 -15.98 -50.40 10.56
C ILE C 100 -14.89 -49.66 11.32
N ARG C 101 -14.52 -50.20 12.49
CA ARG C 101 -13.44 -49.64 13.28
C ARG C 101 -12.49 -50.76 13.67
N ILE C 102 -11.19 -50.52 13.50
CA ILE C 102 -10.15 -51.50 13.80
C ILE C 102 -9.06 -50.80 14.60
N ASP C 103 -8.78 -51.31 15.80
CA ASP C 103 -7.75 -50.78 16.67
C ASP C 103 -6.93 -51.95 17.22
N GLU C 104 -5.78 -51.63 17.82
CA GLU C 104 -4.96 -52.65 18.45
C GLU C 104 -5.70 -53.22 19.66
N LEU C 105 -5.51 -54.52 19.90
CA LEU C 105 -6.19 -55.18 21.01
C LEU C 105 -5.72 -54.61 22.35
N GLU C 106 -4.41 -54.62 22.58
CA GLU C 106 -3.80 -54.03 23.77
C GLU C 106 -2.63 -53.18 23.30
N PRO C 107 -2.88 -51.94 22.88
CA PRO C 107 -1.79 -51.08 22.43
C PRO C 107 -1.01 -50.51 23.60
N ARG C 108 0.26 -50.21 23.34
CA ARG C 108 1.09 -49.57 24.36
C ARG C 108 0.48 -48.25 24.79
N ARG C 109 -0.04 -47.48 23.83
CA ARG C 109 -0.68 -46.20 24.06
C ARG C 109 -1.93 -46.15 23.21
N PRO C 110 -2.95 -45.41 23.63
CA PRO C 110 -4.15 -45.29 22.80
C PRO C 110 -3.83 -44.56 21.50
N ARG C 111 -4.47 -45.00 20.43
CA ARG C 111 -4.32 -44.37 19.12
C ARG C 111 -5.38 -43.29 18.95
N TYR C 112 -5.11 -42.37 18.02
CA TYR C 112 -5.96 -41.19 17.87
C TYR C 112 -7.30 -41.54 17.23
N ARG C 113 -8.35 -40.92 17.74
CA ARG C 113 -9.70 -41.02 17.18
C ARG C 113 -10.24 -39.62 16.98
N VAL C 114 -10.63 -39.30 15.75
CA VAL C 114 -10.94 -37.94 15.35
C VAL C 114 -12.15 -37.39 16.11
N PRO C 115 -11.98 -36.33 16.90
CA PRO C 115 -13.11 -35.73 17.61
C PRO C 115 -13.73 -34.57 16.84
N ASP C 116 -14.86 -34.10 17.36
CA ASP C 116 -15.50 -32.85 16.95
C ASP C 116 -15.99 -32.83 15.50
N VAL C 117 -15.75 -33.89 14.74
CA VAL C 117 -16.25 -33.95 13.36
C VAL C 117 -17.65 -34.54 13.31
N LEU C 118 -17.86 -35.67 13.99
CA LEU C 118 -19.19 -36.25 14.08
C LEU C 118 -20.08 -35.39 14.96
N VAL C 119 -21.28 -35.07 14.45
CA VAL C 119 -22.19 -34.21 15.19
C VAL C 119 -22.91 -34.95 16.31
N ALA C 120 -22.95 -36.28 16.27
CA ALA C 120 -23.60 -37.05 17.32
C ALA C 120 -23.13 -38.50 17.21
N ASP C 121 -23.45 -39.27 18.25
CA ASP C 121 -23.24 -40.71 18.21
C ASP C 121 -24.26 -41.34 17.26
N PRO C 122 -23.83 -41.96 16.17
CA PRO C 122 -24.79 -42.47 15.17
C PRO C 122 -25.68 -43.55 15.74
N PRO C 123 -27.00 -43.42 15.56
CA PRO C 123 -27.91 -44.49 16.00
C PRO C 123 -27.60 -45.80 15.29
N THR C 124 -27.62 -46.89 16.05
CA THR C 124 -27.22 -48.20 15.56
C THR C 124 -28.43 -49.01 15.09
N ALA C 125 -28.14 -50.02 14.28
CA ALA C 125 -29.09 -51.05 13.90
C ALA C 125 -28.57 -52.40 14.39
N ARG C 126 -29.50 -53.30 14.71
CA ARG C 126 -29.13 -54.59 15.26
C ARG C 126 -28.59 -55.53 14.17
N LEU C 127 -27.54 -56.26 14.53
CA LEU C 127 -27.02 -57.32 13.69
C LEU C 127 -27.50 -58.67 14.22
N SER C 128 -27.87 -59.57 13.31
CA SER C 128 -28.34 -60.89 13.67
C SER C 128 -27.58 -61.93 12.85
N VAL C 129 -27.32 -63.07 13.47
CA VAL C 129 -26.64 -64.17 12.78
C VAL C 129 -27.65 -64.94 11.94
N SER C 130 -27.43 -64.94 10.61
CA SER C 130 -28.29 -65.65 9.68
C SER C 130 -27.57 -66.73 8.90
N GLY C 131 -26.30 -66.99 9.21
CA GLY C 131 -25.53 -68.02 8.54
C GLY C 131 -24.16 -68.15 9.15
N ARG C 132 -23.65 -69.37 9.31
CA ARG C 132 -22.41 -69.56 10.06
C ARG C 132 -21.79 -70.90 9.71
N ASP C 133 -20.48 -70.89 9.46
CA ASP C 133 -19.70 -72.12 9.36
C ASP C 133 -18.33 -71.84 9.99
N ASP C 134 -17.32 -72.61 9.59
CA ASP C 134 -15.99 -72.47 10.17
C ASP C 134 -15.21 -71.28 9.61
N ASN C 135 -15.54 -70.83 8.39
CA ASN C 135 -14.80 -69.76 7.74
C ASN C 135 -15.71 -68.59 7.34
N SER C 136 -16.92 -68.54 7.88
CA SER C 136 -17.88 -67.53 7.45
C SER C 136 -18.91 -67.32 8.54
N VAL C 137 -19.34 -66.07 8.69
CA VAL C 137 -20.49 -65.71 9.52
C VAL C 137 -21.30 -64.68 8.75
N GLU C 138 -22.56 -64.99 8.48
CA GLU C 138 -23.45 -64.07 7.78
C GLU C 138 -24.31 -63.33 8.80
N LEU C 139 -24.41 -62.00 8.63
CA LEU C 139 -25.16 -61.15 9.54
C LEU C 139 -26.22 -60.38 8.78
N THR C 140 -27.36 -60.16 9.43
CA THR C 140 -28.47 -59.40 8.87
C THR C 140 -28.65 -58.12 9.66
N VAL C 141 -28.75 -57.00 8.94
CA VAL C 141 -28.95 -55.69 9.57
C VAL C 141 -30.44 -55.51 9.81
N ALA C 142 -30.83 -55.45 11.09
CA ALA C 142 -32.23 -55.33 11.49
C ALA C 142 -33.06 -56.45 10.87
N GLU C 143 -33.96 -56.10 9.95
CA GLU C 143 -34.80 -57.07 9.27
C GLU C 143 -34.56 -57.08 7.76
N GLY C 144 -33.39 -56.66 7.31
CA GLY C 144 -33.06 -56.69 5.91
C GLY C 144 -33.27 -55.33 5.26
N PRO C 145 -32.90 -55.22 3.98
CA PRO C 145 -32.35 -56.31 3.16
C PRO C 145 -30.82 -56.39 3.19
N TYR C 146 -30.17 -55.60 4.04
CA TYR C 146 -28.72 -55.49 4.04
C TYR C 146 -28.09 -56.58 4.90
N LYS C 147 -27.10 -57.26 4.34
CA LYS C 147 -26.39 -58.34 5.03
C LYS C 147 -24.89 -58.20 4.83
N ILE C 148 -24.13 -58.61 5.86
CA ILE C 148 -22.67 -58.50 5.88
C ILE C 148 -22.09 -59.90 6.04
N ILE C 149 -21.19 -60.27 5.13
CA ILE C 149 -20.52 -61.57 5.15
C ILE C 149 -19.11 -61.38 5.69
N LEU C 150 -18.86 -61.88 6.90
CA LEU C 150 -17.53 -61.86 7.49
C LEU C 150 -16.81 -63.16 7.17
N THR C 151 -15.80 -63.09 6.32
CA THR C 151 -14.93 -64.22 6.04
C THR C 151 -13.76 -64.22 7.03
N ALA C 152 -13.41 -65.41 7.52
CA ALA C 152 -12.36 -65.51 8.53
C ALA C 152 -10.96 -65.57 7.92
N GLN C 153 -10.72 -66.53 7.04
CA GLN C 153 -9.41 -66.70 6.42
C GLN C 153 -9.57 -66.76 4.91
N PRO C 154 -9.05 -65.80 4.14
CA PRO C 154 -8.46 -64.57 4.68
C PRO C 154 -9.54 -63.59 5.16
N PHE C 155 -9.17 -62.65 6.00
CA PHE C 155 -10.13 -61.68 6.52
C PHE C 155 -10.75 -60.87 5.40
N ARG C 156 -12.08 -60.79 5.39
CA ARG C 156 -12.82 -60.12 4.33
C ARG C 156 -14.21 -59.79 4.83
N LEU C 157 -14.77 -58.71 4.29
CA LEU C 157 -16.15 -58.32 4.56
C LEU C 157 -16.84 -58.04 3.23
N ASP C 158 -18.06 -58.54 3.10
CA ASP C 158 -18.88 -58.32 1.91
C ASP C 158 -20.20 -57.70 2.33
N LEU C 159 -20.69 -56.76 1.53
CA LEU C 159 -21.92 -56.04 1.81
C LEU C 159 -22.91 -56.27 0.67
N LEU C 160 -24.09 -56.76 1.01
CA LEU C 160 -25.09 -57.12 0.02
C LEU C 160 -26.45 -56.56 0.39
N GLU C 161 -27.22 -56.21 -0.63
CA GLU C 161 -28.67 -56.04 -0.52
C GLU C 161 -29.29 -57.28 -1.15
N ASP C 162 -29.97 -58.08 -0.32
CA ASP C 162 -30.37 -59.43 -0.68
C ASP C 162 -29.13 -60.24 -1.07
N ARG C 163 -28.95 -60.50 -2.36
CA ARG C 163 -27.75 -61.19 -2.82
C ARG C 163 -27.00 -60.38 -3.88
N SER C 164 -27.30 -59.09 -4.01
CA SER C 164 -26.52 -58.22 -4.87
C SER C 164 -25.35 -57.68 -4.06
N LEU C 165 -24.14 -58.01 -4.46
CA LEU C 165 -22.96 -57.55 -3.74
C LEU C 165 -22.72 -56.07 -4.03
N LEU C 166 -22.75 -55.25 -2.99
CA LEU C 166 -22.54 -53.81 -3.14
C LEU C 166 -21.05 -53.46 -3.09
N LEU C 167 -20.34 -53.96 -2.09
CA LEU C 167 -18.94 -53.63 -1.90
C LEU C 167 -18.32 -54.67 -0.99
N SER C 168 -17.03 -54.91 -1.18
CA SER C 168 -16.26 -55.84 -0.36
C SER C 168 -15.07 -55.11 0.25
N VAL C 169 -14.67 -55.57 1.44
CA VAL C 169 -13.57 -54.99 2.19
C VAL C 169 -12.45 -56.01 2.28
N ASN C 170 -11.24 -55.60 1.91
CA ASN C 170 -10.03 -56.44 1.94
C ASN C 170 -10.08 -57.53 0.88
N ALA C 171 -10.85 -57.33 -0.19
CA ALA C 171 -10.93 -58.32 -1.26
C ALA C 171 -9.59 -58.49 -1.96
N ARG C 172 -8.84 -57.40 -2.11
CA ARG C 172 -7.50 -57.46 -2.70
C ARG C 172 -6.42 -57.67 -1.65
N GLY C 173 -6.79 -57.88 -0.40
CA GLY C 173 -5.84 -58.23 0.64
C GLY C 173 -4.80 -57.18 0.97
N LEU C 174 -5.14 -55.91 0.79
CA LEU C 174 -4.18 -54.82 0.98
C LEU C 174 -4.23 -54.20 2.37
N MET C 175 -4.98 -54.79 3.30
CA MET C 175 -5.06 -54.25 4.64
C MET C 175 -3.70 -54.32 5.33
N ALA C 176 -3.28 -53.20 5.91
CA ALA C 176 -2.03 -53.11 6.65
C ALA C 176 -2.24 -52.23 7.86
N PHE C 177 -1.83 -52.71 9.03
CA PHE C 177 -2.04 -52.01 10.31
C PHE C 177 -0.75 -52.14 11.10
N GLU C 178 0.12 -51.13 10.98
CA GLU C 178 1.39 -51.12 11.68
C GLU C 178 1.16 -50.86 13.16
N HIS C 179 1.43 -51.87 13.99
CA HIS C 179 1.24 -51.71 15.43
C HIS C 179 2.36 -50.85 16.01
N GLN C 180 2.09 -50.27 17.16
CA GLN C 180 3.07 -49.44 17.86
C GLN C 180 4.15 -50.35 18.43
N ARG C 181 5.41 -50.11 18.02
CA ARG C 181 6.51 -50.94 18.49
C ARG C 181 7.14 -50.31 19.74
N ALA C 182 8.23 -50.90 20.20
CA ALA C 182 8.96 -50.36 21.34
C ALA C 182 9.65 -49.07 20.91
N PRO C 183 9.32 -47.93 21.49
CA PRO C 183 9.86 -46.66 21.00
C PRO C 183 11.35 -46.52 21.26
N ARG C 184 11.93 -45.51 20.62
CA ARG C 184 13.34 -45.16 20.82
C ARG C 184 13.49 -43.65 20.93
N GLU C 243 12.60 -50.42 6.18
CA GLU C 243 13.58 -50.01 7.17
C GLU C 243 14.00 -48.53 7.05
N PRO C 244 14.40 -48.06 5.85
CA PRO C 244 14.82 -46.65 5.73
C PRO C 244 13.63 -45.71 5.90
N GLY C 245 13.75 -44.80 6.85
CA GLY C 245 12.70 -43.83 7.12
C GLY C 245 11.55 -44.34 7.96
N ALA C 246 11.67 -45.54 8.53
CA ALA C 246 10.60 -46.07 9.36
C ALA C 246 10.53 -45.34 10.69
N TRP C 247 11.68 -44.85 11.18
CA TRP C 247 11.73 -44.06 12.42
C TRP C 247 12.20 -42.65 12.07
N GLU C 248 13.36 -42.22 12.54
CA GLU C 248 13.89 -40.92 12.15
C GLU C 248 13.95 -40.83 10.63
N GLU C 249 13.40 -39.73 10.10
CA GLU C 249 13.23 -39.56 8.66
C GLU C 249 13.47 -38.10 8.31
N THR C 250 14.22 -37.87 7.23
CA THR C 250 14.55 -36.53 6.79
C THR C 250 14.00 -36.28 5.40
N PHE C 251 13.51 -35.05 5.18
CA PHE C 251 13.11 -34.59 3.86
C PHE C 251 13.72 -33.21 3.66
N LYS C 252 14.50 -33.07 2.58
CA LYS C 252 15.27 -31.85 2.32
C LYS C 252 16.15 -31.54 3.51
N THR C 253 15.84 -30.49 4.26
CA THR C 253 16.62 -30.10 5.42
C THR C 253 15.87 -30.31 6.73
N HIS C 254 14.70 -30.91 6.69
CA HIS C 254 13.85 -31.07 7.86
C HIS C 254 13.88 -32.52 8.33
N SER C 255 13.97 -32.69 9.65
CA SER C 255 14.11 -34.01 10.25
C SER C 255 12.89 -34.32 11.10
N ASP C 256 12.28 -35.47 10.85
CA ASP C 256 11.18 -35.98 11.67
C ASP C 256 11.75 -36.97 12.66
N SER C 257 11.74 -36.61 13.95
CA SER C 257 12.27 -37.50 14.96
C SER C 257 11.41 -38.75 15.12
N LYS C 258 10.14 -38.69 14.71
CA LYS C 258 9.21 -39.81 14.67
C LYS C 258 9.33 -40.73 15.89
N PRO C 259 9.04 -40.22 17.09
CA PRO C 259 9.30 -41.03 18.31
C PRO C 259 8.45 -42.29 18.42
N TYR C 260 7.34 -42.40 17.68
CA TYR C 260 6.47 -43.56 17.77
C TYR C 260 6.68 -44.57 16.65
N GLY C 261 7.57 -44.29 15.70
CA GLY C 261 7.88 -45.23 14.66
C GLY C 261 6.77 -45.42 13.66
N PRO C 262 6.83 -46.50 12.89
CA PRO C 262 5.78 -46.78 11.89
C PRO C 262 4.48 -47.15 12.57
N THR C 263 3.41 -46.41 12.24
CA THR C 263 2.09 -46.65 12.82
C THR C 263 0.97 -46.54 11.79
N SER C 264 1.26 -46.72 10.51
CA SER C 264 0.29 -46.44 9.47
C SER C 264 -0.78 -47.52 9.41
N VAL C 265 -1.97 -47.14 8.93
CA VAL C 265 -3.10 -48.03 8.79
C VAL C 265 -3.62 -47.91 7.37
N GLY C 266 -4.12 -49.02 6.84
CA GLY C 266 -4.59 -49.06 5.47
C GLY C 266 -5.65 -50.13 5.26
N LEU C 267 -6.43 -49.94 4.21
CA LEU C 267 -7.55 -50.81 3.91
C LEU C 267 -8.00 -50.54 2.48
N ASP C 268 -8.46 -51.59 1.81
CA ASP C 268 -8.91 -51.48 0.43
C ASP C 268 -10.38 -51.87 0.33
N PHE C 269 -11.04 -51.32 -0.69
CA PHE C 269 -12.47 -51.52 -0.89
C PHE C 269 -12.71 -51.77 -2.36
N SER C 270 -13.61 -52.71 -2.65
CA SER C 270 -13.93 -53.09 -4.02
C SER C 270 -15.37 -52.72 -4.31
N LEU C 271 -15.59 -52.02 -5.42
CA LEU C 271 -16.90 -51.48 -5.79
C LEU C 271 -17.36 -52.12 -7.10
N PRO C 272 -18.02 -53.28 -7.03
CA PRO C 272 -18.47 -53.93 -8.27
C PRO C 272 -19.57 -53.12 -8.95
N GLY C 273 -19.43 -52.94 -10.26
CA GLY C 273 -20.38 -52.17 -11.02
C GLY C 273 -20.06 -50.69 -11.12
N MET C 274 -19.10 -50.19 -10.35
CA MET C 274 -18.77 -48.77 -10.31
C MET C 274 -17.59 -48.48 -11.24
N GLU C 275 -17.77 -47.51 -12.13
CA GLU C 275 -16.70 -47.07 -13.01
C GLU C 275 -16.36 -45.59 -12.83
N HIS C 276 -17.11 -44.86 -12.00
CA HIS C 276 -16.90 -43.43 -11.79
C HIS C 276 -16.88 -43.16 -10.29
N VAL C 277 -15.81 -42.51 -9.81
CA VAL C 277 -15.71 -42.10 -8.43
C VAL C 277 -15.40 -40.61 -8.36
N TYR C 278 -15.86 -39.97 -7.30
CA TYR C 278 -15.76 -38.53 -7.15
C TYR C 278 -15.45 -38.18 -5.70
N GLY C 279 -14.97 -36.96 -5.49
CA GLY C 279 -14.76 -36.45 -4.15
C GLY C 279 -13.31 -36.25 -3.76
N ILE C 280 -13.00 -36.64 -2.52
CA ILE C 280 -11.73 -36.40 -1.82
C ILE C 280 -11.06 -35.08 -2.24
N PRO C 281 -11.72 -33.94 -2.07
CA PRO C 281 -11.02 -32.67 -2.26
C PRO C 281 -9.99 -32.48 -1.16
N GLU C 282 -9.01 -31.60 -1.40
CA GLU C 282 -8.97 -30.69 -2.53
C GLU C 282 -7.80 -30.97 -3.47
N HIS C 283 -8.10 -31.00 -4.77
CA HIS C 283 -7.11 -31.21 -5.80
C HIS C 283 -7.51 -30.38 -7.01
N ALA C 284 -6.51 -29.80 -7.70
CA ALA C 284 -6.76 -29.11 -8.96
C ALA C 284 -6.86 -30.15 -10.07
N ASP C 285 -7.97 -30.89 -10.05
CA ASP C 285 -8.12 -32.04 -10.94
C ASP C 285 -9.58 -32.16 -11.36
N SER C 286 -9.82 -33.04 -12.33
CA SER C 286 -11.14 -33.18 -12.92
C SER C 286 -12.14 -33.74 -11.91
N LEU C 287 -13.42 -33.52 -12.19
CA LEU C 287 -14.48 -33.95 -11.29
C LEU C 287 -14.44 -35.47 -11.12
N ARG C 288 -14.52 -36.22 -12.23
CA ARG C 288 -14.37 -37.65 -12.16
C ARG C 288 -12.91 -38.00 -11.87
N LEU C 289 -12.67 -38.69 -10.75
CA LEU C 289 -11.31 -38.97 -10.32
C LEU C 289 -10.64 -39.96 -11.27
N LYS C 290 -9.35 -39.76 -11.50
CA LYS C 290 -8.59 -40.61 -12.41
C LYS C 290 -7.98 -41.79 -11.66
N VAL C 291 -7.68 -42.85 -12.41
CA VAL C 291 -6.98 -44.00 -11.86
C VAL C 291 -5.54 -43.60 -11.51
N THR C 292 -5.03 -44.13 -10.40
CA THR C 292 -3.72 -43.77 -9.89
C THR C 292 -2.68 -44.86 -10.15
N GLU C 293 -2.98 -45.82 -11.03
CA GLU C 293 -2.15 -47.01 -11.15
C GLU C 293 -0.75 -46.67 -11.64
N GLY C 294 -0.65 -45.87 -12.70
CA GLY C 294 0.65 -45.56 -13.26
C GLY C 294 1.26 -44.26 -12.74
N GLY C 295 0.80 -43.81 -11.59
CA GLY C 295 1.26 -42.55 -11.04
C GLY C 295 1.11 -42.47 -9.55
N GLU C 296 0.95 -41.24 -9.05
CA GLU C 296 0.83 -40.95 -7.63
C GLU C 296 -0.59 -41.23 -7.14
N PRO C 297 -0.75 -41.58 -5.87
CA PRO C 297 -2.09 -41.57 -5.27
C PRO C 297 -2.55 -40.14 -5.02
N TYR C 298 -3.86 -39.96 -4.93
CA TYR C 298 -4.39 -38.69 -4.48
C TYR C 298 -4.02 -38.50 -3.02
N ARG C 299 -3.53 -37.30 -2.68
CA ARG C 299 -3.02 -37.02 -1.35
C ARG C 299 -3.96 -36.08 -0.62
N LEU C 300 -4.17 -36.37 0.67
CA LEU C 300 -5.02 -35.55 1.53
C LEU C 300 -4.13 -35.09 2.68
N TYR C 301 -3.57 -33.89 2.53
CA TYR C 301 -2.69 -33.31 3.55
C TYR C 301 -2.68 -31.81 3.30
N ASN C 302 -3.34 -31.06 4.19
CA ASN C 302 -3.55 -29.63 4.00
C ASN C 302 -2.23 -28.89 3.82
N LEU C 303 -1.96 -28.42 2.61
CA LEU C 303 -0.68 -27.81 2.29
C LEU C 303 -0.89 -26.52 1.50
N ASP C 304 0.03 -25.58 1.68
CA ASP C 304 0.06 -24.31 0.99
C ASP C 304 1.00 -24.46 -0.19
N VAL C 305 0.42 -24.61 -1.39
CA VAL C 305 1.18 -24.90 -2.61
C VAL C 305 1.22 -23.63 -3.44
N PHE C 306 2.40 -23.00 -3.52
CA PHE C 306 2.56 -21.74 -4.23
C PHE C 306 2.43 -21.94 -5.73
N GLN C 307 1.53 -21.16 -6.36
CA GLN C 307 1.27 -21.22 -7.80
C GLN C 307 0.99 -22.66 -8.24
N TYR C 308 -0.02 -23.27 -7.63
CA TYR C 308 -0.33 -24.66 -7.93
C TYR C 308 -0.77 -24.80 -9.38
N GLU C 309 -0.53 -25.97 -9.95
CA GLU C 309 -0.83 -26.26 -11.34
C GLU C 309 -2.03 -27.18 -11.44
N LEU C 310 -2.53 -27.33 -12.66
CA LEU C 310 -3.79 -28.02 -12.92
C LEU C 310 -3.58 -29.47 -13.32
N ASN C 311 -4.59 -30.29 -13.04
CA ASN C 311 -4.64 -31.69 -13.45
C ASN C 311 -3.45 -32.49 -12.92
N ASN C 312 -3.34 -32.52 -11.59
CA ASN C 312 -2.35 -33.32 -10.90
C ASN C 312 -2.85 -33.59 -9.49
N PRO C 313 -2.39 -34.68 -8.85
CA PRO C 313 -3.00 -35.09 -7.58
C PRO C 313 -2.32 -34.54 -6.34
N MET C 314 -1.54 -33.46 -6.46
CA MET C 314 -0.89 -32.91 -5.29
C MET C 314 -1.92 -32.40 -4.29
N ALA C 315 -1.63 -32.59 -3.01
CA ALA C 315 -2.53 -32.11 -1.95
C ALA C 315 -2.54 -30.60 -1.90
N LEU C 316 -3.73 -30.01 -1.79
CA LEU C 316 -3.90 -28.58 -1.67
C LEU C 316 -4.34 -28.22 -0.25
N TYR C 317 -5.10 -27.13 -0.11
CA TYR C 317 -5.26 -26.50 1.21
C TYR C 317 -6.20 -27.30 2.11
N GLY C 318 -7.12 -28.07 1.54
CA GLY C 318 -8.12 -28.77 2.35
C GLY C 318 -8.19 -30.24 2.00
N SER C 319 -8.77 -31.01 2.93
CA SER C 319 -8.85 -32.45 2.81
C SER C 319 -10.20 -32.91 3.35
N VAL C 320 -11.04 -33.48 2.50
CA VAL C 320 -12.30 -34.10 2.91
C VAL C 320 -12.25 -35.57 2.52
N PRO C 321 -12.03 -36.47 3.48
CA PRO C 321 -11.86 -37.90 3.15
C PRO C 321 -13.19 -38.60 2.90
N VAL C 322 -13.87 -38.17 1.83
CA VAL C 322 -15.15 -38.74 1.43
C VAL C 322 -15.10 -39.00 -0.06
N LEU C 323 -15.41 -40.24 -0.45
CA LEU C 323 -15.41 -40.64 -1.85
C LEU C 323 -16.81 -41.13 -2.21
N LEU C 324 -17.28 -40.70 -3.38
CA LEU C 324 -18.61 -41.06 -3.87
C LEU C 324 -18.46 -41.92 -5.12
N ALA C 325 -19.28 -42.96 -5.20
CA ALA C 325 -19.28 -43.88 -6.33
C ALA C 325 -20.65 -43.88 -6.97
N HIS C 326 -20.70 -43.63 -8.27
CA HIS C 326 -21.96 -43.54 -9.00
C HIS C 326 -21.96 -44.51 -10.17
N SER C 327 -23.08 -45.22 -10.33
CA SER C 327 -23.35 -46.01 -11.52
C SER C 327 -24.79 -45.79 -11.94
N PHE C 328 -25.15 -46.35 -13.10
CA PHE C 328 -26.53 -46.34 -13.55
C PHE C 328 -27.48 -46.91 -12.50
N HIS C 329 -26.99 -47.86 -11.69
CA HIS C 329 -27.87 -48.64 -10.83
C HIS C 329 -27.89 -48.18 -9.38
N ARG C 330 -26.79 -47.62 -8.86
CA ARG C 330 -26.74 -47.30 -7.44
C ARG C 330 -25.69 -46.24 -7.19
N ASP C 331 -25.74 -45.66 -5.99
CA ASP C 331 -24.78 -44.69 -5.49
C ASP C 331 -24.27 -45.14 -4.13
N LEU C 332 -22.97 -44.96 -3.90
CA LEU C 332 -22.35 -45.34 -2.64
C LEU C 332 -21.36 -44.26 -2.22
N GLY C 333 -21.10 -44.22 -0.92
CA GLY C 333 -20.13 -43.29 -0.37
C GLY C 333 -19.29 -43.92 0.72
N ILE C 334 -18.02 -43.55 0.77
CA ILE C 334 -17.08 -44.03 1.78
C ILE C 334 -16.55 -42.83 2.54
N PHE C 335 -16.61 -42.91 3.87
CA PHE C 335 -16.19 -41.81 4.75
C PHE C 335 -15.07 -42.34 5.64
N TRP C 336 -13.83 -41.97 5.32
CA TRP C 336 -12.64 -42.44 6.02
C TRP C 336 -12.28 -41.40 7.08
N LEU C 337 -12.79 -41.60 8.30
CA LEU C 337 -12.63 -40.62 9.38
C LEU C 337 -11.22 -40.73 9.95
N ASN C 338 -10.27 -40.09 9.26
CA ASN C 338 -8.90 -40.05 9.70
C ASN C 338 -8.36 -38.63 9.51
N ALA C 339 -7.65 -38.12 10.52
CA ALA C 339 -7.14 -36.75 10.51
C ALA C 339 -5.67 -36.65 10.12
N ALA C 340 -5.00 -37.78 9.88
CA ALA C 340 -3.59 -37.78 9.56
C ALA C 340 -3.39 -37.75 8.04
N GLU C 341 -2.13 -37.63 7.61
CA GLU C 341 -1.82 -37.66 6.20
C GLU C 341 -2.35 -38.93 5.57
N THR C 342 -3.12 -38.78 4.50
CA THR C 342 -3.82 -39.90 3.90
C THR C 342 -3.59 -39.89 2.39
N TRP C 343 -3.23 -41.05 1.85
CA TRP C 343 -3.10 -41.25 0.42
C TRP C 343 -4.21 -42.18 -0.05
N VAL C 344 -4.76 -41.91 -1.24
CA VAL C 344 -5.88 -42.67 -1.78
C VAL C 344 -5.51 -43.16 -3.17
N ASP C 345 -5.56 -44.47 -3.37
CA ASP C 345 -5.29 -45.09 -4.66
C ASP C 345 -6.60 -45.58 -5.29
N ILE C 346 -6.69 -45.43 -6.61
CA ILE C 346 -7.89 -45.79 -7.37
C ILE C 346 -7.46 -46.63 -8.56
N SER C 347 -8.07 -47.82 -8.70
CA SER C 347 -7.75 -48.75 -9.77
C SER C 347 -9.03 -49.28 -10.39
N SER C 348 -9.02 -49.41 -11.72
CA SER C 348 -10.17 -49.90 -12.48
C SER C 348 -9.93 -51.32 -12.95
N ASN C 349 -11.02 -52.02 -13.23
CA ASN C 349 -10.96 -53.40 -13.71
C ASN C 349 -11.82 -53.57 -14.96
N THR C 369 -19.23 -56.91 -14.73
CA THR C 369 -17.78 -57.08 -14.69
C THR C 369 -16.98 -55.81 -14.34
N PRO C 370 -17.34 -54.62 -14.86
CA PRO C 370 -16.59 -53.42 -14.50
C PRO C 370 -16.61 -53.16 -13.00
N GLN C 371 -15.45 -52.77 -12.47
CA GLN C 371 -15.28 -52.61 -11.03
C GLN C 371 -14.15 -51.62 -10.77
N THR C 372 -14.32 -50.81 -9.72
CA THR C 372 -13.31 -49.87 -9.27
C THR C 372 -12.89 -50.22 -7.84
N ASP C 373 -11.59 -50.20 -7.59
CA ASP C 373 -11.04 -50.49 -6.26
C ASP C 373 -10.47 -49.21 -5.64
N ILE C 374 -10.73 -49.03 -4.34
CA ILE C 374 -10.30 -47.86 -3.59
C ILE C 374 -9.48 -48.33 -2.40
N ARG C 375 -8.38 -47.63 -2.12
CA ARG C 375 -7.49 -47.99 -1.03
C ARG C 375 -7.10 -46.75 -0.25
N TRP C 376 -7.36 -46.75 1.05
CA TRP C 376 -7.01 -45.64 1.93
C TRP C 376 -5.75 -45.97 2.72
N MET C 377 -4.84 -45.02 2.80
CA MET C 377 -3.57 -45.20 3.50
C MET C 377 -3.31 -43.96 4.34
N SER C 378 -3.33 -44.11 5.67
CA SER C 378 -3.18 -43.00 6.60
C SER C 378 -1.99 -43.25 7.52
N GLU C 379 -1.46 -42.17 8.09
CA GLU C 379 -0.21 -42.24 8.82
C GLU C 379 -0.38 -42.77 10.25
N SER C 380 -1.48 -42.41 10.91
CA SER C 380 -1.69 -42.86 12.29
C SER C 380 -3.19 -42.92 12.55
N GLY C 381 -3.56 -42.93 13.83
CA GLY C 381 -4.94 -43.10 14.21
C GLY C 381 -5.39 -44.55 14.01
N ILE C 382 -6.70 -44.73 14.17
CA ILE C 382 -7.32 -46.02 13.99
C ILE C 382 -7.90 -46.11 12.59
N ILE C 383 -8.33 -47.30 12.19
CA ILE C 383 -9.17 -47.45 11.00
C ILE C 383 -10.60 -47.16 11.41
N ASP C 384 -11.23 -46.19 10.75
CA ASP C 384 -12.58 -45.77 11.10
C ASP C 384 -13.25 -45.29 9.81
N VAL C 385 -14.07 -46.14 9.23
CA VAL C 385 -14.67 -45.90 7.92
C VAL C 385 -16.17 -46.07 8.02
N PHE C 386 -16.91 -45.24 7.29
CA PHE C 386 -18.36 -45.30 7.22
C PHE C 386 -18.76 -45.71 5.80
N LEU C 387 -19.61 -46.72 5.70
CA LEU C 387 -20.13 -47.19 4.42
C LEU C 387 -21.55 -46.67 4.28
N MET C 388 -21.74 -45.76 3.32
CA MET C 388 -23.03 -45.09 3.11
C MET C 388 -23.64 -45.66 1.84
N LEU C 389 -24.71 -46.43 2.00
CA LEU C 389 -25.15 -47.39 1.00
C LEU C 389 -26.19 -46.86 0.03
N GLY C 390 -26.58 -45.59 0.14
CA GLY C 390 -27.55 -45.03 -0.77
C GLY C 390 -28.95 -45.57 -0.52
N PRO C 391 -29.62 -46.06 -1.57
CA PRO C 391 -29.12 -46.31 -2.93
C PRO C 391 -29.01 -45.09 -3.83
N SER C 392 -29.74 -44.01 -3.56
CA SER C 392 -29.65 -42.82 -4.37
C SER C 392 -28.57 -41.88 -3.84
N VAL C 393 -28.11 -40.97 -4.71
CA VAL C 393 -27.08 -40.03 -4.32
C VAL C 393 -27.58 -39.09 -3.23
N PHE C 394 -28.88 -38.79 -3.23
CA PHE C 394 -29.43 -37.95 -2.18
C PHE C 394 -29.53 -38.70 -0.85
N ASP C 395 -29.67 -40.04 -0.90
CA ASP C 395 -29.55 -40.81 0.32
C ASP C 395 -28.15 -40.69 0.91
N VAL C 396 -27.13 -40.68 0.05
CA VAL C 396 -25.76 -40.52 0.53
C VAL C 396 -25.59 -39.14 1.18
N PHE C 397 -26.11 -38.10 0.54
CA PHE C 397 -26.13 -36.78 1.14
C PHE C 397 -26.80 -36.83 2.52
N ARG C 398 -27.99 -37.42 2.57
CA ARG C 398 -28.71 -37.54 3.84
C ARG C 398 -27.89 -38.35 4.84
N GLN C 399 -27.30 -39.46 4.37
CA GLN C 399 -26.49 -40.31 5.26
C GLN C 399 -25.28 -39.56 5.81
N TYR C 400 -24.55 -38.88 4.93
CA TYR C 400 -23.35 -38.15 5.36
C TYR C 400 -23.70 -36.97 6.25
N ALA C 401 -24.77 -36.23 5.93
CA ALA C 401 -25.13 -35.06 6.73
C ALA C 401 -25.49 -35.46 8.15
N SER C 402 -26.14 -36.62 8.32
CA SER C 402 -26.48 -37.08 9.66
C SER C 402 -25.24 -37.38 10.49
N LEU C 403 -24.09 -37.58 9.83
CA LEU C 403 -22.83 -37.84 10.53
C LEU C 403 -22.05 -36.55 10.81
N THR C 404 -21.82 -35.72 9.79
CA THR C 404 -20.94 -34.56 9.92
C THR C 404 -21.68 -33.23 9.86
N GLY C 405 -23.00 -33.23 9.77
CA GLY C 405 -23.75 -32.00 9.80
C GLY C 405 -24.01 -31.44 8.41
N THR C 406 -24.67 -30.26 8.40
CA THR C 406 -25.07 -29.61 7.17
C THR C 406 -24.43 -28.23 7.07
N GLN C 407 -24.57 -27.65 5.88
CA GLN C 407 -24.07 -26.30 5.60
C GLN C 407 -24.70 -25.29 6.54
N ALA C 408 -23.86 -24.45 7.16
CA ALA C 408 -24.36 -23.35 7.96
C ALA C 408 -25.12 -22.37 7.08
N LEU C 409 -26.27 -21.93 7.56
CA LEU C 409 -27.09 -21.01 6.79
C LEU C 409 -26.39 -19.66 6.69
N PRO C 410 -25.91 -19.26 5.52
CA PRO C 410 -25.16 -18.00 5.42
C PRO C 410 -26.08 -16.81 5.65
N PRO C 411 -25.60 -15.77 6.30
CA PRO C 411 -26.32 -14.49 6.27
C PRO C 411 -26.45 -14.03 4.82
N LEU C 412 -27.61 -13.43 4.50
CA LEU C 412 -27.93 -13.11 3.11
C LEU C 412 -26.82 -12.31 2.43
N PHE C 413 -26.21 -11.36 3.16
CA PHE C 413 -25.22 -10.48 2.54
C PHE C 413 -24.05 -11.27 1.96
N SER C 414 -23.64 -12.36 2.63
CA SER C 414 -22.48 -13.11 2.18
C SER C 414 -22.74 -13.86 0.87
N LEU C 415 -23.99 -13.90 0.41
CA LEU C 415 -24.31 -14.44 -0.90
C LEU C 415 -24.28 -13.38 -1.99
N GLY C 416 -23.94 -12.15 -1.64
CA GLY C 416 -23.75 -11.10 -2.63
C GLY C 416 -22.34 -11.12 -3.20
N TYR C 417 -21.95 -9.99 -3.78
CA TYR C 417 -20.64 -9.87 -4.40
C TYR C 417 -19.65 -9.26 -3.41
N HIS C 418 -18.50 -9.92 -3.26
CA HIS C 418 -17.43 -9.44 -2.41
C HIS C 418 -16.35 -8.80 -3.27
N GLN C 419 -15.89 -7.61 -2.86
CA GLN C 419 -14.80 -6.91 -3.55
C GLN C 419 -13.58 -6.93 -2.65
N SER C 420 -12.52 -7.57 -3.11
CA SER C 420 -11.33 -7.79 -2.31
C SER C 420 -10.09 -7.62 -3.16
N ARG C 421 -8.98 -7.37 -2.49
CA ARG C 421 -7.65 -7.49 -3.08
C ARG C 421 -6.63 -7.36 -1.97
N TRP C 422 -5.42 -7.77 -2.28
CA TRP C 422 -4.24 -7.51 -1.48
C TRP C 422 -3.52 -6.35 -2.17
N ASN C 423 -3.67 -5.13 -1.64
CA ASN C 423 -4.44 -4.78 -0.45
C ASN C 423 -5.08 -3.41 -0.72
N TYR C 424 -6.11 -3.03 0.03
CA TYR C 424 -6.58 -1.65 0.01
C TYR C 424 -5.78 -0.86 1.05
N ARG C 425 -5.23 0.28 0.64
CA ARG C 425 -4.15 0.89 1.43
C ARG C 425 -4.66 1.47 2.74
N ASP C 426 -5.81 2.13 2.75
CA ASP C 426 -6.24 2.85 3.94
C ASP C 426 -7.75 3.03 3.91
N GLU C 427 -8.27 3.70 4.95
CA GLU C 427 -9.70 3.95 5.06
C GLU C 427 -10.22 4.76 3.87
N ALA C 428 -9.46 5.77 3.43
CA ALA C 428 -9.87 6.58 2.29
C ALA C 428 -10.02 5.72 1.04
N ASP C 429 -9.10 4.76 0.85
CA ASP C 429 -9.20 3.86 -0.29
C ASP C 429 -10.45 3.00 -0.20
N VAL C 430 -10.71 2.44 0.99
CA VAL C 430 -11.91 1.64 1.20
C VAL C 430 -13.16 2.46 0.88
N LEU C 431 -13.20 3.71 1.36
CA LEU C 431 -14.36 4.56 1.10
C LEU C 431 -14.46 4.95 -0.37
N GLU C 432 -13.34 5.09 -1.08
CA GLU C 432 -13.41 5.37 -2.50
C GLU C 432 -13.96 4.17 -3.26
N VAL C 433 -13.52 2.95 -2.91
CA VAL C 433 -14.06 1.75 -3.52
C VAL C 433 -15.56 1.67 -3.33
N ASP C 434 -16.03 1.94 -2.09
CA ASP C 434 -17.46 1.96 -1.82
C ASP C 434 -18.19 2.92 -2.73
N GLN C 435 -17.69 4.15 -2.84
CA GLN C 435 -18.33 5.16 -3.68
C GLN C 435 -18.26 4.79 -5.15
N GLY C 436 -17.18 4.12 -5.57
CA GLY C 436 -17.05 3.74 -6.97
C GLY C 436 -18.15 2.79 -7.42
N PHE C 437 -18.56 1.88 -6.55
CA PHE C 437 -19.65 0.98 -6.89
C PHE C 437 -20.95 1.75 -7.13
N ASP C 438 -21.26 2.69 -6.23
CA ASP C 438 -22.47 3.49 -6.40
C ASP C 438 -22.37 4.42 -7.60
N ASP C 439 -21.22 5.05 -7.79
CA ASP C 439 -21.04 5.99 -8.90
C ASP C 439 -21.08 5.28 -10.26
N HIS C 440 -20.85 3.97 -10.28
CA HIS C 440 -20.88 3.23 -11.54
C HIS C 440 -22.00 2.21 -11.58
N ASN C 441 -22.97 2.31 -10.66
CA ASN C 441 -24.19 1.51 -10.69
C ASN C 441 -23.88 0.01 -10.75
N MET C 442 -23.12 -0.45 -9.75
CA MET C 442 -22.80 -1.86 -9.61
C MET C 442 -23.07 -2.27 -8.16
N PRO C 443 -23.82 -3.35 -7.94
CA PRO C 443 -24.06 -3.78 -6.55
C PRO C 443 -22.81 -4.39 -5.94
N CYS C 444 -22.71 -4.27 -4.62
CA CYS C 444 -21.62 -4.87 -3.86
C CYS C 444 -21.96 -4.88 -2.38
N ASP C 445 -21.76 -6.01 -1.71
CA ASP C 445 -22.14 -6.15 -0.31
C ASP C 445 -20.97 -5.99 0.65
N VAL C 446 -19.79 -6.51 0.31
CA VAL C 446 -18.67 -6.57 1.24
C VAL C 446 -17.41 -6.09 0.57
N ILE C 447 -16.61 -5.30 1.30
CA ILE C 447 -15.27 -4.91 0.92
C ILE C 447 -14.30 -5.53 1.92
N TRP C 448 -13.20 -6.08 1.42
CA TRP C 448 -12.32 -6.90 2.22
C TRP C 448 -10.99 -6.21 2.51
N LEU C 449 -10.43 -6.50 3.68
CA LEU C 449 -9.16 -5.95 4.15
C LEU C 449 -8.19 -7.09 4.37
N ASP C 450 -7.18 -7.18 3.50
CA ASP C 450 -6.16 -8.22 3.61
C ASP C 450 -5.15 -7.82 4.69
N ILE C 451 -4.03 -8.55 4.76
CA ILE C 451 -3.14 -8.47 5.91
C ILE C 451 -2.51 -7.10 6.11
N GLU C 452 -2.48 -6.25 5.08
CA GLU C 452 -1.83 -4.95 5.28
C GLU C 452 -2.66 -3.99 6.12
N HIS C 453 -3.90 -4.34 6.47
CA HIS C 453 -4.72 -3.46 7.30
C HIS C 453 -4.30 -3.48 8.77
N ALA C 454 -3.59 -4.52 9.20
CA ALA C 454 -3.19 -4.64 10.60
C ALA C 454 -1.84 -3.96 10.82
N ASP C 455 -1.42 -3.94 12.09
CA ASP C 455 -0.14 -3.34 12.48
C ASP C 455 0.95 -4.39 12.29
N GLY C 456 1.64 -4.33 11.16
CA GLY C 456 2.75 -5.23 10.90
C GLY C 456 2.40 -6.70 10.99
N LYS C 457 1.20 -7.06 10.51
CA LYS C 457 0.71 -8.44 10.54
C LYS C 457 0.52 -8.96 11.96
N ARG C 458 0.23 -8.05 12.91
CA ARG C 458 -0.27 -8.43 14.21
C ARG C 458 -1.79 -8.43 14.13
N TYR C 459 -2.39 -9.62 14.10
CA TYR C 459 -3.82 -9.71 13.85
C TYR C 459 -4.59 -9.23 15.07
N PHE C 460 -5.85 -8.86 14.82
CA PHE C 460 -6.73 -8.12 15.75
C PHE C 460 -6.27 -6.69 15.98
N THR C 461 -5.37 -6.17 15.15
CA THR C 461 -4.90 -4.80 15.29
C THR C 461 -5.14 -4.03 14.00
N TRP C 462 -4.95 -2.72 14.09
CA TRP C 462 -5.13 -1.82 12.97
C TRP C 462 -3.87 -0.97 12.80
N ASP C 463 -3.43 -0.81 11.57
CA ASP C 463 -2.27 0.04 11.32
C ASP C 463 -2.58 1.45 11.82
N PRO C 464 -1.77 2.01 12.71
CA PRO C 464 -2.15 3.29 13.36
C PRO C 464 -2.18 4.47 12.42
N THR C 465 -1.56 4.39 11.24
CA THR C 465 -1.56 5.49 10.29
C THR C 465 -2.65 5.34 9.22
N ARG C 466 -2.75 4.17 8.59
CA ARG C 466 -3.65 4.00 7.46
C ARG C 466 -5.05 3.57 7.88
N PHE C 467 -5.22 3.03 9.09
CA PHE C 467 -6.53 2.67 9.62
C PHE C 467 -6.64 3.15 11.06
N PRO C 468 -6.58 4.47 11.29
CA PRO C 468 -6.60 4.98 12.67
C PRO C 468 -7.97 4.96 13.33
N GLN C 469 -9.05 4.95 12.55
CA GLN C 469 -10.42 4.99 13.09
C GLN C 469 -11.27 3.93 12.40
N PRO C 470 -11.07 2.65 12.74
CA PRO C 470 -11.88 1.60 12.08
C PRO C 470 -13.37 1.74 12.34
N LEU C 471 -13.77 2.15 13.56
CA LEU C 471 -15.19 2.30 13.85
C LEU C 471 -15.86 3.30 12.91
N ASN C 472 -15.18 4.42 12.62
CA ASN C 472 -15.77 5.40 11.71
C ASN C 472 -15.85 4.87 10.29
N MET C 473 -14.84 4.11 9.86
CA MET C 473 -14.90 3.47 8.56
C MET C 473 -16.08 2.50 8.49
N LEU C 474 -16.24 1.68 9.54
CA LEU C 474 -17.34 0.73 9.57
C LEU C 474 -18.70 1.42 9.62
N GLU C 475 -18.79 2.56 10.30
CA GLU C 475 -20.05 3.28 10.35
C GLU C 475 -20.41 3.86 8.98
N HIS C 476 -19.40 4.31 8.22
CA HIS C 476 -19.66 4.82 6.88
CA HIS C 476 -19.66 4.82 6.88
C HIS C 476 -20.21 3.72 5.98
N LEU C 477 -19.62 2.52 6.02
CA LEU C 477 -20.13 1.40 5.25
C LEU C 477 -21.51 0.99 5.74
N ALA C 478 -21.72 1.00 7.06
CA ALA C 478 -23.05 0.68 7.59
C ALA C 478 -24.10 1.65 7.06
N SER C 479 -23.76 2.93 6.92
CA SER C 479 -24.71 3.88 6.37
C SER C 479 -24.98 3.64 4.90
N LYS C 480 -24.07 2.98 4.21
CA LYS C 480 -24.31 2.45 2.87
C LYS C 480 -24.91 1.05 2.91
N ARG C 481 -25.16 0.52 4.11
CA ARG C 481 -25.72 -0.81 4.29
C ARG C 481 -24.84 -1.87 3.63
N ARG C 482 -23.55 -1.79 3.92
CA ARG C 482 -22.55 -2.73 3.43
C ARG C 482 -21.73 -3.24 4.59
N LYS C 483 -21.03 -4.35 4.37
CA LYS C 483 -20.21 -4.98 5.38
C LYS C 483 -18.73 -4.88 5.02
N LEU C 484 -17.90 -5.32 5.95
CA LEU C 484 -16.46 -5.38 5.76
C LEU C 484 -15.95 -6.70 6.33
N VAL C 485 -14.94 -7.27 5.68
CA VAL C 485 -14.27 -8.47 6.16
C VAL C 485 -12.80 -8.13 6.44
N ALA C 486 -12.33 -8.51 7.62
CA ALA C 486 -10.94 -8.35 8.01
C ALA C 486 -10.30 -9.72 8.19
N ILE C 487 -9.07 -9.86 7.69
CA ILE C 487 -8.37 -11.14 7.75
C ILE C 487 -7.78 -11.32 9.14
N VAL C 488 -7.87 -12.55 9.65
CA VAL C 488 -7.29 -12.93 10.94
C VAL C 488 -6.67 -14.30 10.74
N ASP C 489 -5.34 -14.36 10.71
CA ASP C 489 -4.62 -15.61 10.47
C ASP C 489 -4.22 -16.27 11.78
N PRO C 490 -4.00 -17.58 11.78
CA PRO C 490 -3.69 -18.30 13.03
C PRO C 490 -2.22 -18.28 13.44
N HIS C 491 -1.37 -17.45 12.85
CA HIS C 491 -0.01 -17.29 13.32
C HIS C 491 0.13 -15.97 14.06
N ILE C 492 0.80 -16.00 15.22
CA ILE C 492 0.89 -14.86 16.12
C ILE C 492 2.35 -14.42 16.18
N LYS C 493 2.59 -13.14 15.86
CA LYS C 493 3.95 -12.62 15.85
C LYS C 493 4.60 -12.72 17.23
N VAL C 494 5.81 -13.25 17.26
CA VAL C 494 6.58 -13.31 18.50
C VAL C 494 7.05 -11.89 18.81
N ASP C 495 6.40 -11.26 19.79
CA ASP C 495 6.59 -9.83 20.04
C ASP C 495 6.08 -9.55 21.44
N SER C 496 7.00 -9.23 22.36
CA SER C 496 6.62 -9.01 23.75
C SER C 496 5.71 -7.80 23.93
N GLY C 497 5.63 -6.92 22.94
CA GLY C 497 4.68 -5.83 22.99
C GLY C 497 3.33 -6.16 22.39
N TYR C 498 3.17 -7.36 21.85
CA TYR C 498 1.93 -7.80 21.22
C TYR C 498 1.11 -8.54 22.27
N ARG C 499 0.01 -7.92 22.70
CA ARG C 499 -0.76 -8.45 23.82
C ARG C 499 -1.27 -9.86 23.55
N VAL C 500 -1.73 -10.12 22.31
CA VAL C 500 -2.20 -11.46 21.97
C VAL C 500 -1.10 -12.49 22.18
N HIS C 501 0.12 -12.18 21.75
CA HIS C 501 1.23 -13.11 21.94
C HIS C 501 1.52 -13.32 23.42
N GLU C 502 1.49 -12.25 24.21
CA GLU C 502 1.82 -12.37 25.63
C GLU C 502 0.78 -13.23 26.36
N GLU C 503 -0.50 -13.05 26.04
CA GLU C 503 -1.54 -13.82 26.71
C GLU C 503 -1.43 -15.31 26.38
N LEU C 504 -1.29 -15.64 25.10
CA LEU C 504 -1.18 -17.04 24.70
C LEU C 504 0.10 -17.67 25.26
N ARG C 505 1.20 -16.91 25.28
CA ARG C 505 2.44 -17.41 25.86
C ARG C 505 2.28 -17.68 27.34
N ASN C 506 1.68 -16.74 28.08
CA ASN C 506 1.57 -16.89 29.52
C ASN C 506 0.60 -18.01 29.90
N HIS C 507 -0.39 -18.30 29.05
CA HIS C 507 -1.40 -19.31 29.35
C HIS C 507 -1.11 -20.65 28.68
N GLY C 508 0.06 -20.82 28.08
CA GLY C 508 0.44 -22.10 27.51
C GLY C 508 -0.48 -22.60 26.42
N LEU C 509 -0.98 -21.70 25.58
CA LEU C 509 -1.93 -22.06 24.54
C LEU C 509 -1.28 -22.21 23.18
N TYR C 510 0.05 -22.22 23.12
CA TYR C 510 0.77 -22.38 21.86
C TYR C 510 1.06 -23.84 21.59
N VAL C 511 1.12 -24.20 20.30
CA VAL C 511 1.67 -25.48 19.91
C VAL C 511 3.11 -25.57 20.37
N LYS C 512 3.53 -26.74 20.82
CA LYS C 512 4.83 -26.88 21.44
C LYS C 512 5.71 -27.89 20.73
N THR C 513 7.01 -27.72 20.95
CA THR C 513 8.03 -28.66 20.51
C THR C 513 8.31 -29.69 21.60
N ARG C 514 9.13 -30.68 21.26
CA ARG C 514 9.41 -31.77 22.19
C ARG C 514 10.19 -31.31 23.42
N ASP C 515 10.92 -30.19 23.33
CA ASP C 515 11.67 -29.71 24.48
C ASP C 515 10.84 -28.85 25.43
N GLY C 516 9.55 -28.63 25.14
CA GLY C 516 8.68 -27.90 26.03
C GLY C 516 8.53 -26.42 25.72
N SER C 517 9.25 -25.91 24.72
CA SER C 517 9.09 -24.52 24.33
C SER C 517 8.02 -24.39 23.25
N ASP C 518 7.53 -23.16 23.08
CA ASP C 518 6.52 -22.89 22.07
C ASP C 518 7.14 -22.96 20.68
N TYR C 519 6.47 -23.65 19.76
CA TYR C 519 6.95 -23.73 18.39
C TYR C 519 7.01 -22.34 17.78
N GLU C 520 8.10 -22.07 17.06
CA GLU C 520 8.27 -20.81 16.35
C GLU C 520 8.59 -21.09 14.90
N GLY C 521 7.76 -20.58 14.00
CA GLY C 521 8.05 -20.66 12.59
C GLY C 521 8.16 -19.28 11.99
N TRP C 522 8.21 -19.20 10.66
CA TRP C 522 8.32 -17.93 9.96
C TRP C 522 7.09 -17.78 9.07
N CYS C 523 6.43 -16.64 9.16
CA CYS C 523 5.28 -16.36 8.33
C CYS C 523 5.25 -14.86 8.04
N TRP C 524 4.06 -14.34 7.71
CA TRP C 524 3.93 -12.93 7.35
C TRP C 524 4.59 -11.95 8.32
N PRO C 525 4.44 -12.07 9.65
CA PRO C 525 5.11 -11.12 10.55
C PRO C 525 6.55 -11.46 10.89
N GLY C 526 7.18 -12.37 10.16
CA GLY C 526 8.48 -12.88 10.54
C GLY C 526 8.33 -14.09 11.45
N SER C 527 9.03 -14.07 12.58
CA SER C 527 8.92 -15.16 13.54
CA SER C 527 8.92 -15.16 13.54
C SER C 527 7.53 -15.18 14.15
N ALA C 528 6.88 -16.34 14.13
CA ALA C 528 5.52 -16.46 14.61
C ALA C 528 5.34 -17.78 15.34
N SER C 529 4.42 -17.77 16.30
CA SER C 529 3.98 -18.97 17.00
C SER C 529 2.55 -19.30 16.60
N TYR C 530 2.13 -20.51 16.93
CA TYR C 530 0.88 -21.06 16.44
C TYR C 530 -0.01 -21.51 17.59
N PRO C 531 -1.16 -20.87 17.81
CA PRO C 531 -2.05 -21.34 18.87
C PRO C 531 -2.52 -22.76 18.62
N ASP C 532 -2.64 -23.53 19.70
CA ASP C 532 -3.07 -24.91 19.61
C ASP C 532 -4.59 -24.93 19.53
N PHE C 533 -5.12 -24.84 18.32
CA PHE C 533 -6.56 -24.81 18.14
C PHE C 533 -7.22 -26.15 18.42
N THR C 534 -6.46 -27.24 18.54
CA THR C 534 -7.05 -28.49 19.02
C THR C 534 -7.36 -28.42 20.50
N ASN C 535 -6.82 -27.45 21.21
CA ASN C 535 -7.08 -27.30 22.65
C ASN C 535 -8.40 -26.56 22.85
N PRO C 536 -9.39 -27.17 23.51
CA PRO C 536 -10.67 -26.47 23.70
C PRO C 536 -10.55 -25.18 24.49
N ARG C 537 -9.58 -25.09 25.41
CA ARG C 537 -9.37 -23.85 26.14
C ARG C 537 -8.84 -22.76 25.23
N MET C 538 -8.05 -23.13 24.22
CA MET C 538 -7.56 -22.15 23.26
CA MET C 538 -7.56 -22.15 23.26
C MET C 538 -8.68 -21.66 22.34
N ARG C 539 -9.53 -22.58 21.88
CA ARG C 539 -10.66 -22.18 21.05
C ARG C 539 -11.59 -21.23 21.81
N ALA C 540 -11.78 -21.46 23.10
CA ALA C 540 -12.58 -20.55 23.91
C ALA C 540 -11.93 -19.18 24.00
N TRP C 541 -10.60 -19.14 24.19
CA TRP C 541 -9.89 -17.87 24.21
C TRP C 541 -10.05 -17.13 22.88
N TRP C 542 -9.84 -17.84 21.76
CA TRP C 542 -9.98 -17.27 20.43
C TRP C 542 -11.38 -16.70 20.23
N SER C 543 -12.41 -17.48 20.59
CA SER C 543 -13.78 -17.01 20.42
CA SER C 543 -13.78 -17.02 20.43
C SER C 543 -14.05 -15.77 21.24
N ASN C 544 -13.56 -15.73 22.49
CA ASN C 544 -13.76 -14.56 23.33
C ASN C 544 -12.99 -13.35 22.82
N MET C 545 -11.92 -13.56 22.05
CA MET C 545 -11.14 -12.46 21.51
C MET C 545 -11.93 -11.62 20.52
N PHE C 546 -12.98 -12.17 19.91
CA PHE C 546 -13.78 -11.44 18.94
C PHE C 546 -14.89 -10.61 19.57
N SER C 547 -14.92 -10.50 20.89
CA SER C 547 -15.86 -9.59 21.53
C SER C 547 -15.51 -8.14 21.19
N PHE C 548 -16.51 -7.28 21.19
CA PHE C 548 -16.29 -5.89 20.85
C PHE C 548 -15.37 -5.19 21.86
N ASP C 549 -15.25 -5.73 23.06
CA ASP C 549 -14.31 -5.18 24.04
C ASP C 549 -12.88 -5.61 23.78
N ASN C 550 -12.66 -6.83 23.29
CA ASN C 550 -11.32 -7.34 23.07
C ASN C 550 -10.79 -6.98 21.69
N TYR C 551 -11.59 -7.16 20.65
CA TYR C 551 -11.21 -6.80 19.29
C TYR C 551 -11.58 -5.33 19.08
N GLU C 552 -10.76 -4.46 19.64
CA GLU C 552 -11.03 -3.02 19.54
C GLU C 552 -11.06 -2.59 18.08
N GLY C 553 -12.04 -1.76 17.74
CA GLY C 553 -12.26 -1.32 16.39
C GLY C 553 -13.23 -2.17 15.59
N SER C 554 -13.69 -3.29 16.14
CA SER C 554 -14.66 -4.13 15.44
C SER C 554 -16.08 -3.67 15.72
N ALA C 555 -16.98 -4.04 14.83
CA ALA C 555 -18.38 -3.63 14.89
C ALA C 555 -19.22 -4.75 14.31
N PRO C 556 -20.55 -4.71 14.51
CA PRO C 556 -21.39 -5.83 14.04
C PRO C 556 -21.31 -6.09 12.55
N ASN C 557 -20.98 -5.09 11.73
CA ASN C 557 -20.85 -5.31 10.29
C ASN C 557 -19.42 -5.62 9.85
N LEU C 558 -18.59 -6.12 10.77
CA LEU C 558 -17.25 -6.60 10.44
CA LEU C 558 -17.25 -6.60 10.45
C LEU C 558 -17.22 -8.11 10.59
N TYR C 559 -16.80 -8.80 9.53
CA TYR C 559 -16.70 -10.24 9.51
C TYR C 559 -15.27 -10.64 9.23
N VAL C 560 -14.99 -11.95 9.25
CA VAL C 560 -13.62 -12.44 9.41
C VAL C 560 -13.25 -13.40 8.29
N TRP C 561 -11.99 -13.34 7.88
CA TRP C 561 -11.41 -14.24 6.88
C TRP C 561 -10.25 -14.98 7.54
N ASN C 562 -10.32 -16.31 7.56
CA ASN C 562 -9.24 -17.14 8.09
C ASN C 562 -8.42 -17.69 6.95
N ASP C 563 -7.14 -17.32 6.89
CA ASP C 563 -6.22 -17.75 5.85
C ASP C 563 -5.03 -18.45 6.49
N MET C 564 -4.27 -19.17 5.67
CA MET C 564 -3.02 -19.82 6.09
C MET C 564 -3.22 -20.83 7.22
N ASN C 565 -4.43 -21.35 7.38
CA ASN C 565 -4.74 -22.21 8.53
C ASN C 565 -4.49 -23.69 8.23
N GLU C 566 -3.60 -24.00 7.30
CA GLU C 566 -3.24 -25.40 7.06
C GLU C 566 -2.60 -26.11 8.25
N PRO C 567 -1.69 -25.49 9.05
CA PRO C 567 -1.13 -24.13 9.03
C PRO C 567 0.02 -23.96 8.06
N SER C 568 0.12 -22.77 7.48
CA SER C 568 1.24 -22.44 6.60
C SER C 568 2.43 -21.98 7.45
N VAL C 569 3.59 -22.58 7.20
CA VAL C 569 4.84 -22.24 7.90
C VAL C 569 5.92 -22.16 6.83
N PHE C 570 6.42 -20.94 6.57
CA PHE C 570 7.25 -20.72 5.39
C PHE C 570 8.54 -21.54 5.44
N ASN C 571 9.15 -21.67 6.62
CA ASN C 571 10.38 -22.42 6.77
C ASN C 571 10.15 -23.85 7.26
N GLY C 572 8.91 -24.33 7.19
CA GLY C 572 8.58 -25.65 7.65
C GLY C 572 8.64 -26.67 6.53
N PRO C 573 8.63 -27.96 6.89
CA PRO C 573 8.64 -29.01 5.85
C PRO C 573 7.34 -28.98 5.06
N GLU C 574 7.46 -28.93 3.74
CA GLU C 574 6.32 -28.77 2.84
C GLU C 574 5.50 -27.54 3.20
N VAL C 575 6.17 -26.52 3.73
CA VAL C 575 5.59 -25.23 4.09
C VAL C 575 4.50 -25.39 5.14
N THR C 576 4.68 -26.34 6.06
CA THR C 576 3.72 -26.53 7.13
C THR C 576 4.46 -26.92 8.41
N MET C 577 3.69 -27.28 9.43
CA MET C 577 4.21 -27.57 10.76
CA MET C 577 4.23 -27.56 10.75
C MET C 577 4.93 -28.92 10.80
N LEU C 578 5.96 -28.99 11.63
CA LEU C 578 6.70 -30.23 11.82
C LEU C 578 5.79 -31.34 12.30
N LYS C 579 6.01 -32.56 11.80
CA LYS C 579 5.19 -33.71 12.18
C LYS C 579 5.28 -34.01 13.67
N ASP C 580 6.41 -33.69 14.30
CA ASP C 580 6.68 -34.07 15.68
C ASP C 580 6.46 -32.92 16.66
N ALA C 581 5.77 -31.85 16.25
CA ALA C 581 5.27 -30.89 17.21
C ALA C 581 4.17 -31.52 18.06
N VAL C 582 3.96 -30.96 19.25
CA VAL C 582 3.10 -31.58 20.26
C VAL C 582 1.91 -30.66 20.52
N HIS C 583 0.72 -31.25 20.56
CA HIS C 583 -0.54 -30.55 20.76
C HIS C 583 -1.20 -30.99 22.07
N TYR C 584 -2.39 -30.44 22.29
CA TYR C 584 -3.25 -30.81 23.41
C TYR C 584 -3.37 -32.31 23.56
N GLY C 585 -3.17 -32.80 24.79
CA GLY C 585 -3.26 -34.23 25.05
C GLY C 585 -2.04 -35.04 24.69
N GLY C 586 -0.95 -34.39 24.28
CA GLY C 586 0.27 -35.08 23.93
C GLY C 586 0.31 -35.58 22.50
N TRP C 587 -0.76 -35.38 21.74
CA TRP C 587 -0.81 -35.87 20.38
C TRP C 587 0.16 -35.09 19.49
N GLU C 588 0.76 -35.79 18.54
CA GLU C 588 1.65 -35.16 17.60
C GLU C 588 0.85 -34.40 16.54
N HIS C 589 1.55 -33.50 15.85
CA HIS C 589 0.91 -32.79 14.75
C HIS C 589 0.51 -33.74 13.63
N ARG C 590 1.27 -34.82 13.45
CA ARG C 590 0.92 -35.79 12.41
C ARG C 590 -0.42 -36.46 12.69
N ASP C 591 -0.85 -36.49 13.95
CA ASP C 591 -2.13 -37.10 14.29
C ASP C 591 -3.30 -36.20 13.92
N ILE C 592 -3.13 -34.89 14.02
CA ILE C 592 -4.24 -33.95 14.01
C ILE C 592 -4.24 -33.02 12.80
N HIS C 593 -3.25 -33.15 11.90
CA HIS C 593 -2.94 -32.07 10.97
C HIS C 593 -4.17 -31.57 10.20
N ASN C 594 -4.95 -32.49 9.66
CA ASN C 594 -6.01 -32.11 8.72
C ASN C 594 -7.25 -31.53 9.41
N ILE C 595 -7.29 -31.44 10.73
CA ILE C 595 -8.38 -30.76 11.42
C ILE C 595 -7.91 -29.50 12.13
N TYR C 596 -6.65 -29.11 11.96
CA TYR C 596 -6.18 -27.84 12.55
C TYR C 596 -6.93 -26.65 11.95
N GLY C 597 -7.08 -26.63 10.62
CA GLY C 597 -7.78 -25.53 9.99
C GLY C 597 -9.25 -25.48 10.37
N LEU C 598 -9.90 -26.65 10.43
CA LEU C 598 -11.31 -26.69 10.80
C LEU C 598 -11.53 -26.08 12.19
N TYR C 599 -10.62 -26.36 13.13
CA TYR C 599 -10.73 -25.78 14.46
C TYR C 599 -10.63 -24.26 14.41
N VAL C 600 -9.76 -23.72 13.56
CA VAL C 600 -9.66 -22.27 13.39
C VAL C 600 -10.98 -21.71 12.88
N HIS C 601 -11.49 -22.29 11.80
CA HIS C 601 -12.79 -21.90 11.26
C HIS C 601 -13.88 -21.99 12.33
N MET C 602 -13.85 -23.06 13.13
CA MET C 602 -14.88 -23.26 14.15
C MET C 602 -14.81 -22.21 15.25
N ALA C 603 -13.61 -21.97 15.78
CA ALA C 603 -13.46 -21.00 16.87
C ALA C 603 -13.78 -19.59 16.41
N THR C 604 -13.37 -19.22 15.20
CA THR C 604 -13.70 -17.89 14.67
C THR C 604 -15.20 -17.71 14.52
N ALA C 605 -15.87 -18.68 13.90
CA ALA C 605 -17.31 -18.58 13.72
C ALA C 605 -18.03 -18.50 15.07
N ASP C 606 -17.63 -19.32 16.04
CA ASP C 606 -18.20 -19.23 17.37
C ASP C 606 -17.97 -17.85 17.98
N GLY C 607 -16.81 -17.24 17.70
CA GLY C 607 -16.54 -15.91 18.23
C GLY C 607 -17.49 -14.86 17.68
N LEU C 608 -17.79 -14.93 16.38
CA LEU C 608 -18.74 -13.98 15.79
C LEU C 608 -20.15 -14.18 16.32
N ILE C 609 -20.49 -15.40 16.74
CA ILE C 609 -21.80 -15.64 17.33
C ILE C 609 -21.85 -15.11 18.75
N GLN C 610 -20.82 -15.41 19.55
CA GLN C 610 -20.84 -15.03 20.96
C GLN C 610 -20.79 -13.51 21.13
N ARG C 611 -20.00 -12.82 20.31
CA ARG C 611 -19.85 -11.37 20.46
C ARG C 611 -21.20 -10.65 20.35
N SER C 612 -22.19 -11.27 19.73
CA SER C 612 -23.52 -10.70 19.56
C SER C 612 -24.51 -11.19 20.60
N GLY C 613 -24.07 -12.00 21.56
CA GLY C 613 -25.00 -12.61 22.48
C GLY C 613 -25.71 -13.83 21.93
N GLY C 614 -25.16 -14.46 20.89
CA GLY C 614 -25.76 -15.64 20.31
C GLY C 614 -26.89 -15.38 19.34
N ILE C 615 -26.97 -14.17 18.79
CA ILE C 615 -28.09 -13.78 17.92
C ILE C 615 -27.69 -13.80 16.46
N GLU C 616 -26.52 -13.24 16.14
CA GLU C 616 -26.15 -13.04 14.74
C GLU C 616 -25.51 -14.29 14.15
N ARG C 617 -25.86 -14.58 12.89
CA ARG C 617 -25.19 -15.67 12.20
C ARG C 617 -23.80 -15.21 11.75
N PRO C 618 -22.81 -16.09 11.76
CA PRO C 618 -21.46 -15.68 11.36
C PRO C 618 -21.27 -15.75 9.85
N PHE C 619 -20.20 -15.09 9.40
CA PHE C 619 -19.61 -15.38 8.11
C PHE C 619 -18.10 -15.46 8.28
N VAL C 620 -17.53 -16.61 7.99
CA VAL C 620 -16.08 -16.81 8.06
C VAL C 620 -15.65 -17.58 6.81
N LEU C 621 -14.72 -17.00 6.06
CA LEU C 621 -14.07 -17.71 4.97
C LEU C 621 -12.82 -18.39 5.50
N SER C 622 -12.60 -19.63 5.06
CA SER C 622 -11.45 -20.43 5.49
C SER C 622 -10.77 -21.04 4.28
N ARG C 623 -9.45 -21.18 4.35
CA ARG C 623 -8.72 -21.83 3.26
C ARG C 623 -8.57 -23.33 3.50
N ALA C 624 -8.11 -23.71 4.69
CA ALA C 624 -8.03 -25.11 5.05
C ALA C 624 -9.38 -25.60 5.58
N PHE C 625 -9.64 -26.89 5.43
CA PHE C 625 -10.92 -27.44 5.85
C PHE C 625 -10.80 -28.96 5.98
N PHE C 626 -11.80 -29.55 6.63
CA PHE C 626 -11.90 -30.99 6.82
C PHE C 626 -13.38 -31.36 6.73
N SER C 627 -13.66 -32.67 6.84
CA SER C 627 -15.02 -33.11 7.03
C SER C 627 -15.64 -32.36 8.21
N GLY C 628 -16.83 -31.80 7.98
CA GLY C 628 -17.49 -31.01 8.99
C GLY C 628 -17.29 -29.50 8.86
N SER C 629 -16.35 -29.06 8.01
CA SER C 629 -16.13 -27.63 7.85
C SER C 629 -17.36 -26.90 7.31
N GLN C 630 -18.29 -27.63 6.69
CA GLN C 630 -19.49 -27.01 6.13
C GLN C 630 -20.35 -26.31 7.16
N ARG C 631 -20.27 -26.70 8.43
N ARG C 631 -20.28 -26.70 8.43
CA ARG C 631 -21.11 -26.09 9.46
CA ARG C 631 -21.11 -26.09 9.46
C ARG C 631 -20.49 -24.83 10.06
C ARG C 631 -20.48 -24.85 10.07
N PHE C 632 -19.46 -24.26 9.44
CA PHE C 632 -18.82 -23.06 9.95
C PHE C 632 -18.69 -21.92 8.94
N GLY C 633 -19.03 -22.13 7.67
CA GLY C 633 -19.01 -21.02 6.74
C GLY C 633 -18.62 -21.36 5.32
N ALA C 634 -17.67 -20.62 4.76
CA ALA C 634 -17.29 -20.75 3.36
C ALA C 634 -15.83 -21.14 3.22
N VAL C 635 -15.49 -21.69 2.05
CA VAL C 635 -14.13 -21.98 1.65
C VAL C 635 -13.93 -21.50 0.22
N TRP C 636 -12.67 -21.35 -0.17
CA TRP C 636 -12.34 -21.05 -1.56
C TRP C 636 -11.08 -21.79 -1.95
N THR C 637 -10.83 -21.87 -3.27
CA THR C 637 -9.78 -22.72 -3.81
C THR C 637 -8.40 -22.06 -3.80
N GLY C 638 -8.18 -21.11 -2.89
CA GLY C 638 -6.84 -20.58 -2.69
C GLY C 638 -6.33 -19.74 -3.85
N ASP C 639 -5.02 -19.83 -4.08
CA ASP C 639 -4.30 -18.93 -4.98
C ASP C 639 -4.32 -19.50 -6.40
N ASN C 640 -5.38 -19.18 -7.13
CA ASN C 640 -5.43 -19.52 -8.54
C ASN C 640 -4.71 -18.46 -9.36
N THR C 641 -4.75 -18.59 -10.68
CA THR C 641 -3.98 -17.75 -11.58
C THR C 641 -4.88 -17.20 -12.68
N ALA C 642 -4.61 -15.97 -13.09
CA ALA C 642 -5.37 -15.31 -14.15
C ALA C 642 -5.16 -15.97 -15.50
N GLU C 643 -5.68 -17.18 -15.67
CA GLU C 643 -5.56 -17.92 -16.91
C GLU C 643 -6.86 -18.64 -17.21
N TRP C 644 -7.14 -18.85 -18.50
CA TRP C 644 -8.42 -19.41 -18.91
C TRP C 644 -8.64 -20.81 -18.35
N ASP C 645 -7.57 -21.61 -18.25
CA ASP C 645 -7.72 -22.95 -17.70
C ASP C 645 -8.04 -22.93 -16.21
N HIS C 646 -7.52 -21.93 -15.48
CA HIS C 646 -7.89 -21.80 -14.08
C HIS C 646 -9.35 -21.41 -13.92
N LEU C 647 -9.86 -20.57 -14.84
CA LEU C 647 -11.29 -20.30 -14.88
C LEU C 647 -12.09 -21.59 -15.05
N LYS C 648 -11.71 -22.42 -16.02
CA LYS C 648 -12.44 -23.66 -16.28
C LYS C 648 -12.48 -24.56 -15.05
N ILE C 649 -11.36 -24.68 -14.34
CA ILE C 649 -11.26 -25.68 -13.28
C ILE C 649 -12.03 -25.29 -12.03
N SER C 650 -12.56 -24.08 -11.97
CA SER C 650 -13.36 -23.69 -10.80
C SER C 650 -14.59 -24.57 -10.67
N ILE C 651 -15.19 -24.95 -11.79
CA ILE C 651 -16.39 -25.78 -11.78
C ILE C 651 -16.09 -27.14 -11.18
N PRO C 652 -15.15 -27.94 -11.71
CA PRO C 652 -14.91 -29.26 -11.10
C PRO C 652 -14.43 -29.18 -9.66
N MET C 653 -13.71 -28.12 -9.29
CA MET C 653 -13.18 -28.03 -7.93
C MET C 653 -14.31 -27.74 -6.93
N CYS C 654 -15.17 -26.76 -7.23
CA CYS C 654 -16.28 -26.51 -6.33
C CYS C 654 -17.31 -27.63 -6.37
N LEU C 655 -17.50 -28.26 -7.53
CA LEU C 655 -18.41 -29.40 -7.61
C LEU C 655 -17.93 -30.55 -6.74
N SER C 656 -16.61 -30.81 -6.73
CA SER C 656 -16.09 -31.90 -5.91
C SER C 656 -16.21 -31.57 -4.43
N LEU C 657 -16.20 -30.27 -4.07
CA LEU C 657 -16.47 -29.88 -2.69
C LEU C 657 -17.96 -29.96 -2.37
N ALA C 658 -18.81 -29.65 -3.35
CA ALA C 658 -20.25 -29.76 -3.14
C ALA C 658 -20.66 -31.19 -2.83
N LEU C 659 -20.09 -32.16 -3.54
CA LEU C 659 -20.46 -33.55 -3.36
C LEU C 659 -20.18 -34.06 -1.95
N VAL C 660 -19.26 -33.43 -1.22
CA VAL C 660 -18.87 -33.85 0.11
C VAL C 660 -19.36 -32.89 1.18
N GLY C 661 -20.38 -32.08 0.87
CA GLY C 661 -21.07 -31.29 1.87
C GLY C 661 -20.68 -29.84 1.94
N LEU C 662 -19.59 -29.44 1.29
CA LEU C 662 -19.14 -28.05 1.34
C LEU C 662 -19.77 -27.29 0.18
N SER C 663 -20.95 -26.72 0.43
CA SER C 663 -21.70 -26.03 -0.61
C SER C 663 -21.28 -24.58 -0.79
N PHE C 664 -20.62 -23.98 0.20
CA PHE C 664 -20.26 -22.56 0.16
C PHE C 664 -18.84 -22.42 -0.38
N CYS C 665 -18.71 -22.65 -1.69
CA CYS C 665 -17.43 -22.75 -2.37
C CYS C 665 -17.34 -21.71 -3.47
N GLY C 666 -16.11 -21.31 -3.78
CA GLY C 666 -15.88 -20.37 -4.86
C GLY C 666 -14.41 -20.30 -5.20
N ALA C 667 -14.13 -19.52 -6.24
CA ALA C 667 -12.76 -19.27 -6.68
C ALA C 667 -12.56 -17.77 -6.90
N ASP C 668 -11.32 -17.32 -6.68
CA ASP C 668 -11.00 -15.90 -6.84
C ASP C 668 -11.37 -15.45 -8.25
N VAL C 669 -12.30 -14.49 -8.33
CA VAL C 669 -12.76 -13.99 -9.61
C VAL C 669 -11.66 -13.14 -10.24
N GLY C 670 -11.23 -13.53 -11.45
CA GLY C 670 -10.14 -12.89 -12.13
C GLY C 670 -8.79 -13.54 -11.92
N GLY C 671 -8.70 -14.51 -11.01
CA GLY C 671 -7.44 -15.14 -10.69
C GLY C 671 -6.63 -14.35 -9.68
N PHE C 672 -5.98 -15.06 -8.75
CA PHE C 672 -5.18 -14.39 -7.74
C PHE C 672 -3.88 -13.86 -8.33
N PHE C 673 -3.07 -14.74 -8.91
CA PHE C 673 -1.82 -14.34 -9.53
C PHE C 673 -2.07 -13.73 -10.90
N LYS C 674 -1.22 -12.77 -11.26
CA LYS C 674 -1.16 -12.19 -12.60
C LYS C 674 -2.37 -11.31 -12.91
N ASN C 675 -2.33 -10.62 -14.05
CA ASN C 675 -3.37 -9.69 -14.45
C ASN C 675 -4.17 -10.29 -15.59
N PRO C 676 -5.47 -10.51 -15.44
CA PRO C 676 -6.25 -11.09 -16.52
C PRO C 676 -6.54 -10.06 -17.61
N GLU C 677 -6.56 -10.55 -18.86
CA GLU C 677 -7.03 -9.72 -19.95
C GLU C 677 -8.49 -9.36 -19.69
N PRO C 678 -8.96 -8.21 -20.17
CA PRO C 678 -10.34 -7.78 -19.86
C PRO C 678 -11.40 -8.81 -20.23
N GLU C 679 -11.23 -9.53 -21.33
CA GLU C 679 -12.21 -10.54 -21.72
C GLU C 679 -12.25 -11.68 -20.71
N LEU C 680 -11.09 -12.09 -20.20
CA LEU C 680 -11.06 -13.14 -19.18
C LEU C 680 -11.73 -12.67 -17.90
N LEU C 681 -11.51 -11.42 -17.49
CA LEU C 681 -12.13 -10.91 -16.28
C LEU C 681 -13.65 -10.87 -16.41
N VAL C 682 -14.15 -10.49 -17.59
CA VAL C 682 -15.59 -10.51 -17.84
C VAL C 682 -16.12 -11.93 -17.71
N ARG C 683 -15.49 -12.87 -18.41
CA ARG C 683 -15.91 -14.27 -18.35
C ARG C 683 -15.82 -14.82 -16.93
N TRP C 684 -14.88 -14.31 -16.13
CA TRP C 684 -14.78 -14.80 -14.76
C TRP C 684 -15.90 -14.24 -13.88
N TYR C 685 -16.29 -12.98 -14.11
CA TYR C 685 -17.43 -12.42 -13.38
C TYR C 685 -18.71 -13.19 -13.70
N GLN C 686 -18.90 -13.55 -14.98
CA GLN C 686 -20.07 -14.33 -15.35
C GLN C 686 -20.04 -15.71 -14.72
N MET C 687 -18.87 -16.34 -14.71
CA MET C 687 -18.73 -17.64 -14.04
C MET C 687 -18.93 -17.52 -12.53
N GLY C 688 -18.28 -16.54 -11.91
CA GLY C 688 -18.40 -16.37 -10.48
C GLY C 688 -19.79 -16.00 -10.03
N ALA C 689 -20.51 -15.22 -10.84
CA ALA C 689 -21.87 -14.81 -10.50
C ALA C 689 -22.81 -16.00 -10.30
N TYR C 690 -22.49 -17.15 -10.88
CA TYR C 690 -23.33 -18.34 -10.72
C TYR C 690 -22.66 -19.43 -9.90
N GLN C 691 -21.67 -19.07 -9.08
CA GLN C 691 -21.08 -19.99 -8.13
C GLN C 691 -21.33 -19.50 -6.71
N PRO C 692 -21.36 -20.41 -5.71
CA PRO C 692 -21.83 -20.03 -4.37
C PRO C 692 -21.10 -18.85 -3.75
N PHE C 693 -19.78 -18.94 -3.56
CA PHE C 693 -19.01 -17.83 -3.02
C PHE C 693 -18.45 -16.99 -4.16
N PHE C 694 -18.70 -15.69 -4.10
CA PHE C 694 -18.55 -14.77 -5.23
C PHE C 694 -17.64 -13.61 -4.80
N ARG C 695 -16.34 -13.77 -4.98
CA ARG C 695 -15.38 -12.77 -4.51
C ARG C 695 -14.29 -12.54 -5.55
N ALA C 696 -14.06 -11.26 -5.87
CA ALA C 696 -12.89 -10.86 -6.66
C ALA C 696 -11.71 -10.62 -5.73
N HIS C 697 -10.54 -11.12 -6.13
CA HIS C 697 -9.34 -11.01 -5.30
C HIS C 697 -8.13 -11.00 -6.20
N ALA C 698 -7.02 -10.46 -5.69
CA ALA C 698 -5.85 -10.21 -6.53
C ALA C 698 -4.60 -10.09 -5.67
N HIS C 699 -3.47 -10.49 -6.27
CA HIS C 699 -2.17 -10.47 -5.60
C HIS C 699 -1.69 -9.03 -5.39
N LEU C 700 -0.75 -8.89 -4.45
CA LEU C 700 -0.27 -7.58 -4.02
C LEU C 700 0.28 -6.75 -5.17
N ASP C 701 0.87 -7.40 -6.18
CA ASP C 701 1.56 -6.69 -7.26
C ASP C 701 0.73 -6.66 -8.55
N THR C 702 -0.52 -7.08 -8.50
CA THR C 702 -1.38 -6.97 -9.67
C THR C 702 -1.92 -5.55 -9.82
N GLY C 703 -2.28 -5.20 -11.05
CA GLY C 703 -2.93 -3.93 -11.27
C GLY C 703 -4.32 -3.91 -10.66
N ARG C 704 -4.75 -2.73 -10.24
CA ARG C 704 -6.10 -2.56 -9.74
C ARG C 704 -7.10 -2.96 -10.81
N ARG C 705 -8.07 -3.79 -10.43
CA ARG C 705 -9.08 -4.24 -11.39
C ARG C 705 -10.46 -4.19 -10.78
N GLU C 706 -10.76 -3.13 -10.04
CA GLU C 706 -12.16 -2.87 -9.69
C GLU C 706 -12.97 -2.76 -10.98
N PRO C 707 -14.18 -3.32 -11.01
CA PRO C 707 -14.83 -3.61 -12.32
C PRO C 707 -15.14 -2.37 -13.15
N TRP C 708 -15.14 -1.17 -12.58
CA TRP C 708 -15.39 0.02 -13.37
C TRP C 708 -14.15 0.60 -14.01
N LEU C 709 -12.96 0.05 -13.73
CA LEU C 709 -11.73 0.51 -14.35
C LEU C 709 -11.55 -0.02 -15.77
N LEU C 710 -12.50 -0.79 -16.28
CA LEU C 710 -12.42 -1.37 -17.62
C LEU C 710 -13.18 -0.49 -18.62
N ALA C 711 -12.95 -0.77 -19.90
CA ALA C 711 -13.69 -0.11 -20.97
C ALA C 711 -15.18 -0.39 -20.81
N SER C 712 -15.99 0.50 -21.40
CA SER C 712 -17.43 0.48 -21.15
C SER C 712 -18.05 -0.86 -21.54
N GLN C 713 -17.62 -1.44 -22.66
CA GLN C 713 -18.20 -2.70 -23.09
C GLN C 713 -17.96 -3.81 -22.08
N TYR C 714 -16.82 -3.79 -21.40
CA TYR C 714 -16.55 -4.78 -20.37
C TYR C 714 -17.27 -4.45 -19.07
N GLN C 715 -17.35 -3.16 -18.72
CA GLN C 715 -18.13 -2.75 -17.56
C GLN C 715 -19.57 -3.22 -17.65
N ASP C 716 -20.15 -3.14 -18.86
CA ASP C 716 -21.56 -3.45 -19.02
C ASP C 716 -21.82 -4.95 -18.87
N ALA C 717 -20.93 -5.77 -19.44
CA ALA C 717 -21.09 -7.22 -19.27
C ALA C 717 -20.89 -7.63 -17.82
N ILE C 718 -19.93 -7.01 -17.13
CA ILE C 718 -19.72 -7.31 -15.72
C ILE C 718 -20.90 -6.84 -14.88
N ARG C 719 -21.35 -5.60 -15.13
CA ARG C 719 -22.53 -5.09 -14.42
C ARG C 719 -23.74 -5.96 -14.67
N ASP C 720 -23.93 -6.42 -15.92
CA ASP C 720 -25.03 -7.32 -16.23
C ASP C 720 -24.92 -8.60 -15.43
N ALA C 721 -23.70 -9.13 -15.26
CA ALA C 721 -23.54 -10.35 -14.47
C ALA C 721 -23.85 -10.10 -13.00
N LEU C 722 -23.47 -8.93 -12.48
CA LEU C 722 -23.77 -8.62 -11.08
C LEU C 722 -25.28 -8.47 -10.87
N PHE C 723 -25.97 -7.80 -11.79
CA PHE C 723 -27.42 -7.66 -11.68
C PHE C 723 -28.10 -9.02 -11.66
N GLN C 724 -27.67 -9.95 -12.53
CA GLN C 724 -28.25 -11.28 -12.55
C GLN C 724 -28.04 -11.99 -11.22
N ARG C 725 -26.86 -11.84 -10.63
CA ARG C 725 -26.58 -12.48 -9.35
C ARG C 725 -27.51 -11.95 -8.27
N TYR C 726 -27.64 -10.62 -8.18
CA TYR C 726 -28.44 -10.03 -7.13
C TYR C 726 -29.92 -10.31 -7.31
N SER C 727 -30.39 -10.40 -8.57
CA SER C 727 -31.79 -10.74 -8.80
C SER C 727 -32.10 -12.16 -8.33
N LEU C 728 -31.11 -13.05 -8.36
CA LEU C 728 -31.31 -14.44 -8.02
C LEU C 728 -31.10 -14.72 -6.54
N LEU C 729 -30.89 -13.70 -5.72
CA LEU C 729 -30.63 -13.92 -4.31
C LEU C 729 -31.73 -14.71 -3.59
N PRO C 730 -33.03 -14.49 -3.84
CA PRO C 730 -34.03 -15.37 -3.20
C PRO C 730 -33.86 -16.83 -3.59
N PHE C 731 -33.47 -17.08 -4.84
CA PHE C 731 -33.17 -18.44 -5.28
C PHE C 731 -31.95 -18.99 -4.57
N TRP C 732 -30.85 -18.23 -4.55
CA TRP C 732 -29.66 -18.66 -3.83
C TRP C 732 -29.96 -18.90 -2.35
N TYR C 733 -30.72 -17.99 -1.73
CA TYR C 733 -31.02 -18.10 -0.31
C TYR C 733 -31.84 -19.36 -0.02
N THR C 734 -32.78 -19.69 -0.91
CA THR C 734 -33.61 -20.87 -0.71
C THR C 734 -32.81 -22.14 -0.88
N LEU C 735 -31.94 -22.20 -1.90
CA LEU C 735 -31.08 -23.37 -2.08
C LEU C 735 -30.21 -23.60 -0.86
N PHE C 736 -29.72 -22.53 -0.24
CA PHE C 736 -28.88 -22.71 0.94
C PHE C 736 -29.69 -23.09 2.17
N TYR C 737 -30.94 -22.66 2.27
CA TYR C 737 -31.78 -23.14 3.35
C TYR C 737 -32.06 -24.63 3.19
N GLN C 738 -32.28 -25.09 1.96
CA GLN C 738 -32.46 -26.52 1.72
C GLN C 738 -31.18 -27.29 2.02
N ALA C 739 -30.02 -26.72 1.65
CA ALA C 739 -28.74 -27.32 2.04
C ALA C 739 -28.61 -27.37 3.56
N HIS C 740 -29.14 -26.35 4.25
CA HIS C 740 -29.00 -26.29 5.70
C HIS C 740 -29.91 -27.31 6.39
N LYS C 741 -31.10 -27.54 5.85
CA LYS C 741 -32.06 -28.45 6.48
C LYS C 741 -31.87 -29.90 6.05
N GLU C 742 -31.51 -30.14 4.78
CA GLU C 742 -31.48 -31.49 4.24
C GLU C 742 -30.08 -32.00 3.95
N GLY C 743 -29.10 -31.13 3.81
CA GLY C 743 -27.77 -31.58 3.44
C GLY C 743 -27.56 -31.78 1.96
N PHE C 744 -28.42 -31.19 1.11
CA PHE C 744 -28.32 -31.31 -0.34
C PHE C 744 -27.42 -30.22 -0.89
N PRO C 745 -26.46 -30.55 -1.74
CA PRO C 745 -25.54 -29.52 -2.25
C PRO C 745 -26.26 -28.49 -3.11
N VAL C 746 -25.74 -27.27 -3.08
CA VAL C 746 -26.30 -26.18 -3.88
C VAL C 746 -25.87 -26.31 -5.34
N MET C 747 -24.56 -26.33 -5.56
CA MET C 747 -23.98 -26.52 -6.89
C MET C 747 -23.87 -28.01 -7.17
N ARG C 748 -24.41 -28.44 -8.31
CA ARG C 748 -24.55 -29.88 -8.52
C ARG C 748 -24.04 -30.33 -9.88
N PRO C 749 -23.34 -31.46 -9.93
CA PRO C 749 -23.05 -32.08 -11.22
C PRO C 749 -24.33 -32.55 -11.90
N LEU C 750 -24.30 -32.61 -13.23
CA LEU C 750 -25.47 -33.04 -13.97
C LEU C 750 -25.89 -34.47 -13.60
N TRP C 751 -24.94 -35.34 -13.28
CA TRP C 751 -25.30 -36.72 -12.96
C TRP C 751 -26.03 -36.83 -11.63
N VAL C 752 -25.96 -35.82 -10.77
CA VAL C 752 -26.76 -35.84 -9.55
C VAL C 752 -28.24 -35.72 -9.89
N GLN C 753 -28.56 -34.89 -10.88
CA GLN C 753 -29.95 -34.69 -11.29
C GLN C 753 -30.40 -35.70 -12.35
N TYR C 754 -29.47 -36.30 -13.07
CA TYR C 754 -29.78 -37.26 -14.13
C TYR C 754 -28.88 -38.47 -13.96
N PRO C 755 -29.11 -39.27 -12.91
CA PRO C 755 -28.17 -40.35 -12.56
C PRO C 755 -28.13 -41.49 -13.56
N GLU C 756 -29.10 -41.58 -14.46
CA GLU C 756 -29.13 -42.66 -15.46
C GLU C 756 -28.65 -42.22 -16.83
N ASP C 757 -28.32 -40.94 -16.99
CA ASP C 757 -27.76 -40.43 -18.25
C ASP C 757 -26.25 -40.58 -18.17
N MET C 758 -25.74 -41.67 -18.71
CA MET C 758 -24.32 -42.01 -18.58
C MET C 758 -23.41 -41.00 -19.28
N SER C 759 -23.94 -40.23 -20.23
CA SER C 759 -23.14 -39.19 -20.89
C SER C 759 -22.89 -37.97 -20.00
N THR C 760 -23.45 -37.93 -18.79
CA THR C 760 -23.26 -36.83 -17.87
C THR C 760 -22.30 -37.15 -16.73
N PHE C 761 -21.80 -38.38 -16.65
CA PHE C 761 -21.03 -38.80 -15.47
C PHE C 761 -19.71 -38.07 -15.32
N SER C 762 -19.17 -37.49 -16.40
CA SER C 762 -17.89 -36.81 -16.34
C SER C 762 -17.96 -35.34 -16.75
N ILE C 763 -19.16 -34.80 -17.00
CA ILE C 763 -19.27 -33.42 -17.44
C ILE C 763 -18.77 -32.48 -16.36
N GLU C 764 -17.95 -31.48 -16.76
CA GLU C 764 -17.48 -30.50 -15.80
C GLU C 764 -17.32 -29.11 -16.40
N ASP C 765 -17.83 -28.85 -17.60
CA ASP C 765 -18.00 -27.49 -18.10
C ASP C 765 -19.42 -27.00 -17.94
N GLN C 766 -20.22 -27.71 -17.14
CA GLN C 766 -21.63 -27.45 -16.92
C GLN C 766 -21.96 -27.86 -15.50
N PHE C 767 -22.90 -27.14 -14.90
CA PHE C 767 -23.35 -27.50 -13.57
C PHE C 767 -24.78 -26.99 -13.39
N MET C 768 -25.43 -27.49 -12.34
CA MET C 768 -26.77 -27.09 -11.99
C MET C 768 -26.78 -26.42 -10.62
N LEU C 769 -27.70 -25.47 -10.47
CA LEU C 769 -28.03 -24.89 -9.18
C LEU C 769 -29.37 -25.48 -8.74
N GLY C 770 -29.34 -26.27 -7.67
CA GLY C 770 -30.52 -27.05 -7.31
C GLY C 770 -30.92 -27.95 -8.47
N ASP C 771 -32.21 -27.97 -8.77
CA ASP C 771 -32.74 -28.72 -9.91
C ASP C 771 -33.34 -27.80 -10.96
N ALA C 772 -33.14 -26.49 -10.85
CA ALA C 772 -33.89 -25.52 -11.65
C ALA C 772 -33.06 -24.83 -12.72
N LEU C 773 -31.78 -24.61 -12.50
CA LEU C 773 -30.96 -23.82 -13.42
C LEU C 773 -29.76 -24.63 -13.88
N LEU C 774 -29.55 -24.68 -15.18
CA LEU C 774 -28.37 -25.30 -15.79
C LEU C 774 -27.51 -24.20 -16.38
N ILE C 775 -26.22 -24.20 -16.02
CA ILE C 775 -25.30 -23.12 -16.37
C ILE C 775 -24.15 -23.72 -17.19
N HIS C 776 -23.84 -23.09 -18.32
CA HIS C 776 -22.66 -23.40 -19.12
C HIS C 776 -21.97 -22.09 -19.46
N PRO C 777 -21.14 -21.58 -18.56
CA PRO C 777 -20.47 -20.29 -18.81
C PRO C 777 -19.46 -20.41 -19.94
N VAL C 778 -19.31 -19.31 -20.68
CA VAL C 778 -18.28 -19.23 -21.70
C VAL C 778 -16.92 -19.16 -21.03
N SER C 779 -16.03 -20.09 -21.39
CA SER C 779 -14.71 -20.17 -20.77
C SER C 779 -13.63 -20.32 -21.84
N ASP C 780 -13.76 -19.57 -22.93
CA ASP C 780 -12.76 -19.58 -24.00
C ASP C 780 -12.69 -18.19 -24.62
N ALA C 781 -11.47 -17.69 -24.81
CA ALA C 781 -11.29 -16.38 -25.40
C ALA C 781 -11.81 -16.36 -26.84
N GLY C 782 -12.51 -15.29 -27.19
CA GLY C 782 -12.99 -15.11 -28.55
C GLY C 782 -13.96 -16.16 -29.03
N ALA C 783 -14.62 -16.86 -28.11
CA ALA C 783 -15.55 -17.92 -28.50
C ALA C 783 -16.74 -17.34 -29.25
N HIS C 784 -17.22 -18.08 -30.24
CA HIS C 784 -18.40 -17.69 -31.00
C HIS C 784 -19.66 -18.43 -30.55
N GLY C 785 -19.50 -19.54 -29.86
CA GLY C 785 -20.65 -20.29 -29.37
C GLY C 785 -20.20 -21.30 -28.35
N VAL C 786 -21.18 -22.00 -27.79
CA VAL C 786 -20.92 -23.08 -26.85
C VAL C 786 -21.80 -24.27 -27.20
N GLN C 787 -21.35 -25.45 -26.79
CA GLN C 787 -22.11 -26.69 -26.96
C GLN C 787 -22.73 -27.03 -25.61
N VAL C 788 -24.03 -26.79 -25.48
CA VAL C 788 -24.75 -26.99 -24.23
C VAL C 788 -25.48 -28.32 -24.33
N TYR C 789 -25.16 -29.25 -23.44
CA TYR C 789 -25.87 -30.52 -23.35
C TYR C 789 -27.06 -30.37 -22.42
N LEU C 790 -28.27 -30.42 -22.98
CA LEU C 790 -29.48 -30.35 -22.19
C LEU C 790 -29.98 -31.76 -21.92
N PRO C 791 -29.83 -32.30 -20.70
CA PRO C 791 -30.18 -33.71 -20.47
C PRO C 791 -31.66 -33.96 -20.25
N GLY C 792 -32.02 -35.20 -19.92
CA GLY C 792 -33.38 -35.54 -19.53
C GLY C 792 -34.31 -35.99 -20.63
N GLN C 793 -34.86 -37.20 -20.48
CA GLN C 793 -35.91 -37.67 -21.36
C GLN C 793 -37.23 -36.99 -21.00
N GLU C 794 -37.98 -36.58 -22.01
CA GLU C 794 -39.24 -35.86 -21.82
C GLU C 794 -39.04 -34.56 -21.03
N GLU C 795 -37.85 -33.96 -21.13
CA GLU C 795 -37.53 -32.75 -20.40
C GLU C 795 -37.53 -31.56 -21.35
N VAL C 796 -37.98 -30.42 -20.86
CA VAL C 796 -37.93 -29.17 -21.61
C VAL C 796 -37.07 -28.18 -20.85
N TRP C 797 -36.37 -27.33 -21.60
CA TRP C 797 -35.49 -26.31 -21.04
C TRP C 797 -35.78 -24.99 -21.71
N TYR C 798 -35.73 -23.91 -20.93
CA TYR C 798 -36.00 -22.57 -21.43
C TYR C 798 -34.73 -21.73 -21.35
N ASP C 799 -34.26 -21.25 -22.49
CA ASP C 799 -33.23 -20.22 -22.50
C ASP C 799 -33.78 -18.99 -21.78
N ILE C 800 -33.26 -18.69 -20.59
CA ILE C 800 -33.85 -17.64 -19.77
C ILE C 800 -33.64 -16.25 -20.33
N GLN C 801 -32.86 -16.11 -21.41
CA GLN C 801 -32.67 -14.81 -22.05
C GLN C 801 -33.57 -14.61 -23.25
N SER C 802 -33.79 -15.64 -24.06
CA SER C 802 -34.66 -15.55 -25.22
C SER C 802 -36.01 -16.23 -25.01
N TYR C 803 -36.20 -16.93 -23.89
CA TYR C 803 -37.40 -17.70 -23.57
C TYR C 803 -37.64 -18.84 -24.56
N GLN C 804 -36.67 -19.11 -25.44
CA GLN C 804 -36.78 -20.21 -26.39
C GLN C 804 -36.76 -21.54 -25.66
N LYS C 805 -37.69 -22.42 -26.00
CA LYS C 805 -37.75 -23.74 -25.39
C LYS C 805 -36.90 -24.74 -26.16
N HIS C 806 -36.34 -25.70 -25.45
CA HIS C 806 -35.57 -26.79 -26.05
C HIS C 806 -35.89 -28.08 -25.32
N HIS C 807 -36.11 -29.14 -26.08
CA HIS C 807 -36.40 -30.46 -25.52
C HIS C 807 -35.11 -31.26 -25.36
N GLY C 808 -35.03 -32.02 -24.28
CA GLY C 808 -33.92 -32.92 -24.05
C GLY C 808 -34.30 -34.34 -24.40
N PRO C 809 -33.28 -35.20 -24.57
CA PRO C 809 -31.87 -34.81 -24.52
C PRO C 809 -31.34 -34.34 -25.86
N GLN C 810 -30.45 -33.34 -25.85
CA GLN C 810 -29.84 -32.84 -27.07
C GLN C 810 -28.59 -32.05 -26.71
N THR C 811 -27.73 -31.85 -27.70
CA THR C 811 -26.58 -30.97 -27.58
C THR C 811 -26.83 -29.75 -28.46
N LEU C 812 -27.12 -28.63 -27.81
CA LEU C 812 -27.51 -27.40 -28.50
C LEU C 812 -26.28 -26.54 -28.72
N TYR C 813 -26.09 -26.09 -29.94
CA TYR C 813 -25.08 -25.10 -30.21
C TYR C 813 -25.67 -23.71 -30.04
N LEU C 814 -25.15 -22.95 -29.08
CA LEU C 814 -25.67 -21.64 -28.73
C LEU C 814 -24.68 -20.54 -29.08
N PRO C 815 -25.00 -19.66 -30.02
CA PRO C 815 -24.11 -18.52 -30.28
C PRO C 815 -24.05 -17.61 -29.06
N VAL C 816 -22.88 -17.02 -28.85
CA VAL C 816 -22.63 -16.19 -27.68
C VAL C 816 -21.95 -14.90 -28.11
N THR C 817 -22.13 -13.87 -27.30
CA THR C 817 -21.38 -12.62 -27.39
C THR C 817 -20.66 -12.40 -26.06
N LEU C 818 -20.05 -11.22 -25.91
CA LEU C 818 -19.34 -10.93 -24.67
C LEU C 818 -20.28 -10.97 -23.47
N SER C 819 -21.55 -10.60 -23.66
CA SER C 819 -22.51 -10.52 -22.57
C SER C 819 -23.29 -11.81 -22.34
N SER C 820 -23.01 -12.86 -23.09
CA SER C 820 -23.81 -14.08 -22.98
C SER C 820 -23.39 -14.89 -21.76
N ILE C 821 -24.38 -15.25 -20.94
CA ILE C 821 -24.21 -16.22 -19.89
C ILE C 821 -25.25 -17.33 -20.11
N PRO C 822 -24.85 -18.43 -20.76
CA PRO C 822 -25.82 -19.51 -21.05
C PRO C 822 -26.45 -20.11 -19.81
N VAL C 823 -27.69 -19.73 -19.52
CA VAL C 823 -28.45 -20.24 -18.39
C VAL C 823 -29.79 -20.73 -18.89
N PHE C 824 -30.19 -21.93 -18.45
CA PHE C 824 -31.44 -22.54 -18.85
C PHE C 824 -32.23 -22.92 -17.59
N GLN C 825 -33.55 -22.70 -17.63
CA GLN C 825 -34.42 -23.11 -16.53
C GLN C 825 -35.17 -24.37 -16.90
N ARG C 826 -35.14 -25.36 -16.00
CA ARG C 826 -35.80 -26.63 -16.24
C ARG C 826 -37.31 -26.48 -16.11
N GLY C 827 -38.02 -27.09 -17.06
CA GLY C 827 -39.48 -27.12 -16.95
C GLY C 827 -39.91 -27.84 -15.69
N GLY C 828 -40.97 -27.33 -15.08
CA GLY C 828 -41.45 -27.88 -13.81
C GLY C 828 -40.91 -27.18 -12.59
N THR C 829 -40.18 -26.08 -12.74
CA THR C 829 -39.59 -25.38 -11.61
C THR C 829 -40.10 -23.95 -11.56
N ILE C 830 -40.12 -23.39 -10.35
CA ILE C 830 -40.50 -22.01 -10.13
C ILE C 830 -39.34 -21.32 -9.42
N VAL C 831 -38.86 -20.23 -10.00
CA VAL C 831 -37.65 -19.56 -9.54
C VAL C 831 -38.01 -18.15 -9.08
N PRO C 832 -37.74 -17.79 -7.83
CA PRO C 832 -38.06 -16.43 -7.35
C PRO C 832 -36.91 -15.45 -7.57
N ARG C 833 -37.28 -14.21 -7.92
CA ARG C 833 -36.28 -13.20 -8.24
C ARG C 833 -36.67 -11.85 -7.65
N TRP C 834 -35.64 -11.08 -7.28
CA TRP C 834 -35.75 -9.66 -6.96
C TRP C 834 -35.34 -8.89 -8.20
N MET C 835 -36.32 -8.39 -8.95
CA MET C 835 -36.00 -7.68 -10.18
C MET C 835 -35.59 -6.23 -9.96
N ARG C 836 -35.65 -5.74 -8.73
CA ARG C 836 -35.23 -4.37 -8.40
C ARG C 836 -33.85 -4.45 -7.77
N VAL C 837 -32.82 -4.47 -8.61
CA VAL C 837 -31.45 -4.52 -8.11
C VAL C 837 -31.10 -3.19 -7.45
N ARG C 838 -30.65 -3.26 -6.21
CA ARG C 838 -30.19 -2.09 -5.48
C ARG C 838 -28.70 -2.24 -5.19
N ARG C 839 -28.16 -1.33 -4.38
CA ARG C 839 -26.71 -1.26 -4.21
C ARG C 839 -26.16 -2.36 -3.32
N SER C 840 -27.00 -3.01 -2.52
CA SER C 840 -26.57 -4.13 -1.69
C SER C 840 -27.79 -4.93 -1.29
N SER C 841 -27.55 -6.14 -0.79
CA SER C 841 -28.65 -7.05 -0.47
C SER C 841 -29.48 -6.55 0.71
N ASP C 842 -28.86 -5.82 1.64
CA ASP C 842 -29.63 -5.23 2.74
C ASP C 842 -30.68 -4.27 2.22
N CYS C 843 -30.36 -3.53 1.15
CA CYS C 843 -31.33 -2.61 0.57
C CYS C 843 -32.50 -3.35 -0.08
N MET C 844 -32.33 -4.62 -0.42
CA MET C 844 -33.29 -5.34 -1.23
C MET C 844 -34.20 -6.27 -0.43
N LYS C 845 -33.94 -6.48 0.85
CA LYS C 845 -34.58 -7.63 1.49
C LYS C 845 -36.02 -7.38 1.92
N ASP C 846 -36.58 -6.21 1.64
CA ASP C 846 -38.01 -5.98 1.81
C ASP C 846 -38.73 -5.77 0.49
N ASP C 847 -38.07 -6.02 -0.64
CA ASP C 847 -38.58 -5.73 -1.96
C ASP C 847 -39.47 -6.85 -2.48
N PRO C 848 -40.35 -6.55 -3.44
CA PRO C 848 -41.27 -7.58 -3.96
C PRO C 848 -40.56 -8.61 -4.84
N ILE C 849 -41.23 -9.74 -4.98
CA ILE C 849 -40.71 -10.92 -5.67
C ILE C 849 -41.40 -11.06 -7.03
N THR C 850 -40.62 -11.41 -8.05
CA THR C 850 -41.14 -11.86 -9.33
C THR C 850 -40.90 -13.37 -9.45
N LEU C 851 -41.93 -14.10 -9.81
CA LEU C 851 -41.87 -15.56 -9.92
C LEU C 851 -41.76 -15.96 -11.39
N PHE C 852 -40.76 -16.78 -11.70
CA PHE C 852 -40.53 -17.28 -13.05
C PHE C 852 -40.94 -18.75 -13.08
N VAL C 853 -42.06 -19.04 -13.74
CA VAL C 853 -42.64 -20.38 -13.79
C VAL C 853 -42.30 -20.98 -15.15
N ALA C 854 -41.56 -22.09 -15.13
CA ALA C 854 -41.21 -22.84 -16.33
C ALA C 854 -42.05 -24.11 -16.36
N LEU C 855 -43.02 -24.16 -17.28
CA LEU C 855 -43.98 -25.26 -17.29
C LEU C 855 -43.36 -26.54 -17.84
N SER C 856 -43.64 -27.65 -17.15
CA SER C 856 -43.26 -28.98 -17.59
C SER C 856 -44.08 -29.38 -18.82
N PRO C 857 -43.74 -30.50 -19.47
CA PRO C 857 -44.61 -31.00 -20.56
C PRO C 857 -46.03 -31.31 -20.12
N GLN C 858 -46.26 -31.56 -18.83
CA GLN C 858 -47.60 -31.76 -18.30
C GLN C 858 -48.23 -30.44 -17.83
N GLY C 859 -47.64 -29.30 -18.16
CA GLY C 859 -48.19 -28.03 -17.74
C GLY C 859 -48.12 -27.78 -16.26
N THR C 860 -47.10 -28.31 -15.58
CA THR C 860 -46.96 -28.21 -14.14
C THR C 860 -45.61 -27.60 -13.78
N ALA C 861 -45.52 -27.10 -12.55
CA ALA C 861 -44.29 -26.50 -12.06
C ALA C 861 -44.40 -26.40 -10.54
N GLN C 862 -43.23 -26.29 -9.89
CA GLN C 862 -43.18 -26.28 -8.44
C GLN C 862 -41.91 -25.58 -7.99
N GLY C 863 -41.96 -24.98 -6.80
CA GLY C 863 -40.81 -24.26 -6.27
C GLY C 863 -41.05 -23.85 -4.84
N GLU C 864 -39.95 -23.42 -4.20
CA GLU C 864 -39.98 -22.98 -2.82
C GLU C 864 -39.33 -21.61 -2.69
N LEU C 865 -39.57 -20.98 -1.54
CA LEU C 865 -38.95 -19.70 -1.22
C LEU C 865 -38.81 -19.60 0.29
N PHE C 866 -37.60 -19.34 0.77
CA PHE C 866 -37.32 -19.15 2.18
C PHE C 866 -37.03 -17.67 2.46
N LEU C 867 -37.56 -17.17 3.58
CA LEU C 867 -37.38 -15.79 3.98
C LEU C 867 -37.21 -15.73 5.49
N ASP C 868 -36.40 -14.78 5.95
CA ASP C 868 -36.27 -14.47 7.37
C ASP C 868 -35.69 -13.04 7.49
N ASP C 869 -35.17 -12.70 8.67
CA ASP C 869 -34.62 -11.35 8.83
C ASP C 869 -33.30 -11.17 8.10
N GLY C 870 -32.65 -12.27 7.70
CA GLY C 870 -31.49 -12.23 6.84
C GLY C 870 -30.15 -12.39 7.53
N HIS C 871 -30.11 -12.45 8.86
CA HIS C 871 -28.80 -12.45 9.52
C HIS C 871 -28.78 -13.03 10.93
N THR C 872 -29.93 -13.37 11.52
CA THR C 872 -29.95 -13.90 12.87
C THR C 872 -30.33 -15.37 12.88
N PHE C 873 -30.26 -15.97 14.07
CA PHE C 873 -30.72 -17.32 14.32
C PHE C 873 -32.18 -17.38 14.73
N ASN C 874 -32.93 -16.28 14.55
CA ASN C 874 -34.33 -16.26 14.96
C ASN C 874 -35.16 -17.30 14.20
N TYR C 875 -34.76 -17.64 12.97
CA TYR C 875 -35.49 -18.64 12.21
C TYR C 875 -35.57 -19.97 12.95
N GLN C 876 -34.57 -20.27 13.79
CA GLN C 876 -34.56 -21.52 14.53
C GLN C 876 -34.91 -21.34 16.00
N THR C 877 -34.53 -20.23 16.63
CA THR C 877 -34.82 -20.06 18.05
C THR C 877 -36.24 -19.57 18.28
N ARG C 878 -36.83 -18.87 17.30
CA ARG C 878 -38.15 -18.30 17.45
C ARG C 878 -39.07 -18.65 16.27
N HIS C 879 -38.61 -19.49 15.34
CA HIS C 879 -39.39 -19.89 14.17
C HIS C 879 -39.90 -18.68 13.40
N GLU C 880 -39.10 -17.63 13.36
CA GLU C 880 -39.46 -16.41 12.64
C GLU C 880 -38.87 -16.48 11.25
N PHE C 881 -39.67 -17.01 10.31
CA PHE C 881 -39.26 -17.21 8.93
C PHE C 881 -40.50 -17.57 8.13
N LEU C 882 -40.33 -17.61 6.81
CA LEU C 882 -41.37 -18.11 5.91
C LEU C 882 -40.75 -19.15 4.98
N LEU C 883 -41.46 -20.26 4.79
CA LEU C 883 -41.13 -21.22 3.75
C LEU C 883 -42.38 -21.44 2.92
N ARG C 884 -42.39 -20.87 1.72
CA ARG C 884 -43.55 -20.94 0.84
C ARG C 884 -43.31 -22.00 -0.23
N ARG C 885 -44.37 -22.74 -0.56
CA ARG C 885 -44.37 -23.59 -1.74
C ARG C 885 -45.24 -22.97 -2.81
N PHE C 886 -44.67 -22.79 -3.99
CA PHE C 886 -45.40 -22.35 -5.16
C PHE C 886 -45.59 -23.55 -6.08
N SER C 887 -46.82 -23.75 -6.55
CA SER C 887 -47.14 -24.91 -7.37
C SER C 887 -48.08 -24.47 -8.48
N PHE C 888 -47.87 -25.00 -9.67
CA PHE C 888 -48.70 -24.71 -10.84
C PHE C 888 -49.15 -26.01 -11.48
N SER C 889 -50.45 -26.10 -11.77
CA SER C 889 -50.99 -27.22 -12.52
C SER C 889 -52.32 -26.78 -13.12
N GLY C 890 -52.66 -27.36 -14.27
CA GLY C 890 -53.80 -26.89 -15.02
C GLY C 890 -53.58 -25.48 -15.49
N SER C 891 -54.34 -24.54 -14.90
CA SER C 891 -54.16 -23.12 -15.18
C SER C 891 -54.16 -22.31 -13.90
N THR C 892 -53.66 -22.88 -12.80
CA THR C 892 -53.70 -22.24 -11.51
C THR C 892 -52.31 -22.23 -10.90
N LEU C 893 -51.89 -21.06 -10.43
CA LEU C 893 -50.68 -20.90 -9.63
C LEU C 893 -51.10 -20.71 -8.18
N VAL C 894 -50.59 -21.56 -7.29
CA VAL C 894 -51.00 -21.57 -5.89
C VAL C 894 -49.80 -21.35 -4.99
N SER C 895 -49.97 -20.50 -3.98
CA SER C 895 -48.98 -20.32 -2.92
C SER C 895 -49.54 -20.89 -1.64
N SER C 896 -48.81 -21.82 -1.03
CA SER C 896 -49.20 -22.39 0.24
C SER C 896 -47.97 -22.46 1.14
N SER C 897 -48.19 -22.81 2.39
CA SER C 897 -47.09 -22.92 3.34
C SER C 897 -46.42 -24.29 3.21
N ALA C 898 -45.10 -24.29 3.11
CA ALA C 898 -44.32 -25.52 3.15
C ALA C 898 -43.83 -25.87 4.54
N ASP C 899 -44.03 -24.98 5.51
CA ASP C 899 -43.76 -25.24 6.92
C ASP C 899 -44.63 -24.30 7.74
N PRO C 900 -45.69 -24.81 8.38
CA PRO C 900 -46.59 -23.92 9.12
C PRO C 900 -45.97 -23.35 10.39
N LYS C 901 -44.90 -23.95 10.91
CA LYS C 901 -44.27 -23.44 12.12
C LYS C 901 -43.68 -22.05 11.91
N GLY C 902 -43.40 -21.67 10.66
CA GLY C 902 -42.71 -20.43 10.37
C GLY C 902 -43.66 -19.29 10.07
N HIS C 903 -43.51 -18.20 10.83
CA HIS C 903 -44.21 -16.96 10.59
C HIS C 903 -43.19 -15.84 10.55
N LEU C 904 -43.50 -14.77 9.82
CA LEU C 904 -42.55 -13.67 9.66
C LEU C 904 -43.32 -12.39 9.39
N GLU C 905 -42.91 -11.32 10.07
CA GLU C 905 -43.40 -9.99 9.74
C GLU C 905 -42.58 -9.46 8.58
N THR C 906 -43.19 -9.29 7.42
CA THR C 906 -42.45 -8.82 6.25
C THR C 906 -43.36 -8.05 5.30
N PRO C 907 -42.84 -6.99 4.67
CA PRO C 907 -43.60 -6.30 3.63
C PRO C 907 -43.45 -6.91 2.23
N ILE C 908 -42.73 -8.02 2.11
CA ILE C 908 -42.46 -8.58 0.79
C ILE C 908 -43.77 -9.05 0.16
N TRP C 909 -43.98 -8.64 -1.09
CA TRP C 909 -45.19 -8.99 -1.83
C TRP C 909 -44.81 -9.53 -3.20
N ILE C 910 -45.80 -10.03 -3.92
CA ILE C 910 -45.60 -10.60 -5.25
C ILE C 910 -46.00 -9.52 -6.26
N GLU C 911 -45.00 -8.96 -6.95
CA GLU C 911 -45.25 -7.88 -7.89
C GLU C 911 -45.40 -8.35 -9.33
N ARG C 912 -45.02 -9.58 -9.64
CA ARG C 912 -45.00 -10.02 -11.04
C ARG C 912 -44.86 -11.52 -11.08
N VAL C 913 -45.48 -12.13 -12.09
CA VAL C 913 -45.37 -13.56 -12.38
C VAL C 913 -45.10 -13.73 -13.86
N VAL C 914 -44.00 -14.40 -14.20
CA VAL C 914 -43.62 -14.68 -15.58
C VAL C 914 -43.75 -16.19 -15.79
N ILE C 915 -44.59 -16.59 -16.75
CA ILE C 915 -44.88 -17.99 -17.02
C ILE C 915 -44.38 -18.33 -18.42
N MET C 916 -43.47 -19.28 -18.51
CA MET C 916 -42.90 -19.72 -19.77
C MET C 916 -43.59 -21.00 -20.25
N GLY C 917 -44.05 -20.98 -21.49
CA GLY C 917 -44.73 -22.13 -22.06
C GLY C 917 -46.23 -22.17 -21.84
N ALA C 918 -46.87 -21.00 -21.80
CA ALA C 918 -48.30 -20.90 -21.54
C ALA C 918 -48.97 -20.14 -22.65
N GLY C 919 -50.24 -20.50 -22.92
CA GLY C 919 -51.01 -19.79 -23.91
C GLY C 919 -51.67 -18.54 -23.35
N LYS C 920 -52.22 -17.74 -24.27
CA LYS C 920 -52.90 -16.52 -23.89
C LYS C 920 -54.24 -16.84 -23.25
N PRO C 921 -54.48 -16.45 -22.00
CA PRO C 921 -55.80 -16.63 -21.41
C PRO C 921 -56.76 -15.53 -21.83
N ALA C 922 -58.03 -15.74 -21.52
CA ALA C 922 -59.03 -14.70 -21.72
C ALA C 922 -59.13 -13.75 -20.54
N ALA C 923 -58.85 -14.25 -19.33
CA ALA C 923 -58.84 -13.42 -18.13
C ALA C 923 -57.97 -14.10 -17.08
N VAL C 924 -57.50 -13.29 -16.14
CA VAL C 924 -56.66 -13.77 -15.04
C VAL C 924 -57.27 -13.25 -13.74
N VAL C 925 -57.50 -14.17 -12.80
CA VAL C 925 -58.20 -13.85 -11.56
C VAL C 925 -57.32 -14.27 -10.39
N LEU C 926 -57.18 -13.39 -9.40
CA LEU C 926 -56.41 -13.64 -8.20
C LEU C 926 -57.33 -13.84 -7.01
N GLN C 927 -57.05 -14.87 -6.21
CA GLN C 927 -57.79 -15.14 -4.99
C GLN C 927 -56.82 -15.19 -3.82
N THR C 928 -57.13 -14.44 -2.76
CA THR C 928 -56.33 -14.41 -1.56
C THR C 928 -57.24 -14.55 -0.34
N LYS C 929 -56.80 -15.32 0.64
CA LYS C 929 -57.54 -15.40 1.89
C LYS C 929 -57.63 -14.02 2.53
N GLY C 930 -58.84 -13.62 2.91
CA GLY C 930 -59.07 -12.32 3.47
C GLY C 930 -59.32 -11.20 2.48
N SER C 931 -59.37 -11.50 1.18
CA SER C 931 -59.51 -10.47 0.16
C SER C 931 -60.53 -10.91 -0.88
N PRO C 932 -61.23 -9.97 -1.51
CA PRO C 932 -62.13 -10.32 -2.60
C PRO C 932 -61.37 -10.75 -3.84
N GLU C 933 -62.06 -11.50 -4.70
CA GLU C 933 -61.47 -11.93 -5.96
C GLU C 933 -61.10 -10.71 -6.81
N SER C 934 -59.88 -10.70 -7.33
CA SER C 934 -59.34 -9.57 -8.05
C SER C 934 -59.01 -9.96 -9.48
N ARG C 935 -58.97 -8.97 -10.36
CA ARG C 935 -58.60 -9.17 -11.76
C ARG C 935 -57.24 -8.55 -12.03
N LEU C 936 -56.37 -9.32 -12.69
CA LEU C 936 -55.03 -8.90 -13.04
C LEU C 936 -54.92 -8.69 -14.55
N SER C 937 -54.29 -7.60 -14.94
CA SER C 937 -53.97 -7.43 -16.36
C SER C 937 -52.76 -8.28 -16.71
N PHE C 938 -52.60 -8.57 -18.00
CA PHE C 938 -51.54 -9.49 -18.40
C PHE C 938 -51.08 -9.18 -19.81
N GLN C 939 -49.91 -9.74 -20.14
CA GLN C 939 -49.27 -9.57 -21.42
C GLN C 939 -48.79 -10.94 -21.89
N HIS C 940 -48.97 -11.23 -23.17
CA HIS C 940 -48.64 -12.55 -23.69
C HIS C 940 -47.88 -12.40 -25.00
N ASP C 941 -46.79 -13.14 -25.13
CA ASP C 941 -45.99 -13.15 -26.34
C ASP C 941 -46.33 -14.41 -27.12
N PRO C 942 -47.01 -14.31 -28.26
CA PRO C 942 -47.36 -15.53 -29.00
C PRO C 942 -46.16 -16.23 -29.60
N GLU C 943 -45.10 -15.50 -29.93
CA GLU C 943 -43.90 -16.13 -30.49
C GLU C 943 -43.23 -17.05 -29.48
N THR C 944 -43.04 -16.57 -28.25
CA THR C 944 -42.29 -17.30 -27.22
C THR C 944 -43.17 -18.03 -26.23
N SER C 945 -44.50 -17.86 -26.28
CA SER C 945 -45.42 -18.47 -25.31
C SER C 945 -45.06 -18.07 -23.88
N VAL C 946 -44.87 -16.77 -23.67
CA VAL C 946 -44.54 -16.22 -22.36
C VAL C 946 -45.70 -15.36 -21.90
N LEU C 947 -46.16 -15.60 -20.68
CA LEU C 947 -47.27 -14.87 -20.07
C LEU C 947 -46.75 -14.09 -18.87
N ILE C 948 -47.03 -12.80 -18.85
CA ILE C 948 -46.58 -11.91 -17.77
C ILE C 948 -47.80 -11.37 -17.05
N LEU C 949 -47.94 -11.73 -15.77
CA LEU C 949 -49.06 -11.29 -14.95
C LEU C 949 -48.67 -10.02 -14.19
N ARG C 950 -49.44 -8.95 -14.39
CA ARG C 950 -49.12 -7.66 -13.80
C ARG C 950 -49.59 -7.57 -12.35
N LYS C 951 -48.67 -7.15 -11.47
CA LYS C 951 -48.91 -6.70 -10.09
C LYS C 951 -49.98 -7.49 -9.35
N PRO C 952 -49.73 -8.75 -8.98
CA PRO C 952 -50.66 -9.43 -8.07
C PRO C 952 -50.88 -8.67 -6.78
N GLY C 953 -49.84 -8.04 -6.25
CA GLY C 953 -49.98 -7.22 -5.06
C GLY C 953 -50.25 -7.96 -3.77
N VAL C 954 -50.09 -9.27 -3.75
CA VAL C 954 -50.43 -10.08 -2.58
C VAL C 954 -49.19 -10.24 -1.71
N SER C 955 -49.41 -10.27 -0.39
CA SER C 955 -48.34 -10.50 0.55
C SER C 955 -47.81 -11.92 0.42
N VAL C 956 -46.48 -12.05 0.49
CA VAL C 956 -45.83 -13.37 0.41
C VAL C 956 -46.13 -14.23 1.62
N ALA C 957 -46.68 -13.67 2.69
CA ALA C 957 -47.07 -14.45 3.86
C ALA C 957 -48.47 -15.04 3.75
N SER C 958 -49.23 -14.67 2.72
CA SER C 958 -50.60 -15.10 2.54
C SER C 958 -50.69 -16.29 1.58
N ASP C 959 -51.65 -17.17 1.84
CA ASP C 959 -52.03 -18.14 0.83
C ASP C 959 -52.82 -17.45 -0.27
N TRP C 960 -52.58 -17.85 -1.51
CA TRP C 960 -53.29 -17.24 -2.63
C TRP C 960 -53.23 -18.18 -3.83
N SER C 961 -54.05 -17.88 -4.83
CA SER C 961 -54.09 -18.64 -6.06
C SER C 961 -54.44 -17.72 -7.21
N ILE C 962 -53.79 -17.93 -8.35
CA ILE C 962 -54.06 -17.20 -9.58
C ILE C 962 -54.57 -18.19 -10.61
N HIS C 963 -55.67 -17.87 -11.28
CA HIS C 963 -56.29 -18.77 -12.24
CA HIS C 963 -56.31 -18.77 -12.24
C HIS C 963 -56.34 -18.11 -13.61
N LEU C 964 -55.89 -18.84 -14.62
CA LEU C 964 -55.93 -18.38 -16.00
C LEU C 964 -57.21 -18.91 -16.63
N ARG C 965 -58.14 -18.02 -16.94
CA ARG C 965 -59.44 -18.44 -17.48
C ARG C 965 -59.51 -18.30 -19.00
N TYR D 48 -72.36 14.79 -14.38
CA TYR D 48 -71.08 14.82 -13.68
C TYR D 48 -69.91 14.71 -14.67
N GLU D 49 -68.67 14.86 -14.18
CA GLU D 49 -67.49 14.78 -15.04
C GLU D 49 -66.62 13.58 -14.68
N GLU D 50 -65.36 13.62 -15.10
CA GLU D 50 -64.44 12.50 -14.91
C GLU D 50 -63.01 13.03 -14.96
N SER D 51 -62.05 12.10 -14.92
CA SER D 51 -60.63 12.41 -14.92
C SER D 51 -59.94 11.60 -16.02
N LYS D 52 -58.96 12.23 -16.66
CA LYS D 52 -58.30 11.69 -17.85
C LYS D 52 -57.27 10.64 -17.46
N PRO D 53 -56.60 10.00 -18.46
CA PRO D 53 -55.54 9.04 -18.12
C PRO D 53 -54.14 9.58 -18.34
N PHE D 54 -53.13 8.83 -17.88
CA PHE D 54 -51.73 9.19 -18.06
C PHE D 54 -51.12 8.38 -19.19
N THR D 55 -50.31 9.04 -20.00
CA THR D 55 -49.59 8.42 -21.10
C THR D 55 -48.09 8.61 -20.92
N CYS D 56 -47.34 7.54 -21.17
CA CYS D 56 -45.89 7.56 -20.99
C CYS D 56 -45.26 8.61 -21.90
N LEU D 57 -44.10 9.11 -21.47
CA LEU D 57 -43.38 10.12 -22.25
C LEU D 57 -42.79 9.53 -23.53
N ASP D 58 -42.68 8.21 -23.63
CA ASP D 58 -42.26 7.56 -24.86
C ASP D 58 -43.43 6.92 -25.62
N GLY D 59 -44.66 7.17 -25.19
CA GLY D 59 -45.83 6.71 -25.90
C GLY D 59 -46.02 5.21 -25.97
N THR D 60 -45.28 4.45 -25.16
CA THR D 60 -45.39 2.99 -25.23
C THR D 60 -46.72 2.47 -24.72
N ALA D 61 -47.44 3.25 -23.91
CA ALA D 61 -48.71 2.82 -23.36
C ALA D 61 -49.48 4.04 -22.87
N THR D 62 -50.67 3.78 -22.32
CA THR D 62 -51.47 4.79 -21.66
C THR D 62 -52.21 4.09 -20.52
N ILE D 63 -52.14 4.66 -19.33
CA ILE D 63 -52.63 3.98 -18.12
C ILE D 63 -53.44 4.95 -17.30
N PRO D 64 -54.40 4.43 -16.52
CA PRO D 64 -55.13 5.30 -15.59
C PRO D 64 -54.18 5.88 -14.56
N PHE D 65 -54.51 7.08 -14.07
CA PHE D 65 -53.63 7.75 -13.14
C PHE D 65 -53.48 7.02 -11.81
N ASP D 66 -54.29 5.98 -11.57
CA ASP D 66 -54.08 5.14 -10.40
C ASP D 66 -52.98 4.11 -10.62
N GLN D 67 -52.37 4.08 -11.81
CA GLN D 67 -51.17 3.30 -12.06
C GLN D 67 -49.94 4.20 -12.18
N VAL D 68 -50.06 5.48 -11.87
CA VAL D 68 -48.92 6.37 -11.70
C VAL D 68 -48.54 6.36 -10.23
N ASN D 69 -47.27 6.05 -9.94
CA ASN D 69 -46.78 5.89 -8.58
C ASN D 69 -47.55 4.81 -7.82
N ASP D 70 -47.90 3.73 -8.53
CA ASP D 70 -48.54 2.58 -7.90
C ASP D 70 -47.55 1.46 -7.61
N ASP D 71 -46.25 1.77 -7.58
CA ASP D 71 -45.19 0.83 -7.18
C ASP D 71 -45.10 -0.36 -8.13
N TYR D 72 -45.44 -0.16 -9.39
CA TYR D 72 -45.23 -1.15 -10.43
C TYR D 72 -44.88 -0.42 -11.70
N CYS D 73 -43.89 -0.93 -12.42
CA CYS D 73 -43.36 -0.23 -13.59
C CYS D 73 -44.23 -0.55 -14.80
N ASP D 74 -44.93 0.46 -15.33
CA ASP D 74 -45.75 0.27 -16.52
C ASP D 74 -45.18 0.94 -17.77
N CYS D 75 -44.31 1.93 -17.62
CA CYS D 75 -43.72 2.64 -18.75
C CYS D 75 -42.30 2.15 -18.97
N LYS D 76 -41.95 1.88 -20.23
CA LYS D 76 -40.61 1.41 -20.54
C LYS D 76 -39.54 2.46 -20.24
N ASP D 77 -39.91 3.74 -20.20
CA ASP D 77 -38.98 4.80 -19.84
C ASP D 77 -39.01 5.11 -18.35
N GLY D 78 -39.89 4.47 -17.58
CA GLY D 78 -39.96 4.68 -16.16
C GLY D 78 -40.73 5.90 -15.72
N SER D 79 -41.40 6.59 -16.65
CA SER D 79 -42.03 7.87 -16.33
C SER D 79 -43.28 7.73 -15.48
N ASP D 80 -43.82 6.52 -15.33
CA ASP D 80 -45.03 6.35 -14.53
C ASP D 80 -44.74 6.18 -13.05
N GLU D 81 -43.47 6.11 -12.64
CA GLU D 81 -43.10 5.91 -11.24
C GLU D 81 -41.99 6.88 -10.82
N PRO D 82 -42.24 8.19 -10.88
CA PRO D 82 -41.21 9.14 -10.46
C PRO D 82 -40.98 9.17 -8.95
N GLY D 83 -41.86 8.56 -8.15
CA GLY D 83 -41.74 8.64 -6.71
C GLY D 83 -41.48 7.32 -6.01
N THR D 84 -41.32 6.24 -6.76
CA THR D 84 -41.11 4.92 -6.20
C THR D 84 -39.81 4.31 -6.74
N ALA D 85 -39.53 3.08 -6.30
CA ALA D 85 -38.39 2.32 -6.77
C ALA D 85 -38.79 1.24 -7.76
N ALA D 86 -39.95 1.38 -8.41
CA ALA D 86 -40.49 0.31 -9.23
C ALA D 86 -39.80 0.18 -10.57
N CYS D 87 -39.35 1.29 -11.15
CA CYS D 87 -38.81 1.13 -12.49
C CYS D 87 -37.28 1.05 -12.46
N PRO D 88 -36.69 0.18 -13.28
CA PRO D 88 -35.24 0.02 -13.26
C PRO D 88 -34.49 1.21 -13.85
N ASN D 89 -35.13 2.00 -14.72
CA ASN D 89 -34.47 3.11 -15.40
C ASN D 89 -35.06 4.46 -15.01
N GLY D 90 -35.76 4.54 -13.88
CA GLY D 90 -36.41 5.76 -13.48
C GLY D 90 -35.50 6.71 -12.72
N SER D 91 -36.04 7.89 -12.44
CA SER D 91 -35.32 8.91 -11.70
C SER D 91 -36.23 9.48 -10.61
N PHE D 92 -35.59 9.86 -9.50
CA PHE D 92 -36.27 10.51 -8.38
C PHE D 92 -35.65 11.88 -8.19
N HIS D 93 -36.49 12.89 -8.02
CA HIS D 93 -36.05 14.27 -7.96
C HIS D 93 -35.95 14.71 -6.50
N CYS D 94 -34.74 15.02 -6.06
CA CYS D 94 -34.55 15.68 -4.78
C CYS D 94 -34.78 17.16 -4.97
N THR D 95 -35.81 17.71 -4.32
CA THR D 95 -36.04 19.14 -4.43
C THR D 95 -34.93 19.93 -3.75
N ASN D 96 -34.54 19.52 -2.54
CA ASN D 96 -33.45 20.15 -1.81
C ASN D 96 -33.71 21.66 -1.75
N THR D 97 -34.87 22.01 -1.19
CA THR D 97 -35.37 23.37 -1.21
C THR D 97 -34.34 24.36 -0.69
N GLY D 98 -34.08 25.41 -1.47
CA GLY D 98 -33.09 26.39 -1.15
C GLY D 98 -31.68 26.08 -1.63
N TYR D 99 -31.49 24.97 -2.34
CA TYR D 99 -30.16 24.52 -2.73
C TYR D 99 -30.23 23.88 -4.11
N LYS D 100 -29.17 23.18 -4.48
CA LYS D 100 -29.12 22.56 -5.80
C LYS D 100 -29.98 21.31 -5.82
N PRO D 101 -30.90 21.19 -6.77
CA PRO D 101 -31.66 19.95 -6.93
C PRO D 101 -30.82 18.84 -7.54
N LEU D 102 -31.23 17.60 -7.26
CA LEU D 102 -30.48 16.43 -7.68
C LEU D 102 -31.45 15.36 -8.16
N TYR D 103 -31.02 14.61 -9.17
CA TYR D 103 -31.74 13.43 -9.64
C TYR D 103 -30.96 12.20 -9.19
N ILE D 104 -31.68 11.21 -8.64
CA ILE D 104 -31.06 9.96 -8.22
C ILE D 104 -31.76 8.80 -8.91
N LEU D 105 -31.12 7.65 -8.87
CA LEU D 105 -31.72 6.44 -9.45
C LEU D 105 -32.96 6.04 -8.67
N SER D 106 -33.95 5.51 -9.39
CA SER D 106 -35.15 5.01 -8.73
C SER D 106 -34.83 3.87 -7.76
N SER D 107 -33.82 3.07 -8.08
CA SER D 107 -33.42 1.95 -7.21
C SER D 107 -32.89 2.43 -5.87
N ARG D 108 -32.63 3.72 -5.71
CA ARG D 108 -32.16 4.26 -4.44
C ARG D 108 -33.27 5.01 -3.70
N VAL D 109 -34.52 4.83 -4.11
CA VAL D 109 -35.67 5.33 -3.37
C VAL D 109 -36.06 4.29 -2.34
N ASN D 110 -36.07 4.69 -1.07
CA ASN D 110 -36.44 3.81 0.05
C ASN D 110 -35.56 2.56 0.10
N ASP D 111 -34.26 2.73 -0.16
CA ASP D 111 -33.29 1.66 0.01
C ASP D 111 -32.63 1.68 1.39
N GLY D 112 -33.04 2.60 2.26
CA GLY D 112 -32.43 2.75 3.57
C GLY D 112 -31.19 3.60 3.61
N VAL D 113 -30.80 4.21 2.49
CA VAL D 113 -29.58 5.01 2.40
C VAL D 113 -29.98 6.43 2.05
N CYS D 114 -29.40 7.41 2.76
CA CYS D 114 -29.72 8.81 2.52
C CYS D 114 -28.96 9.29 1.30
N ASP D 115 -29.69 9.49 0.20
CA ASP D 115 -29.11 9.98 -1.05
C ASP D 115 -29.36 11.47 -1.28
N CYS D 116 -30.57 11.96 -1.03
CA CYS D 116 -30.82 13.39 -1.09
C CYS D 116 -30.40 14.07 0.19
N CYS D 117 -29.91 15.31 0.06
CA CYS D 117 -29.56 16.07 1.27
C CYS D 117 -30.79 16.45 2.07
N ASP D 118 -31.95 16.56 1.42
CA ASP D 118 -33.19 16.85 2.13
C ASP D 118 -33.86 15.59 2.67
N GLY D 119 -33.32 14.41 2.37
CA GLY D 119 -33.80 13.17 2.92
C GLY D 119 -35.10 12.65 2.38
N THR D 120 -35.70 13.32 1.38
CA THR D 120 -37.02 12.93 0.90
C THR D 120 -37.00 11.63 0.11
N ASP D 121 -35.82 11.13 -0.28
CA ASP D 121 -35.77 9.84 -0.96
C ASP D 121 -36.06 8.68 -0.02
N GLU D 122 -36.05 8.92 1.29
CA GLU D 122 -36.35 7.91 2.30
C GLU D 122 -37.59 8.37 3.05
N TYR D 123 -38.75 7.92 2.60
CA TYR D 123 -40.01 8.25 3.26
C TYR D 123 -40.76 7.05 3.80
N ASN D 124 -40.30 5.82 3.55
CA ASN D 124 -41.00 4.64 4.04
C ASN D 124 -40.06 3.45 4.14
N SER D 125 -38.86 3.66 4.66
CA SER D 125 -37.85 2.62 4.72
C SER D 125 -37.34 2.34 6.12
N GLY D 126 -37.76 3.11 7.13
CA GLY D 126 -37.22 2.97 8.46
C GLY D 126 -36.00 3.80 8.74
N THR D 127 -35.34 4.32 7.71
CA THR D 127 -34.22 5.23 7.88
C THR D 127 -34.71 6.67 7.83
N VAL D 128 -34.56 7.39 8.94
CA VAL D 128 -34.91 8.80 9.00
C VAL D 128 -33.68 9.61 8.64
N CYS D 129 -33.75 10.33 7.52
CA CYS D 129 -32.65 11.17 7.07
C CYS D 129 -32.90 12.62 7.47
N GLU D 130 -31.93 13.22 8.15
CA GLU D 130 -31.99 14.63 8.47
C GLU D 130 -31.53 15.46 7.29
N ASN D 131 -32.01 16.70 7.23
CA ASN D 131 -31.63 17.61 6.16
C ASN D 131 -30.21 18.13 6.40
N THR D 132 -29.36 17.98 5.38
CA THR D 132 -27.95 18.37 5.44
C THR D 132 -27.58 19.21 4.24
N CYS D 133 -28.54 19.91 3.64
CA CYS D 133 -28.29 20.60 2.38
C CYS D 133 -27.40 21.83 2.54
N ARG D 134 -27.37 22.43 3.72
CA ARG D 134 -26.45 23.54 3.97
C ARG D 134 -25.00 23.08 3.80
N1 W9Y E . 3.32 14.42 5.61
N3 W9Y E . -5.50 15.68 10.14
C4 W9Y E . 5.62 14.58 5.33
C5 W9Y E . 4.54 14.16 6.28
C6 W9Y E . 4.61 12.69 6.47
C7 W9Y E . 4.66 10.45 5.57
C8 W9Y E . 2.34 15.00 6.44
C10 W9Y E . -0.15 14.93 6.25
C13 W9Y E . -2.74 13.22 8.44
C15 W9Y E . -3.66 12.60 11.16
C17 W9Y E . -4.62 13.53 13.14
C20 W9Y E . -4.83 12.74 16.66
C21 W9Y E . -4.46 12.42 15.32
C1 W9Y E . 4.45 11.88 5.20
C11 W9Y E . -1.31 14.01 6.54
C12 W9Y E . -2.04 14.41 7.80
C14 W9Y E . -4.20 13.62 10.41
C16 W9Y E . -3.87 12.56 12.52
C18 W9Y E . -5.17 14.56 12.38
C19 W9Y E . -4.97 14.62 10.99
C2 W9Y E . 5.38 12.37 4.10
C3 W9Y E . 5.45 13.87 4.01
C9 W9Y E . 1.12 14.14 6.28
N2 W9Y E . -3.98 13.67 9.00
N4 W9Y E . -4.82 13.44 14.56
N5 W9Y E . -5.39 14.33 15.33
N6 W9Y E . -5.41 13.93 16.58
O1 W9Y E . 5.79 10.33 6.31
O2 W9Y E . 3.16 12.00 4.78
O3 W9Y E . 4.98 11.94 2.89
O4 W9Y E . 6.50 14.22 3.19
O5 W9Y E . 5.54 15.93 5.15
O6 W9Y E . -6.14 15.34 8.96
O7 W9Y E . -5.37 17.03 10.48
C1 EDO F . -4.83 10.87 19.28
O1 EDO F . -4.66 12.04 18.53
C2 EDO F . -5.25 11.11 20.67
O2 EDO F . -5.33 9.92 21.40
C1 EDO G . 26.17 20.14 -28.13
O1 EDO G . 26.03 21.27 -28.99
C2 EDO G . 26.44 18.90 -28.95
O2 EDO G . 26.40 17.74 -28.11
C1 PGE H . 23.89 28.51 28.95
O1 PGE H . 23.71 28.90 30.30
C2 PGE H . 22.79 27.55 28.55
O2 PGE H . 23.28 26.66 27.57
C3 PGE H . 23.47 25.35 28.07
C4 PGE H . 22.91 24.35 27.07
O4 PGE H . 23.61 21.56 30.75
C6 PGE H . 22.94 21.58 29.49
C5 PGE H . 23.54 22.66 28.62
O3 PGE H . 22.54 23.15 27.74
C1 PGE I . 40.52 8.21 -28.76
O1 PGE I . 41.38 8.11 -29.88
C2 PGE I . 40.85 9.47 -28.00
O2 PGE I . 40.03 9.60 -26.86
C3 PGE I . 40.30 10.76 -26.10
C4 PGE I . 40.53 10.34 -24.65
O4 PGE I . 43.16 11.60 -20.89
C6 PGE I . 42.98 11.75 -22.30
C5 PGE I . 41.77 10.95 -22.72
O3 PGE I . 41.45 11.25 -24.07
C1 EDO J . -4.16 8.57 4.40
O1 EDO J . -5.50 9.04 4.30
C2 EDO J . -3.80 8.25 5.85
O2 EDO J . -3.69 9.46 6.61
C1 PGE K . 29.94 37.36 -7.11
O1 PGE K . 29.46 37.78 -8.38
C2 PGE K . 31.30 37.99 -6.85
O2 PGE K . 31.54 38.05 -5.46
C3 PGE K . 32.88 37.77 -5.10
C4 PGE K . 33.20 36.34 -5.53
O4 PGE K . 35.64 33.64 -4.05
C6 PGE K . 36.13 34.97 -3.91
C5 PGE K . 34.97 35.94 -4.00
O3 PGE K . 34.58 36.08 -5.35
C1 EDO L . 33.45 39.95 4.52
O1 EDO L . 34.69 39.51 3.96
C2 EDO L . 33.73 41.16 5.42
O2 EDO L . 34.48 40.72 6.55
C1 PEG M . 26.99 -3.96 1.83
O1 PEG M . 26.53 -4.15 0.53
C2 PEG M . 25.93 -4.43 2.84
O2 PEG M . 26.52 -4.63 4.10
C3 PEG M . 27.23 -3.51 4.59
C4 PEG M . 28.66 -3.92 4.94
O4 PEG M . 29.54 -2.92 4.52
C1 EDO N . 27.82 -2.93 -9.40
O1 EDO N . 27.78 -2.76 -7.97
C2 EDO N . 27.99 -1.59 -10.11
O2 EDO N . 29.09 -0.86 -9.56
C1 EDO O . 2.76 40.36 7.24
O1 EDO O . 2.01 39.46 6.41
C2 EDO O . 1.76 41.13 8.11
O2 EDO O . 1.23 40.24 9.10
C1 EDO P . 24.70 6.64 24.90
O1 EDO P . 25.64 6.06 23.98
C2 EDO P . 25.00 6.16 26.32
O2 EDO P . 24.13 5.08 26.69
C1 EDO Q . 22.31 1.26 20.12
O1 EDO Q . 23.40 0.33 20.00
C2 EDO Q . 22.86 2.68 20.07
O2 EDO Q . 23.69 2.82 18.92
C1 PEG R . 48.98 27.02 -21.31
O1 PEG R . 49.74 26.09 -22.05
C2 PEG R . 48.61 26.42 -19.96
O2 PEG R . 47.94 27.38 -19.18
C3 PEG R . 48.77 28.35 -18.60
C4 PEG R . 49.19 27.90 -17.21
O4 PEG R . 50.49 28.36 -16.92
C1 EDO S . -6.45 16.14 0.88
O1 EDO S . -5.81 17.33 0.51
C2 EDO S . -5.58 15.14 1.52
O2 EDO S . -6.15 14.64 2.71
C1 PGE T . 6.39 41.43 -6.23
O1 PGE T . 6.06 42.71 -6.75
C2 PGE T . 6.43 40.44 -7.38
O2 PGE T . 5.80 39.24 -6.97
C3 PGE T . 4.76 38.81 -7.84
C4 PGE T . 5.37 38.20 -9.09
O4 PGE T . 5.90 40.80 -12.75
C6 PGE T . 4.86 39.96 -12.24
C5 PGE T . 5.49 38.89 -11.35
O3 PGE T . 4.67 38.68 -10.22
C1 PEG U . 9.87 43.29 -14.97
O1 PEG U . 9.07 44.09 -15.81
C2 PEG U . 9.96 43.89 -13.58
O2 PEG U . 10.64 45.11 -13.63
C3 PEG U . 11.85 45.08 -14.32
C4 PEG U . 12.15 46.46 -14.93
O4 PEG U . 11.08 46.88 -15.73
C1 EDO V . 10.53 39.23 -13.88
O1 EDO V . 9.88 39.68 -12.68
C2 EDO V . 9.82 39.79 -15.10
O2 EDO V . 8.48 39.27 -15.18
C1 PEG W . 55.43 22.22 -28.87
O1 PEG W . 55.20 21.51 -30.06
C2 PEG W . 55.28 21.27 -27.68
O2 PEG W . 55.39 21.99 -26.47
C3 PEG W . 55.10 21.23 -25.34
C4 PEG W . 55.14 22.10 -24.08
O4 PEG W . 54.99 21.29 -22.95
C1 EDO X . 29.29 54.67 4.19
O1 EDO X . 27.96 55.09 3.84
C2 EDO X . 30.30 55.78 3.87
O2 EDO X . 31.43 55.61 4.73
C1 EDO Y . -4.81 13.19 -1.64
O1 EDO Y . -4.36 14.47 -1.21
C2 EDO Y . -5.29 13.28 -3.09
O2 EDO Y . -6.72 13.20 -3.14
C1 EDO Z . 25.53 38.83 28.47
O1 EDO Z . 26.49 37.87 27.99
C2 EDO Z . 25.96 39.31 29.85
O2 EDO Z . 26.18 38.18 30.69
C1 PEG AA . 31.40 4.83 -5.47
O1 PEG AA . 31.35 5.40 -6.75
C2 PEG AA . 30.06 4.50 -4.93
O2 PEG AA . 29.96 4.85 -3.56
C3 PEG AA . 29.07 5.93 -3.31
C4 PEG AA . 28.38 5.72 -2.01
O4 PEG AA . 27.36 4.76 -2.10
C1 PEG BA . 6.22 6.93 30.31
O1 PEG BA . 5.11 7.20 31.12
C2 PEG BA . 7.20 6.04 31.09
O2 PEG BA . 7.53 6.65 32.30
C3 PEG BA . 8.86 6.48 32.70
C4 PEG BA . 8.99 6.83 34.18
O4 PEG BA . 10.32 7.16 34.47
C1 PEG CA . -4.27 22.17 -16.65
O1 PEG CA . -3.38 22.28 -17.72
C2 PEG CA . -3.63 22.79 -15.41
O2 PEG CA . -4.45 22.57 -14.28
C3 PEG CA . -3.75 22.32 -13.09
C4 PEG CA . -4.72 22.08 -11.93
O4 PEG CA . -4.25 21.01 -11.16
C1 PGE DA . 16.78 8.24 -25.34
O1 PGE DA . 17.57 8.44 -26.50
C2 PGE DA . 15.73 9.34 -25.26
O2 PGE DA . 14.60 9.02 -26.04
C3 PGE DA . 13.91 7.87 -25.58
C4 PGE DA . 12.43 8.01 -25.89
O4 PGE DA . 13.46 4.20 -24.69
C6 PGE DA . 12.12 4.64 -24.74
C5 PGE DA . 12.00 5.69 -25.82
O3 PGE DA . 11.75 6.96 -25.24
C1 EDO EA . 15.87 -3.24 14.64
O1 EDO EA . 17.19 -3.04 14.15
C2 EDO EA . 15.51 -2.12 15.61
O2 EDO EA . 14.95 -2.66 16.80
C1 PEG FA . 33.72 16.96 9.12
O1 PEG FA . 32.37 16.78 9.41
C2 PEG FA . 34.18 15.89 8.13
O2 PEG FA . 34.22 14.65 8.77
C3 PEG FA . 35.32 13.85 8.41
C4 PEG FA . 36.62 14.60 8.69
O4 PEG FA . 37.65 13.69 8.92
C1 EDO GA . 8.63 -7.68 -2.40
O1 EDO GA . 7.58 -7.65 -3.38
C2 EDO GA . 8.66 -9.03 -1.69
O2 EDO GA . 9.80 -9.78 -2.13
C1 EDO HA . 39.12 37.99 -18.37
O1 EDO HA . 38.52 36.71 -18.13
C2 EDO HA . 40.35 38.14 -17.48
O2 EDO HA . 41.21 37.02 -17.66
C1 EDO IA . 8.69 48.95 28.43
O1 EDO IA . 7.97 50.16 28.65
C2 EDO IA . 9.14 48.37 29.76
O2 EDO IA . 10.00 47.25 29.54
C1 EDO JA . 1.72 25.29 -23.79
O1 EDO JA . 1.12 24.70 -22.64
C2 EDO JA . 2.86 26.21 -23.35
O2 EDO JA . 2.42 27.00 -22.23
S SO4 KA . 10.48 39.13 42.09
O1 SO4 KA . 9.04 39.05 42.34
O2 SO4 KA . 11.12 37.87 42.47
O3 SO4 KA . 10.72 39.39 40.68
O4 SO4 KA . 11.05 40.22 42.89
S SO4 LA . 42.07 24.85 0.93
O1 SO4 LA . 42.07 23.84 -0.14
O2 SO4 LA . 42.03 24.17 2.22
O3 SO4 LA . 43.29 25.65 0.85
O4 SO4 LA . 40.92 25.74 0.76
S SO4 MA . 16.26 13.73 -25.15
O1 SO4 MA . 15.80 12.41 -24.72
O2 SO4 MA . 17.72 13.77 -25.06
O3 SO4 MA . 15.84 13.96 -26.53
O4 SO4 MA . 15.68 14.76 -24.28
S SO4 NA . 17.52 25.23 34.80
O1 SO4 NA . 18.19 24.89 33.55
O2 SO4 NA . 16.85 24.06 35.33
O3 SO4 NA . 18.52 25.71 35.76
O4 SO4 NA . 16.55 26.29 34.57
S SO4 OA . 12.14 18.52 -4.27
O1 SO4 OA . 13.47 17.93 -4.32
O2 SO4 OA . 11.25 17.73 -3.39
O3 SO4 OA . 11.67 18.61 -5.64
O4 SO4 OA . 12.27 19.85 -3.73
C1 EDO PA . 26.97 15.36 -34.48
O1 EDO PA . 26.07 15.06 -33.42
C2 EDO PA . 27.59 16.72 -34.25
O2 EDO PA . 27.86 17.35 -35.51
C1 EDO QA . 35.48 -3.15 -16.98
O1 EDO QA . 34.96 -3.51 -18.25
C2 EDO QA . 36.96 -3.51 -16.95
O2 EDO QA . 37.66 -2.49 -16.22
C1 EDO RA . 18.85 2.06 -29.83
O1 EDO RA . 18.49 3.40 -30.19
C2 EDO RA . 18.02 1.61 -28.63
O2 EDO RA . 17.67 0.23 -28.80
CA CA SA . 26.33 -0.94 -19.53
CA CA TA . 33.77 9.91 -34.12
N1 W9Y UA . -1.56 -15.92 -0.61
N3 W9Y UA . 7.64 -19.76 0.85
C4 W9Y UA . -3.77 -16.14 0.31
C5 W9Y UA . -2.28 -16.07 0.62
C6 W9Y UA . -2.02 -14.90 1.54
C7 W9Y UA . -2.28 -12.48 1.93
C8 W9Y UA . -0.14 -16.12 -0.41
C10 W9Y UA . 2.03 -15.33 -1.50
C13 W9Y UA . 5.63 -15.80 -0.40
C15 W9Y UA . 7.86 -16.04 1.37
C17 W9Y UA . 9.40 -17.28 2.67
C20 W9Y UA . 11.88 -17.28 5.27
C21 W9Y UA . 10.93 -16.56 4.47
C1 W9Y UA . -2.52 -13.61 0.97
C11 W9Y UA . 3.18 -16.30 -1.20
C12 W9Y UA . 4.59 -15.81 -1.54
C14 W9Y UA . 7.38 -17.19 0.83
C16 W9Y UA . 8.86 -16.07 2.31
C18 W9Y UA . 8.93 -18.43 2.16
C19 W9Y UA . 7.95 -18.41 1.25
C2 W9Y UA . -3.95 -13.65 0.49
C3 W9Y UA . -4.22 -14.86 -0.36
C9 W9Y UA . 0.68 -15.98 -1.67
N2 W9Y UA . 6.31 -17.08 -0.16
N4 W9Y UA . 10.43 -17.47 3.65
N5 W9Y UA . 10.94 -18.64 3.92
N6 W9Y UA . 11.82 -18.55 4.87
O1 W9Y UA . -3.10 -12.62 3.00
O2 W9Y UA . -1.68 -13.39 -0.09
O3 W9Y UA . -4.16 -12.57 -0.32
O4 W9Y UA . -5.56 -14.91 -0.53
O5 W9Y UA . -3.99 -17.23 -0.47
O6 W9Y UA . 6.34 -20.17 0.66
O7 W9Y UA . 8.66 -20.69 0.72
C1 EDO VA . -27.37 -0.82 -7.93
O1 EDO VA . -28.43 -0.41 -8.81
C2 EDO VA . -26.29 0.25 -7.85
O2 EDO VA . -26.89 1.53 -7.63
C1 EDO WA . -28.43 -4.35 -17.01
O1 EDO WA . -27.06 -4.70 -17.22
C2 EDO WA . -28.50 -3.06 -16.19
O2 EDO WA . -27.65 -3.22 -15.05
C1 EDO XA . -28.36 2.28 7.53
O1 EDO XA . -28.67 1.87 8.86
C2 EDO XA . -28.55 3.78 7.37
O2 EDO XA . -27.64 4.48 8.23
C1 EDO YA . -7.22 1.42 17.16
O1 EDO YA . -6.74 1.92 15.90
C2 EDO YA . -8.58 0.76 16.96
O2 EDO YA . -9.50 1.20 17.97
C1 PGE ZA . -51.70 0.33 -4.51
O1 PGE ZA . -52.15 -0.92 -4.02
C2 PGE ZA . -50.19 0.29 -4.69
O2 PGE ZA . -49.58 -0.21 -3.51
C3 PGE ZA . -48.48 -1.08 -3.75
C4 PGE ZA . -48.98 -2.51 -3.82
O4 PGE ZA . -49.34 -5.47 -0.18
C6 PGE ZA . -48.56 -4.46 -0.82
C5 PGE ZA . -49.07 -4.26 -2.24
O3 PGE ZA . -48.27 -3.29 -2.88
C1 PEG AB . -56.87 -18.78 -1.30
O1 PEG AB . -58.25 -18.57 -1.15
C2 PEG AB . -56.62 -19.72 -2.47
O2 PEG AB . -55.36 -20.30 -2.34
C3 PEG AB . -55.28 -21.27 -1.33
C4 PEG AB . -53.83 -21.70 -1.13
O4 PEG AB . -53.76 -22.73 -0.18
C1 EDO BB . -36.80 -27.01 2.27
O1 EDO BB . -37.10 -27.90 1.18
C2 EDO BB . -37.21 -27.66 3.59
O2 EDO BB . -36.13 -28.48 4.05
C1 EDO CB . -37.16 -23.17 -5.69
O1 EDO CB . -37.22 -23.66 -7.03
C2 EDO CB . -35.77 -22.62 -5.40
O2 EDO CB . -35.91 -21.24 -5.03
C1 PEG DB . -51.19 -9.86 5.52
O1 PEG DB . -52.27 -9.70 4.64
C2 PEG DB . -50.68 -11.29 5.46
O2 PEG DB . -50.72 -11.87 6.74
C3 PEG DB . -51.01 -13.24 6.74
C4 PEG DB . -51.82 -13.56 8.00
O4 PEG DB . -51.60 -14.89 8.36
C1 EDO EB . -10.00 -14.19 25.66
O1 EDO EB . -9.37 -13.92 24.40
C2 EDO EB . -9.49 -13.19 26.70
O2 EDO EB . -9.19 -11.95 26.05
C1 EDO FB . -61.11 -22.89 -10.97
O1 EDO FB . -62.51 -22.94 -11.27
C2 EDO FB . -60.49 -24.26 -11.22
O2 EDO FB . -59.09 -24.21 -10.91
C1 EDO GB . -35.15 -35.38 -2.79
O1 EDO GB . -34.94 -35.15 -4.19
C2 EDO GB . -35.34 -36.87 -2.52
O2 EDO GB . -35.19 -37.14 -1.12
C1 EDO HB . 10.21 -19.22 23.98
O1 EDO HB . 9.61 -20.35 23.39
C2 EDO HB . 10.99 -19.52 25.19
O2 EDO HB . 11.89 -20.55 25.01
C1 PEG IB . -25.92 1.05 -16.31
O1 PEG IB . -27.17 1.27 -15.71
C2 PEG IB . -25.21 2.38 -16.54
O2 PEG IB . -24.85 2.96 -15.31
C3 PEG IB . -23.63 3.63 -15.35
C4 PEG IB . -23.70 4.90 -14.51
O4 PEG IB . -22.46 5.15 -13.92
C1 EDO JB . 6.76 -55.42 19.00
O1 EDO JB . 7.07 -54.73 20.18
C2 EDO JB . 7.61 -55.03 17.86
O2 EDO JB . 8.85 -54.49 18.26
C1 PEG KB . -14.69 -31.01 -22.93
O1 PEG KB . -16.07 -31.00 -23.24
C2 PEG KB . -14.36 -30.11 -21.79
O2 PEG KB . -14.40 -30.84 -20.57
C3 PEG KB . -13.95 -32.18 -20.70
C4 PEG KB . -13.81 -32.80 -19.35
O4 PEG KB . -14.23 -34.14 -19.31
C1 EDO LB . -63.72 -11.89 -12.72
O1 EDO LB . -63.89 -11.61 -14.12
C2 EDO LB . -64.08 -10.71 -11.83
O2 EDO LB . -63.37 -10.88 -10.59
C1 PEG MB . -27.66 -19.69 20.27
O1 PEG MB . -28.63 -19.59 21.27
C2 PEG MB . -28.22 -20.44 19.07
O2 PEG MB . -27.31 -20.36 18.01
C3 PEG MB . -27.02 -21.60 17.41
C4 PEG MB . -25.54 -21.64 17.09
O4 PEG MB . -25.29 -22.62 16.11
O1 PG4 NB . -39.41 -9.60 -17.11
C1 PG4 NB . -39.30 -8.85 -15.93
C2 PG4 NB . -39.42 -7.37 -16.26
O2 PG4 NB . -38.56 -6.62 -15.43
C3 PG4 NB . -38.97 -5.31 -15.21
C4 PG4 NB . -39.16 -4.59 -16.55
O3 PG4 NB . -39.84 -3.38 -16.36
C5 PG4 NB . -39.94 -2.61 -17.53
C6 PG4 NB . -41.28 -1.88 -17.58
O4 PG4 NB . -41.91 -2.10 -18.82
C7 PG4 NB . -42.90 -3.08 -18.80
C8 PG4 NB . -43.29 -3.44 -20.22
O5 PG4 NB . -43.92 -4.70 -20.25
S SO4 OB . -35.78 -28.12 -29.63
O1 SO4 OB . -35.71 -29.45 -30.23
O2 SO4 OB . -36.91 -28.07 -28.69
O3 SO4 OB . -35.99 -27.10 -30.67
O4 SO4 OB . -34.54 -27.82 -28.93
S SO4 PB . 0.36 -0.59 1.54
O1 SO4 PB . -0.87 -1.21 1.05
O2 SO4 PB . 1.36 -1.63 1.80
O3 SO4 PB . 0.87 0.33 0.52
O4 SO4 PB . 0.09 0.12 2.78
S SO4 QB . -34.96 -12.50 3.37
O1 SO4 QB . -34.91 -13.92 3.05
O2 SO4 QB . -33.92 -12.19 4.35
O3 SO4 QB . -34.70 -11.71 2.16
O4 SO4 QB . -36.28 -12.16 3.89
S SO4 RB . -2.90 -39.77 -11.17
O1 SO4 RB . -2.55 -40.66 -12.28
O2 SO4 RB . -3.02 -40.57 -9.96
O3 SO4 RB . -1.85 -38.76 -11.00
O4 SO4 RB . -4.17 -39.10 -11.42
S SO4 SB . 10.03 -31.00 17.86
O1 SO4 SB . 10.18 -32.33 17.29
O2 SO4 SB . 8.79 -30.95 18.62
O3 SO4 SB . 9.97 -30.01 16.79
O4 SO4 SB . 11.16 -30.74 18.75
S SO4 TB . -46.85 -9.95 7.35
O1 SO4 TB . -45.83 -10.68 6.59
O2 SO4 TB . -47.62 -10.89 8.14
O3 SO4 TB . -47.74 -9.25 6.42
O4 SO4 TB . -46.20 -8.95 8.21
S SO4 UB . 1.51 -11.38 -9.73
O1 SO4 UB . 0.10 -11.77 -9.63
O2 SO4 UB . 2.29 -12.52 -10.19
O3 SO4 UB . 1.64 -10.26 -10.65
O4 SO4 UB . 1.97 -10.98 -8.39
S SO4 VB . 0.82 -10.38 -15.87
O1 SO4 VB . 1.28 -11.38 -16.82
O2 SO4 VB . -0.55 -10.71 -15.46
O3 SO4 VB . 0.82 -9.06 -16.48
O4 SO4 VB . 1.68 -10.38 -14.69
CA CA WB . -47.13 2.08 -12.58
CA CA XB . -32.03 6.31 -0.70
#